data_5HU4
# 
_entry.id   5HU4 
# 
_audit_conform.dict_name       mmcif_pdbx.dic 
_audit_conform.dict_version    5.380 
_audit_conform.dict_location   http://mmcif.pdb.org/dictionaries/ascii/mmcif_pdbx.dic 
# 
loop_
_database_2.database_id 
_database_2.database_code 
_database_2.pdbx_database_accession 
_database_2.pdbx_DOI 
PDB   5HU4         pdb_00005hu4 10.2210/pdb5hu4/pdb 
WWPDB D_1000217757 ?            ?                   
# 
_pdbx_database_status.status_code                     REL 
_pdbx_database_status.status_code_sf                  REL 
_pdbx_database_status.status_code_mr                  ? 
_pdbx_database_status.entry_id                        5HU4 
_pdbx_database_status.recvd_initial_deposition_date   2016-01-27 
_pdbx_database_status.SG_entry                        N 
_pdbx_database_status.deposit_site                    RCSB 
_pdbx_database_status.process_site                    PDBJ 
_pdbx_database_status.status_code_cs                  ? 
_pdbx_database_status.methods_development_category    ? 
_pdbx_database_status.pdb_format_compatible           Y 
_pdbx_database_status.status_code_nmr_data            ? 
# 
_audit_author.name               'Li, H.' 
_audit_author.pdbx_ordinal       1 
_audit_author.identifier_ORCID   ? 
# 
_citation.abstract                  ? 
_citation.abstract_id_CAS           ? 
_citation.book_id_ISBN              ? 
_citation.book_publisher            ? 
_citation.book_publisher_city       ? 
_citation.book_title                ? 
_citation.coordinate_linkage        ? 
_citation.country                   ? 
_citation.database_id_Medline       ? 
_citation.details                   ? 
_citation.id                        primary 
_citation.journal_abbrev            'Biochem. Pharmacol.' 
_citation.journal_id_ASTM           ? 
_citation.journal_id_CSD            ? 
_citation.journal_id_ISSN           1873-2968 
_citation.journal_full              ? 
_citation.journal_issue             ? 
_citation.journal_volume            106 
_citation.language                  ? 
_citation.page_first                19 
_citation.page_last                 29 
_citation.title                     'Inhibition of sortase A by chalcone prevents Listeria monocytogenes infection.' 
_citation.year                      2016 
_citation.database_id_CSD           ? 
_citation.pdbx_database_id_DOI      10.1016/j.bcp.2016.01.018 
_citation.pdbx_database_id_PubMed   26826492 
_citation.unpublished_flag          ? 
# 
loop_
_citation_author.citation_id 
_citation_author.name 
_citation_author.ordinal 
_citation_author.identifier_ORCID 
primary 'Li, H.'    1  ? 
primary 'Chen, Y.'  2  ? 
primary 'Zhang, B.' 3  ? 
primary 'Niu, X.'   4  ? 
primary 'Song, M.'  5  ? 
primary 'Luo, Z.'   6  ? 
primary 'Lu, G.'    7  ? 
primary 'Liu, B.'   8  ? 
primary 'Zhao, X.'  9  ? 
primary 'Wang, J.'  10 ? 
primary 'Deng, X.'  11 ? 
# 
_cell.angle_alpha                  90.000 
_cell.angle_alpha_esd              ? 
_cell.angle_beta                   90.000 
_cell.angle_beta_esd               ? 
_cell.angle_gamma                  90.000 
_cell.angle_gamma_esd              ? 
_cell.entry_id                     5HU4 
_cell.details                      ? 
_cell.formula_units_Z              ? 
_cell.length_a                     36.986 
_cell.length_a_esd                 ? 
_cell.length_b                     56.599 
_cell.length_b_esd                 ? 
_cell.length_c                     60.548 
_cell.length_c_esd                 ? 
_cell.volume                       ? 
_cell.volume_esd                   ? 
_cell.Z_PDB                        4 
_cell.reciprocal_angle_alpha       ? 
_cell.reciprocal_angle_beta        ? 
_cell.reciprocal_angle_gamma       ? 
_cell.reciprocal_angle_alpha_esd   ? 
_cell.reciprocal_angle_beta_esd    ? 
_cell.reciprocal_angle_gamma_esd   ? 
_cell.reciprocal_length_a          ? 
_cell.reciprocal_length_b          ? 
_cell.reciprocal_length_c          ? 
_cell.reciprocal_length_a_esd      ? 
_cell.reciprocal_length_b_esd      ? 
_cell.reciprocal_length_c_esd      ? 
_cell.pdbx_unique_axis             ? 
# 
_symmetry.entry_id                         5HU4 
_symmetry.cell_setting                     ? 
_symmetry.Int_Tables_number                19 
_symmetry.space_group_name_Hall            ? 
_symmetry.space_group_name_H-M             'P 21 21 21' 
_symmetry.pdbx_full_space_group_name_H-M   ? 
# 
loop_
_entity.id 
_entity.type 
_entity.src_method 
_entity.pdbx_description 
_entity.formula_weight 
_entity.pdbx_number_of_molecules 
_entity.pdbx_ec 
_entity.pdbx_mutation 
_entity.pdbx_fragment 
_entity.details 
1 polymer man 'Cysteine protease' 16113.419 1  ? ? 'UNP RESIDUES 78-222' ? 
2 water   nat water               18.015    30 ? ? ?                     ? 
# 
_entity_name_com.entity_id   1 
_entity_name_com.name        'Sortase family protein' 
# 
_entity_poly.entity_id                      1 
_entity_poly.type                           'polypeptide(L)' 
_entity_poly.nstd_linkage                   no 
_entity_poly.nstd_monomer                   no 
_entity_poly.pdbx_seq_one_letter_code       
;DAVVGSIAVPSVDVNLLVFKGTNTANLLAGATTMRSDQVMGKGNYPLAGHHMRDESMLFGPIMKVKKGDKIYLTDLENLY
EYTVTETKTIDETEVSVIDNTKDARITLITCDKPTETTKRFVAVGELEKTEKLTKELENKYFPSK
;
_entity_poly.pdbx_seq_one_letter_code_can   
;DAVVGSIAVPSVDVNLLVFKGTNTANLLAGATTMRSDQVMGKGNYPLAGHHMRDESMLFGPIMKVKKGDKIYLTDLENLY
EYTVTETKTIDETEVSVIDNTKDARITLITCDKPTETTKRFVAVGELEKTEKLTKELENKYFPSK
;
_entity_poly.pdbx_strand_id                 A 
_entity_poly.pdbx_target_identifier         ? 
# 
loop_
_entity_poly_seq.entity_id 
_entity_poly_seq.num 
_entity_poly_seq.mon_id 
_entity_poly_seq.hetero 
1 1   ASP n 
1 2   ALA n 
1 3   VAL n 
1 4   VAL n 
1 5   GLY n 
1 6   SER n 
1 7   ILE n 
1 8   ALA n 
1 9   VAL n 
1 10  PRO n 
1 11  SER n 
1 12  VAL n 
1 13  ASP n 
1 14  VAL n 
1 15  ASN n 
1 16  LEU n 
1 17  LEU n 
1 18  VAL n 
1 19  PHE n 
1 20  LYS n 
1 21  GLY n 
1 22  THR n 
1 23  ASN n 
1 24  THR n 
1 25  ALA n 
1 26  ASN n 
1 27  LEU n 
1 28  LEU n 
1 29  ALA n 
1 30  GLY n 
1 31  ALA n 
1 32  THR n 
1 33  THR n 
1 34  MET n 
1 35  ARG n 
1 36  SER n 
1 37  ASP n 
1 38  GLN n 
1 39  VAL n 
1 40  MET n 
1 41  GLY n 
1 42  LYS n 
1 43  GLY n 
1 44  ASN n 
1 45  TYR n 
1 46  PRO n 
1 47  LEU n 
1 48  ALA n 
1 49  GLY n 
1 50  HIS n 
1 51  HIS n 
1 52  MET n 
1 53  ARG n 
1 54  ASP n 
1 55  GLU n 
1 56  SER n 
1 57  MET n 
1 58  LEU n 
1 59  PHE n 
1 60  GLY n 
1 61  PRO n 
1 62  ILE n 
1 63  MET n 
1 64  LYS n 
1 65  VAL n 
1 66  LYS n 
1 67  LYS n 
1 68  GLY n 
1 69  ASP n 
1 70  LYS n 
1 71  ILE n 
1 72  TYR n 
1 73  LEU n 
1 74  THR n 
1 75  ASP n 
1 76  LEU n 
1 77  GLU n 
1 78  ASN n 
1 79  LEU n 
1 80  TYR n 
1 81  GLU n 
1 82  TYR n 
1 83  THR n 
1 84  VAL n 
1 85  THR n 
1 86  GLU n 
1 87  THR n 
1 88  LYS n 
1 89  THR n 
1 90  ILE n 
1 91  ASP n 
1 92  GLU n 
1 93  THR n 
1 94  GLU n 
1 95  VAL n 
1 96  SER n 
1 97  VAL n 
1 98  ILE n 
1 99  ASP n 
1 100 ASN n 
1 101 THR n 
1 102 LYS n 
1 103 ASP n 
1 104 ALA n 
1 105 ARG n 
1 106 ILE n 
1 107 THR n 
1 108 LEU n 
1 109 ILE n 
1 110 THR n 
1 111 CYS n 
1 112 ASP n 
1 113 LYS n 
1 114 PRO n 
1 115 THR n 
1 116 GLU n 
1 117 THR n 
1 118 THR n 
1 119 LYS n 
1 120 ARG n 
1 121 PHE n 
1 122 VAL n 
1 123 ALA n 
1 124 VAL n 
1 125 GLY n 
1 126 GLU n 
1 127 LEU n 
1 128 GLU n 
1 129 LYS n 
1 130 THR n 
1 131 GLU n 
1 132 LYS n 
1 133 LEU n 
1 134 THR n 
1 135 LYS n 
1 136 GLU n 
1 137 LEU n 
1 138 GLU n 
1 139 ASN n 
1 140 LYS n 
1 141 TYR n 
1 142 PHE n 
1 143 PRO n 
1 144 SER n 
1 145 LYS n 
# 
_entity_src_gen.entity_id                          1 
_entity_src_gen.pdbx_src_id                        1 
_entity_src_gen.pdbx_alt_source_flag               sample 
_entity_src_gen.pdbx_seq_type                      'Biological sequence' 
_entity_src_gen.pdbx_beg_seq_num                   1 
_entity_src_gen.pdbx_end_seq_num                   145 
_entity_src_gen.gene_src_common_name               ? 
_entity_src_gen.gene_src_genus                     ? 
_entity_src_gen.pdbx_gene_src_gene                 'ABE86_07720, ABE87_06300, AMC92_10805, ARD00_01217' 
_entity_src_gen.gene_src_species                   ? 
_entity_src_gen.gene_src_strain                    ? 
_entity_src_gen.gene_src_tissue                    ? 
_entity_src_gen.gene_src_tissue_fraction           ? 
_entity_src_gen.gene_src_details                   ? 
_entity_src_gen.pdbx_gene_src_fragment             ? 
_entity_src_gen.pdbx_gene_src_scientific_name      'Listeria monocytogenes' 
_entity_src_gen.pdbx_gene_src_ncbi_taxonomy_id     1639 
_entity_src_gen.pdbx_gene_src_variant              ? 
_entity_src_gen.pdbx_gene_src_cell_line            ? 
_entity_src_gen.pdbx_gene_src_atcc                 ? 
_entity_src_gen.pdbx_gene_src_organ                ? 
_entity_src_gen.pdbx_gene_src_organelle            ? 
_entity_src_gen.pdbx_gene_src_cell                 ? 
_entity_src_gen.pdbx_gene_src_cellular_location    ? 
_entity_src_gen.host_org_common_name               ? 
_entity_src_gen.pdbx_host_org_scientific_name      'Escherichia coli' 
_entity_src_gen.pdbx_host_org_ncbi_taxonomy_id     562 
_entity_src_gen.host_org_genus                     ? 
_entity_src_gen.pdbx_host_org_gene                 ? 
_entity_src_gen.pdbx_host_org_organ                ? 
_entity_src_gen.host_org_species                   ? 
_entity_src_gen.pdbx_host_org_tissue               ? 
_entity_src_gen.pdbx_host_org_tissue_fraction      ? 
_entity_src_gen.pdbx_host_org_strain               ? 
_entity_src_gen.pdbx_host_org_variant              ? 
_entity_src_gen.pdbx_host_org_cell_line            ? 
_entity_src_gen.pdbx_host_org_atcc                 ? 
_entity_src_gen.pdbx_host_org_culture_collection   ? 
_entity_src_gen.pdbx_host_org_cell                 ? 
_entity_src_gen.pdbx_host_org_organelle            ? 
_entity_src_gen.pdbx_host_org_cellular_location    ? 
_entity_src_gen.pdbx_host_org_vector_type          ? 
_entity_src_gen.pdbx_host_org_vector               ? 
_entity_src_gen.host_org_details                   ? 
_entity_src_gen.expression_system_id               ? 
_entity_src_gen.plasmid_name                       ? 
_entity_src_gen.plasmid_details                    ? 
_entity_src_gen.pdbx_description                   ? 
# 
_struct_ref.id                         1 
_struct_ref.db_name                    UNP 
_struct_ref.db_code                    A0A0P6T3F9_LISMN 
_struct_ref.pdbx_db_accession          A0A0P6T3F9 
_struct_ref.pdbx_db_isoform            ? 
_struct_ref.entity_id                  1 
_struct_ref.pdbx_seq_one_letter_code   
;DAVVGSIAVPSVDVNLLVFKGTNTANLLAGATTMRSDQVMGKGNYPLAGHHMRDESMLFGPIMKVKKGDKIYLTDLENLY
EYTVTETKTIDETEVSVIDNTKDARITLITCDKPTETTKRFVAVGELEKTEKLTKELENKYFPSK
;
_struct_ref.pdbx_align_begin           78 
# 
_struct_ref_seq.align_id                      1 
_struct_ref_seq.ref_id                        1 
_struct_ref_seq.pdbx_PDB_id_code              5HU4 
_struct_ref_seq.pdbx_strand_id                A 
_struct_ref_seq.seq_align_beg                 1 
_struct_ref_seq.pdbx_seq_align_beg_ins_code   ? 
_struct_ref_seq.seq_align_end                 145 
_struct_ref_seq.pdbx_seq_align_end_ins_code   ? 
_struct_ref_seq.pdbx_db_accession             A0A0P6T3F9 
_struct_ref_seq.db_align_beg                  78 
_struct_ref_seq.pdbx_db_align_beg_ins_code    ? 
_struct_ref_seq.db_align_end                  222 
_struct_ref_seq.pdbx_db_align_end_ins_code    ? 
_struct_ref_seq.pdbx_auth_seq_align_beg       7 
_struct_ref_seq.pdbx_auth_seq_align_end       151 
# 
loop_
_chem_comp.id 
_chem_comp.type 
_chem_comp.mon_nstd_flag 
_chem_comp.name 
_chem_comp.pdbx_synonyms 
_chem_comp.formula 
_chem_comp.formula_weight 
ALA 'L-peptide linking' y ALANINE         ? 'C3 H7 N O2'     89.093  
ARG 'L-peptide linking' y ARGININE        ? 'C6 H15 N4 O2 1' 175.209 
ASN 'L-peptide linking' y ASPARAGINE      ? 'C4 H8 N2 O3'    132.118 
ASP 'L-peptide linking' y 'ASPARTIC ACID' ? 'C4 H7 N O4'     133.103 
CYS 'L-peptide linking' y CYSTEINE        ? 'C3 H7 N O2 S'   121.158 
GLN 'L-peptide linking' y GLUTAMINE       ? 'C5 H10 N2 O3'   146.144 
GLU 'L-peptide linking' y 'GLUTAMIC ACID' ? 'C5 H9 N O4'     147.129 
GLY 'peptide linking'   y GLYCINE         ? 'C2 H5 N O2'     75.067  
HIS 'L-peptide linking' y HISTIDINE       ? 'C6 H10 N3 O2 1' 156.162 
HOH non-polymer         . WATER           ? 'H2 O'           18.015  
ILE 'L-peptide linking' y ISOLEUCINE      ? 'C6 H13 N O2'    131.173 
LEU 'L-peptide linking' y LEUCINE         ? 'C6 H13 N O2'    131.173 
LYS 'L-peptide linking' y LYSINE          ? 'C6 H15 N2 O2 1' 147.195 
MET 'L-peptide linking' y METHIONINE      ? 'C5 H11 N O2 S'  149.211 
PHE 'L-peptide linking' y PHENYLALANINE   ? 'C9 H11 N O2'    165.189 
PRO 'L-peptide linking' y PROLINE         ? 'C5 H9 N O2'     115.130 
SER 'L-peptide linking' y SERINE          ? 'C3 H7 N O3'     105.093 
THR 'L-peptide linking' y THREONINE       ? 'C4 H9 N O3'     119.119 
TYR 'L-peptide linking' y TYROSINE        ? 'C9 H11 N O3'    181.189 
VAL 'L-peptide linking' y VALINE          ? 'C5 H11 N O2'    117.146 
# 
_exptl.absorpt_coefficient_mu     ? 
_exptl.absorpt_correction_T_max   ? 
_exptl.absorpt_correction_T_min   ? 
_exptl.absorpt_correction_type    ? 
_exptl.absorpt_process_details    ? 
_exptl.entry_id                   5HU4 
_exptl.crystals_number            1 
_exptl.details                    ? 
_exptl.method                     'X-RAY DIFFRACTION' 
_exptl.method_details             ? 
# 
_exptl_crystal.colour                      ? 
_exptl_crystal.density_diffrn              ? 
_exptl_crystal.density_Matthews            1.97 
_exptl_crystal.density_method              ? 
_exptl_crystal.density_percent_sol         37.68 
_exptl_crystal.description                 ? 
_exptl_crystal.F_000                       ? 
_exptl_crystal.id                          1 
_exptl_crystal.preparation                 ? 
_exptl_crystal.size_max                    ? 
_exptl_crystal.size_mid                    ? 
_exptl_crystal.size_min                    ? 
_exptl_crystal.size_rad                    ? 
_exptl_crystal.colour_lustre               ? 
_exptl_crystal.colour_modifier             ? 
_exptl_crystal.colour_primary              ? 
_exptl_crystal.density_meas                ? 
_exptl_crystal.density_meas_esd            ? 
_exptl_crystal.density_meas_gt             ? 
_exptl_crystal.density_meas_lt             ? 
_exptl_crystal.density_meas_temp           ? 
_exptl_crystal.density_meas_temp_esd       ? 
_exptl_crystal.density_meas_temp_gt        ? 
_exptl_crystal.density_meas_temp_lt        ? 
_exptl_crystal.pdbx_crystal_image_url      ? 
_exptl_crystal.pdbx_crystal_image_format   ? 
_exptl_crystal.pdbx_mosaicity              ? 
_exptl_crystal.pdbx_mosaicity_esd          ? 
# 
_exptl_crystal_grow.apparatus       ? 
_exptl_crystal_grow.atmosphere      ? 
_exptl_crystal_grow.crystal_id      1 
_exptl_crystal_grow.details         ? 
_exptl_crystal_grow.method          'VAPOR DIFFUSION, HANGING DROP' 
_exptl_crystal_grow.method_ref      ? 
_exptl_crystal_grow.pH              8.5 
_exptl_crystal_grow.pressure        ? 
_exptl_crystal_grow.pressure_esd    ? 
_exptl_crystal_grow.seeding         ? 
_exptl_crystal_grow.seeding_ref     ? 
_exptl_crystal_grow.temp            298 
_exptl_crystal_grow.temp_details    ? 
_exptl_crystal_grow.temp_esd        ? 
_exptl_crystal_grow.time            ? 
_exptl_crystal_grow.pdbx_details    '22% w/v PEG 2000, 0.1 mol/L Tris-HCl (PH 8.5), 0.01 mol/L Ni2SO4 6H2O' 
_exptl_crystal_grow.pdbx_pH_range   ? 
# 
_diffrn.ambient_environment    ? 
_diffrn.ambient_temp           77 
_diffrn.ambient_temp_details   ? 
_diffrn.ambient_temp_esd       ? 
_diffrn.crystal_id             1 
_diffrn.crystal_support        ? 
_diffrn.crystal_treatment      ? 
_diffrn.details                ? 
_diffrn.id                     1 
_diffrn.ambient_pressure       ? 
_diffrn.ambient_pressure_esd   ? 
_diffrn.ambient_pressure_gt    ? 
_diffrn.ambient_pressure_lt    ? 
_diffrn.ambient_temp_gt        ? 
_diffrn.ambient_temp_lt        ? 
# 
_diffrn_detector.details                      ? 
_diffrn_detector.detector                     PIXEL 
_diffrn_detector.diffrn_id                    1 
_diffrn_detector.type                         'DECTRIS PILATUS 6M' 
_diffrn_detector.area_resol_mean              ? 
_diffrn_detector.dtime                        ? 
_diffrn_detector.pdbx_frames_total            ? 
_diffrn_detector.pdbx_collection_time_total   ? 
_diffrn_detector.pdbx_collection_date         2015-04-13 
# 
_diffrn_radiation.collimation                      ? 
_diffrn_radiation.diffrn_id                        1 
_diffrn_radiation.filter_edge                      ? 
_diffrn_radiation.inhomogeneity                    ? 
_diffrn_radiation.monochromator                    ? 
_diffrn_radiation.polarisn_norm                    ? 
_diffrn_radiation.polarisn_ratio                   ? 
_diffrn_radiation.probe                            ? 
_diffrn_radiation.type                             ? 
_diffrn_radiation.xray_symbol                      ? 
_diffrn_radiation.wavelength_id                    1 
_diffrn_radiation.pdbx_monochromatic_or_laue_m_l   M 
_diffrn_radiation.pdbx_wavelength_list             ? 
_diffrn_radiation.pdbx_wavelength                  ? 
_diffrn_radiation.pdbx_diffrn_protocol             'SINGLE WAVELENGTH' 
_diffrn_radiation.pdbx_analyzer                    ? 
_diffrn_radiation.pdbx_scattering_type             x-ray 
# 
_diffrn_radiation_wavelength.id           1 
_diffrn_radiation_wavelength.wavelength   1.0 
_diffrn_radiation_wavelength.wt           1.0 
# 
_diffrn_source.current                     ? 
_diffrn_source.details                     ? 
_diffrn_source.diffrn_id                   1 
_diffrn_source.power                       ? 
_diffrn_source.size                        ? 
_diffrn_source.source                      SYNCHROTRON 
_diffrn_source.target                      ? 
_diffrn_source.type                        'SSRF BEAMLINE BL19U1' 
_diffrn_source.voltage                     ? 
_diffrn_source.take-off_angle              ? 
_diffrn_source.pdbx_wavelength_list        1.0 
_diffrn_source.pdbx_wavelength             ? 
_diffrn_source.pdbx_synchrotron_beamline   BL19U1 
_diffrn_source.pdbx_synchrotron_site       SSRF 
# 
_reflns.B_iso_Wilson_estimate            24.730 
_reflns.entry_id                         5HU4 
_reflns.data_reduction_details           ? 
_reflns.data_reduction_method            ? 
_reflns.d_resolution_high                2.300 
_reflns.d_resolution_low                 50.000 
_reflns.details                          ? 
_reflns.limit_h_max                      ? 
_reflns.limit_h_min                      ? 
_reflns.limit_k_max                      ? 
_reflns.limit_k_min                      ? 
_reflns.limit_l_max                      ? 
_reflns.limit_l_min                      ? 
_reflns.number_all                       ? 
_reflns.number_obs                       6042 
_reflns.observed_criterion               ? 
_reflns.observed_criterion_F_max         ? 
_reflns.observed_criterion_F_min         ? 
_reflns.observed_criterion_I_max         ? 
_reflns.observed_criterion_I_min         ? 
_reflns.observed_criterion_sigma_F       ? 
_reflns.observed_criterion_sigma_I       ? 
_reflns.percent_possible_obs             99.800 
_reflns.R_free_details                   ? 
_reflns.Rmerge_F_all                     ? 
_reflns.Rmerge_F_obs                     ? 
_reflns.Friedel_coverage                 ? 
_reflns.number_gt                        ? 
_reflns.threshold_expression             ? 
_reflns.pdbx_redundancy                  6.700 
_reflns.pdbx_Rmerge_I_obs                0.088 
_reflns.pdbx_Rmerge_I_all                ? 
_reflns.pdbx_Rsym_value                  ? 
_reflns.pdbx_netI_over_av_sigmaI         18.445 
_reflns.pdbx_netI_over_sigmaI            11.000 
_reflns.pdbx_res_netI_over_av_sigmaI_2   ? 
_reflns.pdbx_res_netI_over_sigmaI_2      ? 
_reflns.pdbx_chi_squared                 1.182 
_reflns.pdbx_scaling_rejects             ? 
_reflns.pdbx_d_res_high_opt              ? 
_reflns.pdbx_d_res_low_opt               ? 
_reflns.pdbx_d_res_opt_method            ? 
_reflns.phase_calculation_details        ? 
_reflns.pdbx_Rrim_I_all                  ? 
_reflns.pdbx_Rpim_I_all                  ? 
_reflns.pdbx_d_opt                       ? 
_reflns.pdbx_number_measured_all         40438 
_reflns.pdbx_diffrn_id                   1 
_reflns.pdbx_ordinal                     1 
_reflns.pdbx_CC_half                     ? 
_reflns.pdbx_R_split                     ? 
# 
loop_
_reflns_shell.d_res_high 
_reflns_shell.d_res_low 
_reflns_shell.meanI_over_sigI_all 
_reflns_shell.meanI_over_sigI_obs 
_reflns_shell.number_measured_all 
_reflns_shell.number_measured_obs 
_reflns_shell.number_possible 
_reflns_shell.number_unique_all 
_reflns_shell.number_unique_obs 
_reflns_shell.percent_possible_all 
_reflns_shell.percent_possible_obs 
_reflns_shell.Rmerge_F_all 
_reflns_shell.Rmerge_F_obs 
_reflns_shell.Rmerge_I_all 
_reflns_shell.Rmerge_I_obs 
_reflns_shell.meanI_over_sigI_gt 
_reflns_shell.meanI_over_uI_all 
_reflns_shell.meanI_over_uI_gt 
_reflns_shell.number_measured_gt 
_reflns_shell.number_unique_gt 
_reflns_shell.percent_possible_gt 
_reflns_shell.Rmerge_F_gt 
_reflns_shell.Rmerge_I_gt 
_reflns_shell.pdbx_redundancy 
_reflns_shell.pdbx_Rsym_value 
_reflns_shell.pdbx_chi_squared 
_reflns_shell.pdbx_netI_over_sigmaI_all 
_reflns_shell.pdbx_netI_over_sigmaI_obs 
_reflns_shell.pdbx_Rrim_I_all 
_reflns_shell.pdbx_Rpim_I_all 
_reflns_shell.pdbx_rejects 
_reflns_shell.pdbx_ordinal 
_reflns_shell.pdbx_diffrn_id 
_reflns_shell.pdbx_CC_half 
_reflns_shell.pdbx_R_split 
2.300 2.380  ? ? ? ? ? 586 ? 99.700  ? ? ? ? 0.304 ? ? ? ? ? ? ? ? 6.500 ? 1.423 ? ? ? ? 0 1  1 ? ? 
2.380 2.480  ? ? ? ? ? 588 ? 100.000 ? ? ? ? 0.253 ? ? ? ? ? ? ? ? 6.800 ? 1.325 ? ? ? ? 0 2  1 ? ? 
2.480 2.590  ? ? ? ? ? 594 ? 100.000 ? ? ? ? 0.214 ? ? ? ? ? ? ? ? 6.900 ? 1.254 ? ? ? ? 0 3  1 ? ? 
2.590 2.730  ? ? ? ? ? 586 ? 100.000 ? ? ? ? 0.192 ? ? ? ? ? ? ? ? 6.800 ? 1.209 ? ? ? ? 0 4  1 ? ? 
2.730 2.900  ? ? ? ? ? 594 ? 100.000 ? ? ? ? 0.161 ? ? ? ? ? ? ? ? 6.800 ? 1.183 ? ? ? ? 0 5  1 ? ? 
2.900 3.120  ? ? ? ? ? 598 ? 100.000 ? ? ? ? 0.119 ? ? ? ? ? ? ? ? 6.800 ? 1.183 ? ? ? ? 0 6  1 ? ? 
3.120 3.440  ? ? ? ? ? 591 ? 100.000 ? ? ? ? 0.083 ? ? ? ? ? ? ? ? 6.900 ? 1.165 ? ? ? ? 0 7  1 ? ? 
3.440 3.930  ? ? ? ? ? 616 ? 100.000 ? ? ? ? 0.065 ? ? ? ? ? ? ? ? 6.800 ? 0.995 ? ? ? ? 0 8  1 ? ? 
3.930 4.950  ? ? ? ? ? 621 ? 100.000 ? ? ? ? 0.050 ? ? ? ? ? ? ? ? 6.600 ? 1.078 ? ? ? ? 0 9  1 ? ? 
4.950 50.000 ? ? ? ? ? 668 ? 98.500  ? ? ? ? 0.050 ? ? ? ? ? ? ? ? 6.100 ? 1.031 ? ? ? ? 0 10 1 ? ? 
# 
_refine.aniso_B[1][1]                            ? 
_refine.aniso_B[1][2]                            ? 
_refine.aniso_B[1][3]                            ? 
_refine.aniso_B[2][2]                            ? 
_refine.aniso_B[2][3]                            ? 
_refine.aniso_B[3][3]                            ? 
_refine.B_iso_max                                66.250 
_refine.B_iso_mean                               27.3627 
_refine.B_iso_min                                16.140 
_refine.correlation_coeff_Fo_to_Fc               ? 
_refine.correlation_coeff_Fo_to_Fc_free          ? 
_refine.details                                  ? 
_refine.diff_density_max                         ? 
_refine.diff_density_max_esd                     ? 
_refine.diff_density_min                         ? 
_refine.diff_density_min_esd                     ? 
_refine.diff_density_rms                         ? 
_refine.diff_density_rms_esd                     ? 
_refine.entry_id                                 5HU4 
_refine.pdbx_refine_id                           'X-RAY DIFFRACTION' 
_refine.ls_abs_structure_details                 ? 
_refine.ls_abs_structure_Flack                   ? 
_refine.ls_abs_structure_Flack_esd               ? 
_refine.ls_abs_structure_Rogers                  ? 
_refine.ls_abs_structure_Rogers_esd              ? 
_refine.ls_d_res_high                            2.3 
_refine.ls_d_res_low                             22.4750 
_refine.ls_extinction_coef                       ? 
_refine.ls_extinction_coef_esd                   ? 
_refine.ls_extinction_expression                 ? 
_refine.ls_extinction_method                     ? 
_refine.ls_goodness_of_fit_all                   ? 
_refine.ls_goodness_of_fit_all_esd               ? 
_refine.ls_goodness_of_fit_obs                   ? 
_refine.ls_goodness_of_fit_obs_esd               ? 
_refine.ls_hydrogen_treatment                    ? 
_refine.ls_matrix_type                           ? 
_refine.ls_number_constraints                    ? 
_refine.ls_number_parameters                     ? 
_refine.ls_number_reflns_all                     ? 
_refine.ls_number_reflns_obs                     6010 
_refine.ls_number_reflns_R_free                  291 
_refine.ls_number_reflns_R_work                  5719 
_refine.ls_number_restraints                     ? 
_refine.ls_percent_reflns_obs                    99.8800 
_refine.ls_percent_reflns_R_free                 4.8400 
_refine.ls_R_factor_all                          ? 
_refine.ls_R_factor_obs                          0.2357 
_refine.ls_R_factor_R_free                       0.2745 
_refine.ls_R_factor_R_free_error                 ? 
_refine.ls_R_factor_R_free_error_details         ? 
_refine.ls_R_factor_R_work                       0.2335 
_refine.ls_R_Fsqd_factor_obs                     ? 
_refine.ls_R_I_factor_obs                        ? 
_refine.ls_redundancy_reflns_all                 ? 
_refine.ls_redundancy_reflns_obs                 ? 
_refine.ls_restrained_S_all                      ? 
_refine.ls_restrained_S_obs                      ? 
_refine.ls_shift_over_esd_max                    ? 
_refine.ls_shift_over_esd_mean                   ? 
_refine.ls_structure_factor_coef                 ? 
_refine.ls_weighting_details                     ? 
_refine.ls_weighting_scheme                      ? 
_refine.ls_wR_factor_all                         ? 
_refine.ls_wR_factor_obs                         ? 
_refine.ls_wR_factor_R_free                      ? 
_refine.ls_wR_factor_R_work                      ? 
_refine.occupancy_max                            ? 
_refine.occupancy_min                            ? 
_refine.solvent_model_details                    'FLAT BULK SOLVENT MODEL' 
_refine.solvent_model_param_bsol                 ? 
_refine.solvent_model_param_ksol                 ? 
_refine.ls_R_factor_gt                           ? 
_refine.ls_goodness_of_fit_gt                    ? 
_refine.ls_goodness_of_fit_ref                   ? 
_refine.ls_shift_over_su_max                     ? 
_refine.ls_shift_over_su_max_lt                  ? 
_refine.ls_shift_over_su_mean                    ? 
_refine.ls_shift_over_su_mean_lt                 ? 
_refine.pdbx_ls_sigma_I                          ? 
_refine.pdbx_ls_sigma_F                          1.350 
_refine.pdbx_ls_sigma_Fsqd                       ? 
_refine.pdbx_data_cutoff_high_absF               ? 
_refine.pdbx_data_cutoff_high_rms_absF           ? 
_refine.pdbx_data_cutoff_low_absF                ? 
_refine.pdbx_isotropic_thermal_model             ? 
_refine.pdbx_ls_cross_valid_method               'FREE R-VALUE' 
_refine.pdbx_method_to_determine_struct          'MOLECULAR REPLACEMENT' 
_refine.pdbx_starting_model                      3FN5 
_refine.pdbx_stereochemistry_target_values       ML 
_refine.pdbx_R_Free_selection_details            ? 
_refine.pdbx_stereochem_target_val_spec_case     ? 
_refine.pdbx_overall_ESU_R                       ? 
_refine.pdbx_overall_ESU_R_Free                  ? 
_refine.pdbx_solvent_vdw_probe_radii             1.1100 
_refine.pdbx_solvent_ion_probe_radii             ? 
_refine.pdbx_solvent_shrinkage_radii             0.9000 
_refine.pdbx_real_space_R                        ? 
_refine.pdbx_density_correlation                 ? 
_refine.pdbx_pd_number_of_powder_patterns        ? 
_refine.pdbx_pd_number_of_points                 ? 
_refine.pdbx_pd_meas_number_of_points            ? 
_refine.pdbx_pd_proc_ls_prof_R_factor            ? 
_refine.pdbx_pd_proc_ls_prof_wR_factor           ? 
_refine.pdbx_pd_Marquardt_correlation_coeff      ? 
_refine.pdbx_pd_Fsqrd_R_factor                   ? 
_refine.pdbx_pd_ls_matrix_band_width             ? 
_refine.pdbx_overall_phase_error                 29.2300 
_refine.pdbx_overall_SU_R_free_Cruickshank_DPI   ? 
_refine.pdbx_overall_SU_R_free_Blow_DPI          ? 
_refine.pdbx_overall_SU_R_Blow_DPI               ? 
_refine.pdbx_TLS_residual_ADP_flag               ? 
_refine.pdbx_diffrn_id                           1 
_refine.overall_SU_B                             ? 
_refine.overall_SU_ML                            0.2800 
_refine.overall_SU_R_Cruickshank_DPI             ? 
_refine.overall_SU_R_free                        ? 
_refine.overall_FOM_free_R_set                   ? 
_refine.overall_FOM_work_R_set                   ? 
_refine.pdbx_average_fsc_overall                 ? 
_refine.pdbx_average_fsc_work                    ? 
_refine.pdbx_average_fsc_free                    ? 
# 
_refine_hist.cycle_id                         final 
_refine_hist.pdbx_refine_id                   'X-RAY DIFFRACTION' 
_refine_hist.d_res_high                       2.3 
_refine_hist.d_res_low                        22.4750 
_refine_hist.pdbx_number_atoms_ligand         0 
_refine_hist.number_atoms_solvent             30 
_refine_hist.number_atoms_total               1133 
_refine_hist.pdbx_number_residues_total       145 
_refine_hist.pdbx_B_iso_mean_solvent          28.90 
_refine_hist.pdbx_number_atoms_protein        1103 
_refine_hist.pdbx_number_atoms_nucleic_acid   0 
# 
loop_
_refine_ls_restr.pdbx_refine_id 
_refine_ls_restr.criterion 
_refine_ls_restr.dev_ideal 
_refine_ls_restr.dev_ideal_target 
_refine_ls_restr.number 
_refine_ls_restr.rejects 
_refine_ls_restr.type 
_refine_ls_restr.weight 
_refine_ls_restr.pdbx_restraint_function 
'X-RAY DIFFRACTION' ? 0.002  ? 1113 ? f_bond_d           ? ? 
'X-RAY DIFFRACTION' ? 0.642  ? 1511 ? f_angle_d          ? ? 
'X-RAY DIFFRACTION' ? 0.026  ? 185  ? f_chiral_restr     ? ? 
'X-RAY DIFFRACTION' ? 0.003  ? 193  ? f_plane_restr      ? ? 
'X-RAY DIFFRACTION' ? 14.842 ? 409  ? f_dihedral_angle_d ? ? 
# 
loop_
_refine_ls_shell.pdbx_refine_id 
_refine_ls_shell.d_res_high 
_refine_ls_shell.d_res_low 
_refine_ls_shell.number_reflns_all 
_refine_ls_shell.number_reflns_obs 
_refine_ls_shell.number_reflns_R_free 
_refine_ls_shell.number_reflns_R_work 
_refine_ls_shell.percent_reflns_obs 
_refine_ls_shell.percent_reflns_R_free 
_refine_ls_shell.R_factor_all 
_refine_ls_shell.R_factor_obs 
_refine_ls_shell.R_factor_R_free 
_refine_ls_shell.R_factor_R_free_error 
_refine_ls_shell.R_factor_R_work 
_refine_ls_shell.redundancy_reflns_all 
_refine_ls_shell.redundancy_reflns_obs 
_refine_ls_shell.wR_factor_all 
_refine_ls_shell.wR_factor_obs 
_refine_ls_shell.wR_factor_R_free 
_refine_ls_shell.wR_factor_R_work 
_refine_ls_shell.pdbx_total_number_of_bins_used 
_refine_ls_shell.pdbx_phase_error 
_refine_ls_shell.pdbx_fsc_work 
_refine_ls_shell.pdbx_fsc_free 
'X-RAY DIFFRACTION' 2.30 2.38    2936 . 126 2810 100.0000 . . . 0.3684 . 0.2845 . . . . . . 2 . . . 
'X-RAY DIFFRACTION' 2.38 22.4763 3074 . 165 2909 100.0000 . . . 0.2443 . 0.2114 . . . . . . 2 . . . 
# 
_struct.entry_id                     5HU4 
_struct.title                        'Cystal structure of listeria monocytogenes sortase A' 
_struct.pdbx_model_details           ? 
_struct.pdbx_formula_weight          ? 
_struct.pdbx_formula_weight_method   ? 
_struct.pdbx_model_type_details      ? 
_struct.pdbx_CASP_flag               ? 
# 
_struct_keywords.entry_id        5HU4 
_struct_keywords.text            'protease, sortase A, HYDROLASE' 
_struct_keywords.pdbx_keywords   HYDROLASE 
# 
loop_
_struct_asym.id 
_struct_asym.pdbx_blank_PDB_chainid_flag 
_struct_asym.pdbx_modified 
_struct_asym.entity_id 
_struct_asym.details 
A N N 1 ? 
B N N 2 ? 
# 
loop_
_struct_conf.conf_type_id 
_struct_conf.id 
_struct_conf.pdbx_PDB_helix_id 
_struct_conf.beg_label_comp_id 
_struct_conf.beg_label_asym_id 
_struct_conf.beg_label_seq_id 
_struct_conf.pdbx_beg_PDB_ins_code 
_struct_conf.end_label_comp_id 
_struct_conf.end_label_asym_id 
_struct_conf.end_label_seq_id 
_struct_conf.pdbx_end_PDB_ins_code 
_struct_conf.beg_auth_comp_id 
_struct_conf.beg_auth_asym_id 
_struct_conf.beg_auth_seq_id 
_struct_conf.end_auth_comp_id 
_struct_conf.end_auth_asym_id 
_struct_conf.end_auth_seq_id 
_struct_conf.pdbx_PDB_helix_class 
_struct_conf.details 
_struct_conf.pdbx_PDB_helix_length 
HELX_P HELX_P1 AA1 PRO A 10  ? ASP A 13  ? PRO A 16  ASP A 19  5 ? 4 
HELX_P HELX_P2 AA2 PHE A 59  ? VAL A 65  ? PHE A 65  VAL A 71  5 ? 7 
HELX_P HELX_P3 AA3 GLU A 94  ? ASP A 99  ? GLU A 100 ASP A 105 5 ? 6 
HELX_P HELX_P4 AA4 THR A 134 ? PHE A 142 ? THR A 140 PHE A 148 1 ? 9 
# 
_struct_conf_type.id          HELX_P 
_struct_conf_type.criteria    ? 
_struct_conf_type.reference   ? 
# 
_struct_mon_prot_cis.pdbx_id                1 
_struct_mon_prot_cis.label_comp_id          LYS 
_struct_mon_prot_cis.label_seq_id           67 
_struct_mon_prot_cis.label_asym_id          A 
_struct_mon_prot_cis.label_alt_id           . 
_struct_mon_prot_cis.pdbx_PDB_ins_code      ? 
_struct_mon_prot_cis.auth_comp_id           LYS 
_struct_mon_prot_cis.auth_seq_id            73 
_struct_mon_prot_cis.auth_asym_id           A 
_struct_mon_prot_cis.pdbx_label_comp_id_2   GLY 
_struct_mon_prot_cis.pdbx_label_seq_id_2    68 
_struct_mon_prot_cis.pdbx_label_asym_id_2   A 
_struct_mon_prot_cis.pdbx_PDB_ins_code_2    ? 
_struct_mon_prot_cis.pdbx_auth_comp_id_2    GLY 
_struct_mon_prot_cis.pdbx_auth_seq_id_2     74 
_struct_mon_prot_cis.pdbx_auth_asym_id_2    A 
_struct_mon_prot_cis.pdbx_PDB_model_num     1 
_struct_mon_prot_cis.pdbx_omega_angle       0.45 
# 
_struct_sheet.id               AA1 
_struct_sheet.type             ? 
_struct_sheet.number_strands   9 
_struct_sheet.details          ? 
# 
loop_
_struct_sheet_order.sheet_id 
_struct_sheet_order.range_id_1 
_struct_sheet_order.range_id_2 
_struct_sheet_order.offset 
_struct_sheet_order.sense 
AA1 1 2 ? anti-parallel 
AA1 2 3 ? parallel      
AA1 3 4 ? anti-parallel 
AA1 4 5 ? parallel      
AA1 5 6 ? anti-parallel 
AA1 6 7 ? anti-parallel 
AA1 7 8 ? anti-parallel 
AA1 8 9 ? anti-parallel 
# 
loop_
_struct_sheet_range.sheet_id 
_struct_sheet_range.id 
_struct_sheet_range.beg_label_comp_id 
_struct_sheet_range.beg_label_asym_id 
_struct_sheet_range.beg_label_seq_id 
_struct_sheet_range.pdbx_beg_PDB_ins_code 
_struct_sheet_range.end_label_comp_id 
_struct_sheet_range.end_label_asym_id 
_struct_sheet_range.end_label_seq_id 
_struct_sheet_range.pdbx_end_PDB_ins_code 
_struct_sheet_range.beg_auth_comp_id 
_struct_sheet_range.beg_auth_asym_id 
_struct_sheet_range.beg_auth_seq_id 
_struct_sheet_range.end_auth_comp_id 
_struct_sheet_range.end_auth_asym_id 
_struct_sheet_range.end_auth_seq_id 
AA1 1 VAL A 3   ? VAL A 9   ? VAL A 9   VAL A 15  
AA1 2 VAL A 14  ? PHE A 19  ? VAL A 20  PHE A 25  
AA1 3 ALA A 31  ? THR A 33  ? ALA A 37  THR A 39  
AA1 4 ASN A 44  ? ALA A 48  ? ASN A 50  ALA A 54  
AA1 5 ARG A 105 ? CYS A 111 ? ARG A 111 CYS A 117 
AA1 6 LYS A 119 ? LYS A 132 ? LYS A 125 LYS A 138 
AA1 7 ASN A 78  ? ASP A 91  ? ASN A 84  ASP A 97  
AA1 8 LYS A 70  ? THR A 74  ? LYS A 76  THR A 80  
AA1 9 VAL A 3   ? VAL A 9   ? VAL A 9   VAL A 15  
# 
loop_
_pdbx_struct_sheet_hbond.sheet_id 
_pdbx_struct_sheet_hbond.range_id_1 
_pdbx_struct_sheet_hbond.range_id_2 
_pdbx_struct_sheet_hbond.range_1_label_atom_id 
_pdbx_struct_sheet_hbond.range_1_label_comp_id 
_pdbx_struct_sheet_hbond.range_1_label_asym_id 
_pdbx_struct_sheet_hbond.range_1_label_seq_id 
_pdbx_struct_sheet_hbond.range_1_PDB_ins_code 
_pdbx_struct_sheet_hbond.range_1_auth_atom_id 
_pdbx_struct_sheet_hbond.range_1_auth_comp_id 
_pdbx_struct_sheet_hbond.range_1_auth_asym_id 
_pdbx_struct_sheet_hbond.range_1_auth_seq_id 
_pdbx_struct_sheet_hbond.range_2_label_atom_id 
_pdbx_struct_sheet_hbond.range_2_label_comp_id 
_pdbx_struct_sheet_hbond.range_2_label_asym_id 
_pdbx_struct_sheet_hbond.range_2_label_seq_id 
_pdbx_struct_sheet_hbond.range_2_PDB_ins_code 
_pdbx_struct_sheet_hbond.range_2_auth_atom_id 
_pdbx_struct_sheet_hbond.range_2_auth_comp_id 
_pdbx_struct_sheet_hbond.range_2_auth_asym_id 
_pdbx_struct_sheet_hbond.range_2_auth_seq_id 
AA1 1 2 N GLY A 5   ? N GLY A 11  O VAL A 18  ? O VAL A 24  
AA1 2 3 N PHE A 19  ? N PHE A 25  O ALA A 31  ? O ALA A 37  
AA1 3 4 N THR A 32  ? N THR A 38  O ALA A 48  ? O ALA A 54  
AA1 4 5 N LEU A 47  ? N LEU A 53  O THR A 107 ? O THR A 113 
AA1 5 6 N THR A 110 ? N THR A 116 O PHE A 121 ? O PHE A 127 
AA1 6 7 O GLU A 131 ? O GLU A 137 N LEU A 79  ? N LEU A 85  
AA1 7 8 O TYR A 80  ? O TYR A 86  N LEU A 73  ? N LEU A 79  
AA1 8 9 O TYR A 72  ? O TYR A 78  N ALA A 8   ? N ALA A 14  
# 
_atom_sites.entry_id                    5HU4 
_atom_sites.fract_transf_matrix[1][1]   0.02485007 
_atom_sites.fract_transf_matrix[1][2]   0.00547763 
_atom_sites.fract_transf_matrix[1][3]   0.00913613 
_atom_sites.fract_transf_matrix[2][1]   0.00564875 
_atom_sites.fract_transf_matrix[2][2]   -0.01563132 
_atom_sites.fract_transf_matrix[2][3]   -0.00599263 
_atom_sites.fract_transf_matrix[3][1]   0.00380268 
_atom_sites.fract_transf_matrix[3][2]   0.00693310 
_atom_sites.fract_transf_matrix[3][3]   -0.01450000 
_atom_sites.fract_transf_vector[1]      0.327760 
_atom_sites.fract_transf_vector[2]      0.426872 
_atom_sites.fract_transf_vector[3]      0.358817 
# 
loop_
_atom_type.symbol 
C 
N 
O 
S 
# 
loop_
_atom_site.group_PDB 
_atom_site.id 
_atom_site.type_symbol 
_atom_site.label_atom_id 
_atom_site.label_alt_id 
_atom_site.label_comp_id 
_atom_site.label_asym_id 
_atom_site.label_entity_id 
_atom_site.label_seq_id 
_atom_site.pdbx_PDB_ins_code 
_atom_site.Cartn_x 
_atom_site.Cartn_y 
_atom_site.Cartn_z 
_atom_site.occupancy 
_atom_site.B_iso_or_equiv 
_atom_site.pdbx_formal_charge 
_atom_site.auth_seq_id 
_atom_site.auth_comp_id 
_atom_site.auth_asym_id 
_atom_site.auth_atom_id 
_atom_site.pdbx_PDB_model_num 
ATOM   1    N N   . ASP A 1 1   ? 9.833   -10.072 14.684  1.00 50.10 ? 7   ASP A N   1 
ATOM   2    C CA  . ASP A 1 1   ? 8.979   -8.999  14.182  1.00 42.95 ? 7   ASP A CA  1 
ATOM   3    C C   . ASP A 1 1   ? 7.980   -9.530  13.160  1.00 41.85 ? 7   ASP A C   1 
ATOM   4    O O   . ASP A 1 1   ? 8.101   -10.662 12.689  1.00 40.53 ? 7   ASP A O   1 
ATOM   5    C CB  . ASP A 1 1   ? 9.825   -7.885  13.563  1.00 41.06 ? 7   ASP A CB  1 
ATOM   6    C CG  . ASP A 1 1   ? 9.366   -6.500  13.990  1.00 48.53 ? 7   ASP A CG  1 
ATOM   7    O OD1 . ASP A 1 1   ? 8.181   -6.353  14.364  1.00 47.44 ? 7   ASP A OD1 1 
ATOM   8    O OD2 . ASP A 1 1   ? 10.186  -5.556  13.939  1.00 52.78 ? 7   ASP A OD2 1 
ATOM   9    N N   . ALA A 1 2   ? 7.010   -8.694  12.803  1.00 37.70 ? 8   ALA A N   1 
ATOM   10   C CA  . ALA A 1 2   ? 5.979   -9.070  11.845  1.00 32.99 ? 8   ALA A CA  1 
ATOM   11   C C   . ALA A 1 2   ? 6.165   -8.314  10.535  1.00 26.68 ? 8   ALA A C   1 
ATOM   12   O O   . ALA A 1 2   ? 5.296   -8.333  9.665   1.00 24.32 ? 8   ALA A O   1 
ATOM   13   C CB  . ALA A 1 2   ? 4.595   -8.811  12.423  1.00 27.12 ? 8   ALA A CB  1 
ATOM   14   N N   . VAL A 1 3   ? 7.305   -7.642  10.412  1.00 27.39 ? 9   VAL A N   1 
ATOM   15   C CA  . VAL A 1 3   ? 7.628   -6.865  9.222   1.00 25.25 ? 9   VAL A CA  1 
ATOM   16   C C   . VAL A 1 3   ? 8.011   -7.776  8.058   1.00 26.15 ? 9   VAL A C   1 
ATOM   17   O O   . VAL A 1 3   ? 8.807   -8.702  8.221   1.00 24.54 ? 9   VAL A O   1 
ATOM   18   C CB  . VAL A 1 3   ? 8.780   -5.877  9.495   1.00 23.97 ? 9   VAL A CB  1 
ATOM   19   C CG1 . VAL A 1 3   ? 9.143   -5.106  8.234   1.00 22.56 ? 9   VAL A CG1 1 
ATOM   20   C CG2 . VAL A 1 3   ? 8.403   -4.924  10.617  1.00 29.21 ? 9   VAL A CG2 1 
ATOM   21   N N   . VAL A 1 4   ? 7.442   -7.511  6.887   1.00 20.79 ? 10  VAL A N   1 
ATOM   22   C CA  . VAL A 1 4   ? 7.740   -8.305  5.701   1.00 21.93 ? 10  VAL A CA  1 
ATOM   23   C C   . VAL A 1 4   ? 8.454   -7.472  4.638   1.00 22.02 ? 10  VAL A C   1 
ATOM   24   O O   . VAL A 1 4   ? 9.039   -8.017  3.703   1.00 20.03 ? 10  VAL A O   1 
ATOM   25   C CB  . VAL A 1 4   ? 6.462   -8.912  5.093   1.00 23.02 ? 10  VAL A CB  1 
ATOM   26   C CG1 . VAL A 1 4   ? 5.845   -9.923  6.049   1.00 24.22 ? 10  VAL A CG1 1 
ATOM   27   C CG2 . VAL A 1 4   ? 5.468   -7.821  4.751   1.00 19.87 ? 10  VAL A CG2 1 
ATOM   28   N N   . GLY A 1 5   ? 8.403   -6.151  4.786   1.00 19.97 ? 11  GLY A N   1 
ATOM   29   C CA  . GLY A 1 5   ? 9.052   -5.259  3.842   1.00 18.45 ? 11  GLY A CA  1 
ATOM   30   C C   . GLY A 1 5   ? 8.596   -3.816  3.954   1.00 20.10 ? 11  GLY A C   1 
ATOM   31   O O   . GLY A 1 5   ? 8.150   -3.376  5.014   1.00 21.27 ? 11  GLY A O   1 
ATOM   32   N N   . SER A 1 6   ? 8.708   -3.080  2.853   1.00 19.33 ? 12  SER A N   1 
ATOM   33   C CA  . SER A 1 6   ? 8.354   -1.665  2.838   1.00 20.05 ? 12  SER A CA  1 
ATOM   34   C C   . SER A 1 6   ? 7.526   -1.286  1.615   1.00 20.03 ? 12  SER A C   1 
ATOM   35   O O   . SER A 1 6   ? 7.588   -1.946  0.578   1.00 20.74 ? 12  SER A O   1 
ATOM   36   C CB  . SER A 1 6   ? 9.616   -0.800  2.886   1.00 19.09 ? 12  SER A CB  1 
ATOM   37   O OG  . SER A 1 6   ? 10.316  -0.981  4.104   1.00 21.70 ? 12  SER A OG  1 
ATOM   38   N N   . ILE A 1 7   ? 6.748   -0.217  1.752   1.00 20.02 ? 13  ILE A N   1 
ATOM   39   C CA  . ILE A 1 7   ? 6.020   0.359   0.629   1.00 20.55 ? 13  ILE A CA  1 
ATOM   40   C C   . ILE A 1 7   ? 6.255   1.866   0.599   1.00 20.07 ? 13  ILE A C   1 
ATOM   41   O O   . ILE A 1 7   ? 6.321   2.513   1.643   1.00 20.66 ? 13  ILE A O   1 
ATOM   42   C CB  . ILE A 1 7   ? 4.504   0.058   0.701   1.00 20.87 ? 13  ILE A CB  1 
ATOM   43   C CG1 . ILE A 1 7   ? 3.779   0.674   -0.499  1.00 22.25 ? 13  ILE A CG1 1 
ATOM   44   C CG2 . ILE A 1 7   ? 3.908   0.558   2.011   1.00 20.06 ? 13  ILE A CG2 1 
ATOM   45   C CD1 . ILE A 1 7   ? 2.282   0.571   -0.426  1.00 21.22 ? 13  ILE A CD1 1 
ATOM   46   N N   . ALA A 1 8   ? 6.400   2.423   -0.598  1.00 20.48 ? 14  ALA A N   1 
ATOM   47   C CA  . ALA A 1 8   ? 6.666   3.847   -0.726  1.00 18.70 ? 14  ALA A CA  1 
ATOM   48   C C   . ALA A 1 8   ? 5.892   4.485   -1.872  1.00 19.67 ? 14  ALA A C   1 
ATOM   49   O O   . ALA A 1 8   ? 5.849   3.955   -2.983  1.00 19.53 ? 14  ALA A O   1 
ATOM   50   C CB  . ALA A 1 8   ? 8.152   4.084   -0.906  1.00 20.04 ? 14  ALA A CB  1 
ATOM   51   N N   . VAL A 1 9   ? 5.271   5.624   -1.582  1.00 19.34 ? 15  VAL A N   1 
ATOM   52   C CA  . VAL A 1 9   ? 4.632   6.444   -2.604  1.00 18.32 ? 15  VAL A CA  1 
ATOM   53   C C   . VAL A 1 9   ? 5.193   7.862   -2.516  1.00 21.26 ? 15  VAL A C   1 
ATOM   54   O O   . VAL A 1 9   ? 4.649   8.706   -1.805  1.00 18.10 ? 15  VAL A O   1 
ATOM   55   C CB  . VAL A 1 9   ? 3.101   6.478   -2.450  1.00 20.47 ? 15  VAL A CB  1 
ATOM   56   C CG1 . VAL A 1 9   ? 2.464   6.998   -3.724  1.00 18.62 ? 15  VAL A CG1 1 
ATOM   57   C CG2 . VAL A 1 9   ? 2.563   5.094   -2.121  1.00 18.68 ? 15  VAL A CG2 1 
ATOM   58   N N   . PRO A 1 10  ? 6.291   8.120   -3.241  1.00 21.79 ? 16  PRO A N   1 
ATOM   59   C CA  . PRO A 1 10  ? 7.060   9.369   -3.148  1.00 18.46 ? 16  PRO A CA  1 
ATOM   60   C C   . PRO A 1 10  ? 6.289   10.626  -3.557  1.00 23.17 ? 16  PRO A C   1 
ATOM   61   O O   . PRO A 1 10  ? 6.656   11.722  -3.131  1.00 24.32 ? 16  PRO A O   1 
ATOM   62   C CB  . PRO A 1 10  ? 8.234   9.125   -4.106  1.00 22.06 ? 16  PRO A CB  1 
ATOM   63   C CG  . PRO A 1 10  ? 7.752   8.073   -5.046  1.00 19.86 ? 16  PRO A CG  1 
ATOM   64   C CD  . PRO A 1 10  ? 6.871   7.189   -4.224  1.00 19.01 ? 16  PRO A CD  1 
ATOM   65   N N   . SER A 1 11  ? 5.243   10.478  -4.364  1.00 23.52 ? 17  SER A N   1 
ATOM   66   C CA  . SER A 1 11  ? 4.477   11.635  -4.819  1.00 22.83 ? 17  SER A CA  1 
ATOM   67   C C   . SER A 1 11  ? 3.663   12.250  -3.683  1.00 22.08 ? 17  SER A C   1 
ATOM   68   O O   . SER A 1 11  ? 3.319   13.433  -3.725  1.00 18.41 ? 17  SER A O   1 
ATOM   69   C CB  . SER A 1 11  ? 3.552   11.250  -5.976  1.00 19.63 ? 17  SER A CB  1 
ATOM   70   O OG  . SER A 1 11  ? 2.443   10.498  -5.514  1.00 27.56 ? 17  SER A OG  1 
ATOM   71   N N   . VAL A 1 12  ? 3.360   11.444  -2.671  1.00 19.77 ? 18  VAL A N   1 
ATOM   72   C CA  . VAL A 1 12  ? 2.595   11.912  -1.520  1.00 19.19 ? 18  VAL A CA  1 
ATOM   73   C C   . VAL A 1 12  ? 3.354   11.686  -0.216  1.00 18.86 ? 18  VAL A C   1 
ATOM   74   O O   . VAL A 1 12  ? 2.767   11.702  0.865   1.00 18.85 ? 18  VAL A O   1 
ATOM   75   C CB  . VAL A 1 12  ? 1.223   11.217  -1.436  1.00 19.65 ? 18  VAL A CB  1 
ATOM   76   C CG1 . VAL A 1 12  ? 0.322   11.681  -2.570  1.00 20.09 ? 18  VAL A CG1 1 
ATOM   77   C CG2 . VAL A 1 12  ? 1.393   9.707   -1.463  1.00 19.49 ? 18  VAL A CG2 1 
ATOM   78   N N   . ASP A 1 13  ? 4.661   11.469  -0.336  1.00 23.17 ? 19  ASP A N   1 
ATOM   79   C CA  . ASP A 1 13  ? 5.559   11.326  0.810   1.00 25.31 ? 19  ASP A CA  1 
ATOM   80   C C   . ASP A 1 13  ? 5.152   10.196  1.757   1.00 24.66 ? 19  ASP A C   1 
ATOM   81   O O   . ASP A 1 13  ? 5.168   10.361  2.977   1.00 24.89 ? 19  ASP A O   1 
ATOM   82   C CB  . ASP A 1 13  ? 5.642   12.645  1.585   1.00 23.40 ? 19  ASP A CB  1 
ATOM   83   C CG  . ASP A 1 13  ? 7.013   12.877  2.189   1.00 31.00 ? 19  ASP A CG  1 
ATOM   84   O OD1 . ASP A 1 13  ? 7.975   12.210  1.753   1.00 32.37 ? 19  ASP A OD1 1 
ATOM   85   O OD2 . ASP A 1 13  ? 7.128   13.727  3.097   1.00 39.83 ? 19  ASP A OD2 1 
ATOM   86   N N   . VAL A 1 14  ? 4.785   9.052   1.188   1.00 24.19 ? 20  VAL A N   1 
ATOM   87   C CA  . VAL A 1 14  ? 4.489   7.866   1.981   1.00 19.63 ? 20  VAL A CA  1 
ATOM   88   C C   . VAL A 1 14  ? 5.672   6.907   1.949   1.00 18.96 ? 20  VAL A C   1 
ATOM   89   O O   . VAL A 1 14  ? 6.118   6.496   0.880   1.00 18.55 ? 20  VAL A O   1 
ATOM   90   C CB  . VAL A 1 14  ? 3.225   7.137   1.476   1.00 19.60 ? 20  VAL A CB  1 
ATOM   91   C CG1 . VAL A 1 14  ? 3.086   5.779   2.151   1.00 18.65 ? 20  VAL A CG1 1 
ATOM   92   C CG2 . VAL A 1 14  ? 1.990   7.987   1.721   1.00 20.98 ? 20  VAL A CG2 1 
ATOM   93   N N   . ASN A 1 15  ? 6.186   6.570   3.127   1.00 20.19 ? 21  ASN A N   1 
ATOM   94   C CA  . ASN A 1 15  ? 7.284   5.619   3.255   1.00 18.79 ? 21  ASN A CA  1 
ATOM   95   C C   . ASN A 1 15  ? 7.108   4.807   4.530   1.00 21.02 ? 21  ASN A C   1 
ATOM   96   O O   . ASN A 1 15  ? 7.460   5.260   5.617   1.00 20.66 ? 21  ASN A O   1 
ATOM   97   C CB  . ASN A 1 15  ? 8.632   6.344   3.259   1.00 18.71 ? 21  ASN A CB  1 
ATOM   98   C CG  . ASN A 1 15  ? 9.811   5.387   3.263   1.00 27.23 ? 21  ASN A CG  1 
ATOM   99   O OD1 . ASN A 1 15  ? 9.654   4.184   3.049   1.00 25.69 ? 21  ASN A OD1 1 
ATOM   100  N ND2 . ASN A 1 15  ? 11.002  5.920   3.508   1.00 31.72 ? 21  ASN A ND2 1 
ATOM   101  N N   . LEU A 1 16  ? 6.556   3.606   4.392   1.00 20.70 ? 22  LEU A N   1 
ATOM   102  C CA  . LEU A 1 16  ? 6.142   2.828   5.553   1.00 21.88 ? 22  LEU A CA  1 
ATOM   103  C C   . LEU A 1 16  ? 6.672   1.400   5.544   1.00 21.51 ? 22  LEU A C   1 
ATOM   104  O O   . LEU A 1 16  ? 7.113   0.892   4.513   1.00 21.69 ? 22  LEU A O   1 
ATOM   105  C CB  . LEU A 1 16  ? 4.614   2.797   5.638   1.00 20.13 ? 22  LEU A CB  1 
ATOM   106  C CG  . LEU A 1 16  ? 3.898   4.149   5.639   1.00 19.23 ? 22  LEU A CG  1 
ATOM   107  C CD1 . LEU A 1 16  ? 2.402   3.949   5.481   1.00 18.73 ? 22  LEU A CD1 1 
ATOM   108  C CD2 . LEU A 1 16  ? 4.208   4.925   6.909   1.00 18.52 ? 22  LEU A CD2 1 
ATOM   109  N N   . LEU A 1 17  ? 6.620   0.761   6.708   1.00 19.98 ? 23  LEU A N   1 
ATOM   110  C CA  . LEU A 1 17  ? 6.926   -0.658  6.825   1.00 19.89 ? 23  LEU A CA  1 
ATOM   111  C C   . LEU A 1 17  ? 5.667   -1.469  6.547   1.00 18.29 ? 23  LEU A C   1 
ATOM   112  O O   . LEU A 1 17  ? 4.559   -1.028  6.849   1.00 19.82 ? 23  LEU A O   1 
ATOM   113  C CB  . LEU A 1 17  ? 7.472   -0.985  8.216   1.00 19.75 ? 23  LEU A CB  1 
ATOM   114  C CG  . LEU A 1 17  ? 8.817   -0.370  8.604   1.00 18.93 ? 23  LEU A CG  1 
ATOM   115  C CD1 . LEU A 1 17  ? 9.148   -0.693  10.053  1.00 20.58 ? 23  LEU A CD1 1 
ATOM   116  C CD2 . LEU A 1 17  ? 9.919   -0.862  7.680   1.00 16.83 ? 23  LEU A CD2 1 
ATOM   117  N N   . VAL A 1 18  ? 5.836   -2.651  5.965   1.00 19.33 ? 24  VAL A N   1 
ATOM   118  C CA  . VAL A 1 18  ? 4.700   -3.523  5.693   1.00 19.89 ? 24  VAL A CA  1 
ATOM   119  C C   . VAL A 1 18  ? 4.629   -4.646  6.720   1.00 20.12 ? 24  VAL A C   1 
ATOM   120  O O   . VAL A 1 18  ? 5.607   -5.358  6.946   1.00 21.13 ? 24  VAL A O   1 
ATOM   121  C CB  . VAL A 1 18  ? 4.767   -4.126  4.278   1.00 19.20 ? 24  VAL A CB  1 
ATOM   122  C CG1 . VAL A 1 18  ? 3.509   -4.929  3.989   1.00 19.04 ? 24  VAL A CG1 1 
ATOM   123  C CG2 . VAL A 1 18  ? 4.942   -3.026  3.244   1.00 17.94 ? 24  VAL A CG2 1 
ATOM   124  N N   . PHE A 1 19  ? 3.466   -4.793  7.346   1.00 21.10 ? 25  PHE A N   1 
ATOM   125  C CA  . PHE A 1 19  ? 3.264   -5.821  8.359   1.00 21.80 ? 25  PHE A CA  1 
ATOM   126  C C   . PHE A 1 19  ? 2.355   -6.922  7.835   1.00 20.85 ? 25  PHE A C   1 
ATOM   127  O O   . PHE A 1 19  ? 1.529   -6.693  6.952   1.00 20.57 ? 25  PHE A O   1 
ATOM   128  C CB  . PHE A 1 19  ? 2.675   -5.212  9.633   1.00 24.05 ? 25  PHE A CB  1 
ATOM   129  C CG  . PHE A 1 19  ? 3.611   -4.277  10.345  1.00 25.60 ? 25  PHE A CG  1 
ATOM   130  C CD1 . PHE A 1 19  ? 3.726   -2.954  9.947   1.00 21.68 ? 25  PHE A CD1 1 
ATOM   131  C CD2 . PHE A 1 19  ? 4.373   -4.719  11.416  1.00 26.06 ? 25  PHE A CD2 1 
ATOM   132  C CE1 . PHE A 1 19  ? 4.588   -2.093  10.597  1.00 22.69 ? 25  PHE A CE1 1 
ATOM   133  C CE2 . PHE A 1 19  ? 5.235   -3.860  12.072  1.00 25.17 ? 25  PHE A CE2 1 
ATOM   134  C CZ  . PHE A 1 19  ? 5.342   -2.545  11.662  1.00 22.89 ? 25  PHE A CZ  1 
ATOM   135  N N   . LYS A 1 20  ? 2.511   -8.120  8.384   1.00 24.97 ? 26  LYS A N   1 
ATOM   136  C CA  . LYS A 1 20  ? 1.693   -9.254  7.981   1.00 25.71 ? 26  LYS A CA  1 
ATOM   137  C C   . LYS A 1 20  ? 0.430   -9.328  8.832   1.00 24.98 ? 26  LYS A C   1 
ATOM   138  O O   . LYS A 1 20  ? 0.495   -9.578  10.035  1.00 25.92 ? 26  LYS A O   1 
ATOM   139  C CB  . LYS A 1 20  ? 2.492   -10.555 8.090   1.00 28.02 ? 26  LYS A CB  1 
ATOM   140  C CG  . LYS A 1 20  ? 2.107   -11.612 7.068   1.00 27.50 ? 26  LYS A CG  1 
ATOM   141  C CD  . LYS A 1 20  ? 2.991   -12.842 7.197   1.00 32.89 ? 26  LYS A CD  1 
ATOM   142  C CE  . LYS A 1 20  ? 3.046   -13.627 5.895   1.00 29.26 ? 26  LYS A CE  1 
ATOM   143  N NZ  . LYS A 1 20  ? 4.089   -14.691 5.934   1.00 31.86 ? 26  LYS A NZ  1 
ATOM   144  N N   . GLY A 1 21  ? -0.717  -9.096  8.202   1.00 23.04 ? 27  GLY A N   1 
ATOM   145  C CA  . GLY A 1 21  ? -1.994  -9.177  8.888   1.00 20.63 ? 27  GLY A CA  1 
ATOM   146  C C   . GLY A 1 21  ? -2.530  -7.835  9.347   1.00 23.99 ? 27  GLY A C   1 
ATOM   147  O O   . GLY A 1 21  ? -1.800  -7.020  9.911   1.00 22.79 ? 27  GLY A O   1 
ATOM   148  N N   . THR A 1 22  ? -3.817  -7.609  9.101   1.00 23.65 ? 28  THR A N   1 
ATOM   149  C CA  . THR A 1 22  ? -4.483  -6.391  9.545   1.00 25.75 ? 28  THR A CA  1 
ATOM   150  C C   . THR A 1 22  ? -5.191  -6.629  10.875  1.00 29.56 ? 28  THR A C   1 
ATOM   151  O O   . THR A 1 22  ? -6.313  -7.136  10.913  1.00 31.64 ? 28  THR A O   1 
ATOM   152  C CB  . THR A 1 22  ? -5.502  -5.889  8.503   1.00 23.02 ? 28  THR A CB  1 
ATOM   153  O OG1 . THR A 1 22  ? -4.831  -5.626  7.266   1.00 21.31 ? 28  THR A OG1 1 
ATOM   154  C CG2 . THR A 1 22  ? -6.180  -4.615  8.986   1.00 22.72 ? 28  THR A CG2 1 
ATOM   155  N N   . ASN A 1 23  ? -4.524  -6.270  11.966  1.00 26.20 ? 29  ASN A N   1 
ATOM   156  C CA  . ASN A 1 23  ? -5.089  -6.443  13.297  1.00 27.31 ? 29  ASN A CA  1 
ATOM   157  C C   . ASN A 1 23  ? -5.011  -5.158  14.114  1.00 28.75 ? 29  ASN A C   1 
ATOM   158  O O   . ASN A 1 23  ? -4.346  -4.202  13.715  1.00 30.89 ? 29  ASN A O   1 
ATOM   159  C CB  . ASN A 1 23  ? -4.382  -7.586  14.031  1.00 26.70 ? 29  ASN A CB  1 
ATOM   160  C CG  . ASN A 1 23  ? -2.872  -7.434  14.037  1.00 27.36 ? 29  ASN A CG  1 
ATOM   161  O OD1 . ASN A 1 23  ? -2.331  -6.514  14.651  1.00 30.51 ? 29  ASN A OD1 1 
ATOM   162  N ND2 . ASN A 1 23  ? -2.184  -8.340  13.354  1.00 23.93 ? 29  ASN A ND2 1 
ATOM   163  N N   . THR A 1 24  ? -5.695  -5.143  15.254  1.00 29.86 ? 30  THR A N   1 
ATOM   164  C CA  . THR A 1 24  ? -5.773  -3.951  16.095  1.00 29.80 ? 30  THR A CA  1 
ATOM   165  C C   . THR A 1 24  ? -4.407  -3.516  16.621  1.00 29.46 ? 30  THR A C   1 
ATOM   166  O O   . THR A 1 24  ? -4.208  -2.349  16.958  1.00 32.07 ? 30  THR A O   1 
ATOM   167  C CB  . THR A 1 24  ? -6.715  -4.171  17.297  1.00 28.70 ? 30  THR A CB  1 
ATOM   168  O OG1 . THR A 1 24  ? -6.141  -5.133  18.191  1.00 29.88 ? 30  THR A OG1 1 
ATOM   169  C CG2 . THR A 1 24  ? -8.079  -4.657  16.828  1.00 27.29 ? 30  THR A CG2 1 
ATOM   170  N N   . ALA A 1 25  ? -3.470  -4.455  16.686  1.00 30.10 ? 31  ALA A N   1 
ATOM   171  C CA  . ALA A 1 25  ? -2.124  -4.154  17.157  1.00 30.83 ? 31  ALA A CA  1 
ATOM   172  C C   . ALA A 1 25  ? -1.311  -3.418  16.092  1.00 31.91 ? 31  ALA A C   1 
ATOM   173  O O   . ALA A 1 25  ? -0.550  -2.503  16.407  1.00 32.32 ? 31  ALA A O   1 
ATOM   174  C CB  . ALA A 1 25  ? -1.412  -5.433  17.576  1.00 29.44 ? 31  ALA A CB  1 
ATOM   175  N N   . ASN A 1 26  ? -1.485  -3.815  14.835  1.00 31.96 ? 32  ASN A N   1 
ATOM   176  C CA  . ASN A 1 26  ? -0.720  -3.244  13.728  1.00 28.32 ? 32  ASN A CA  1 
ATOM   177  C C   . ASN A 1 26  ? -1.358  -1.996  13.122  1.00 26.20 ? 32  ASN A C   1 
ATOM   178  O O   . ASN A 1 26  ? -0.861  -1.462  12.130  1.00 25.76 ? 32  ASN A O   1 
ATOM   179  C CB  . ASN A 1 26  ? -0.532  -4.286  12.624  1.00 26.32 ? 32  ASN A CB  1 
ATOM   180  C CG  . ASN A 1 26  ? 0.426   -5.389  13.018  1.00 32.65 ? 32  ASN A CG  1 
ATOM   181  O OD1 . ASN A 1 26  ? 1.313   -5.190  13.847  1.00 38.30 ? 32  ASN A OD1 1 
ATOM   182  N ND2 . ASN A 1 26  ? 0.255   -6.563  12.419  1.00 29.06 ? 32  ASN A ND2 1 
ATOM   183  N N   . LEU A 1 27  ? -2.453  -1.538  13.723  1.00 27.23 ? 33  LEU A N   1 
ATOM   184  C CA  . LEU A 1 27  ? -3.255  -0.450  13.166  1.00 25.15 ? 33  LEU A CA  1 
ATOM   185  C C   . LEU A 1 27  ? -2.457  0.823   12.878  1.00 25.90 ? 33  LEU A C   1 
ATOM   186  O O   . LEU A 1 27  ? -2.628  1.442   11.828  1.00 24.75 ? 33  LEU A O   1 
ATOM   187  C CB  . LEU A 1 27  ? -4.413  -0.120  14.110  1.00 27.63 ? 33  LEU A CB  1 
ATOM   188  N N   . LEU A 1 28  ? -1.584  1.208   13.805  1.00 26.58 ? 34  LEU A N   1 
ATOM   189  C CA  . LEU A 1 28  ? -0.838  2.456   13.671  1.00 25.85 ? 34  LEU A CA  1 
ATOM   190  C C   . LEU A 1 28  ? 0.639   2.226   13.358  1.00 25.98 ? 34  LEU A C   1 
ATOM   191  O O   . LEU A 1 28  ? 1.429   3.169   13.334  1.00 27.35 ? 34  LEU A O   1 
ATOM   192  C CB  . LEU A 1 28  ? -0.966  3.290   14.950  1.00 28.67 ? 34  LEU A CB  1 
ATOM   193  C CG  . LEU A 1 28  ? -2.344  3.847   15.322  1.00 29.61 ? 34  LEU A CG  1 
ATOM   194  C CD1 . LEU A 1 28  ? -2.199  5.097   16.178  1.00 33.13 ? 34  LEU A CD1 1 
ATOM   195  C CD2 . LEU A 1 28  ? -3.178  4.140   14.083  1.00 29.74 ? 34  LEU A CD2 1 
ATOM   196  N N   . ALA A 1 29  ? 1.009   0.974   13.114  1.00 24.02 ? 35  ALA A N   1 
ATOM   197  C CA  . ALA A 1 29  ? 2.409   0.629   12.889  1.00 26.71 ? 35  ALA A CA  1 
ATOM   198  C C   . ALA A 1 29  ? 2.855   0.941   11.461  1.00 25.64 ? 35  ALA A C   1 
ATOM   199  O O   . ALA A 1 29  ? 3.956   1.445   11.241  1.00 23.13 ? 35  ALA A O   1 
ATOM   200  C CB  . ALA A 1 29  ? 2.645   -0.839  13.210  1.00 25.49 ? 35  ALA A CB  1 
ATOM   201  N N   . GLY A 1 30  ? 1.992   0.642   10.495  1.00 23.60 ? 36  GLY A N   1 
ATOM   202  C CA  . GLY A 1 30  ? 2.294   0.883   9.096   1.00 21.18 ? 36  GLY A CA  1 
ATOM   203  C C   . GLY A 1 30  ? 1.250   0.261   8.189   1.00 22.31 ? 36  GLY A C   1 
ATOM   204  O O   . GLY A 1 30  ? 0.088   0.129   8.573   1.00 23.34 ? 36  GLY A O   1 
ATOM   205  N N   . ALA A 1 31  ? 1.660   -0.118  6.982   1.00 16.74 ? 37  ALA A N   1 
ATOM   206  C CA  . ALA A 1 31  ? 0.762   -0.799  6.058   1.00 19.82 ? 37  ALA A CA  1 
ATOM   207  C C   . ALA A 1 31  ? 0.629   -2.267  6.451   1.00 21.60 ? 37  ALA A C   1 
ATOM   208  O O   . ALA A 1 31  ? 1.584   -2.874  6.936   1.00 22.04 ? 37  ALA A O   1 
ATOM   209  C CB  . ALA A 1 31  ? 1.263   -0.668  4.629   1.00 20.00 ? 37  ALA A CB  1 
ATOM   210  N N   . THR A 1 32  ? -0.557  -2.832  6.249   1.00 20.84 ? 38  THR A N   1 
ATOM   211  C CA  . THR A 1 32  ? -0.822  -4.206  6.663   1.00 19.72 ? 38  THR A CA  1 
ATOM   212  C C   . THR A 1 32  ? -1.457  -5.039  5.554   1.00 20.79 ? 38  THR A C   1 
ATOM   213  O O   . THR A 1 32  ? -2.399  -4.597  4.894   1.00 20.88 ? 38  THR A O   1 
ATOM   214  C CB  . THR A 1 32  ? -1.743  -4.250  7.898   1.00 20.21 ? 38  THR A CB  1 
ATOM   215  O OG1 . THR A 1 32  ? -2.980  -3.592  7.598   1.00 21.87 ? 38  THR A OG1 1 
ATOM   216  C CG2 . THR A 1 32  ? -1.086  -3.562  9.085   1.00 20.03 ? 38  THR A CG2 1 
ATOM   217  N N   . THR A 1 33  ? -0.933  -6.245  5.356   1.00 20.28 ? 39  THR A N   1 
ATOM   218  C CA  . THR A 1 33  ? -1.501  -7.190  4.401   1.00 22.56 ? 39  THR A CA  1 
ATOM   219  C C   . THR A 1 33  ? -2.917  -7.572  4.821   1.00 22.55 ? 39  THR A C   1 
ATOM   220  O O   . THR A 1 33  ? -3.242  -7.549  6.009   1.00 20.55 ? 39  THR A O   1 
ATOM   221  C CB  . THR A 1 33  ? -0.641  -8.460  4.281   1.00 20.81 ? 39  THR A CB  1 
ATOM   222  O OG1 . THR A 1 33  ? -0.634  -9.152  5.537   1.00 21.12 ? 39  THR A OG1 1 
ATOM   223  C CG2 . THR A 1 33  ? 0.786   -8.103  3.893   1.00 20.72 ? 39  THR A CG2 1 
ATOM   224  N N   . MET A 1 34  ? -3.754  -7.925  3.850   1.00 22.09 ? 40  MET A N   1 
ATOM   225  C CA  . MET A 1 34  ? -5.164  -8.172  4.130   1.00 21.78 ? 40  MET A CA  1 
ATOM   226  C C   . MET A 1 34  ? -5.591  -9.610  3.836   1.00 23.92 ? 40  MET A C   1 
ATOM   227  O O   . MET A 1 34  ? -6.659  -10.045 4.267   1.00 28.27 ? 40  MET A O   1 
ATOM   228  C CB  . MET A 1 34  ? -6.030  -7.191  3.340   1.00 21.01 ? 40  MET A CB  1 
ATOM   229  C CG  . MET A 1 34  ? -5.871  -5.752  3.802   1.00 22.83 ? 40  MET A CG  1 
ATOM   230  S SD  . MET A 1 34  ? -6.945  -4.598  2.932   1.00 33.23 ? 40  MET A SD  1 
ATOM   231  C CE  . MET A 1 34  ? -8.249  -4.389  4.140   1.00 24.19 ? 40  MET A CE  1 
ATOM   232  N N   . ARG A 1 35  ? -4.762  -10.344 3.101   1.00 20.93 ? 41  ARG A N   1 
ATOM   233  C CA  . ARG A 1 35  ? -4.982  -11.774 2.920   1.00 21.70 ? 41  ARG A CA  1 
ATOM   234  C C   . ARG A 1 35  ? -3.744  -12.555 3.341   1.00 24.70 ? 41  ARG A C   1 
ATOM   235  O O   . ARG A 1 35  ? -2.617  -12.100 3.151   1.00 23.33 ? 41  ARG A O   1 
ATOM   236  C CB  . ARG A 1 35  ? -5.341  -12.108 1.470   1.00 23.13 ? 41  ARG A CB  1 
ATOM   237  C CG  . ARG A 1 35  ? -6.442  -11.255 0.869   1.00 25.67 ? 41  ARG A CG  1 
ATOM   238  C CD  . ARG A 1 35  ? -7.037  -11.924 -0.365  1.00 26.33 ? 41  ARG A CD  1 
ATOM   239  N NE  . ARG A 1 35  ? -6.029  -12.649 -1.131  1.00 25.28 ? 41  ARG A NE  1 
ATOM   240  C CZ  . ARG A 1 35  ? -5.307  -12.116 -2.111  1.00 25.40 ? 41  ARG A CZ  1 
ATOM   241  N NH1 . ARG A 1 35  ? -5.481  -10.848 -2.451  1.00 25.00 ? 41  ARG A NH1 1 
ATOM   242  N NH2 . ARG A 1 35  ? -4.410  -12.853 -2.750  1.00 23.07 ? 41  ARG A NH2 1 
ATOM   243  N N   . SER A 1 36  ? -3.963  -13.733 3.913   1.00 23.66 ? 42  SER A N   1 
ATOM   244  C CA  . SER A 1 36  ? -2.872  -14.581 4.377   1.00 22.38 ? 42  SER A CA  1 
ATOM   245  C C   . SER A 1 36  ? -2.020  -15.099 3.221   1.00 26.21 ? 42  SER A C   1 
ATOM   246  O O   . SER A 1 36  ? -0.863  -15.476 3.410   1.00 28.57 ? 42  SER A O   1 
ATOM   247  C CB  . SER A 1 36  ? -3.424  -15.760 5.182   1.00 26.91 ? 42  SER A CB  1 
ATOM   248  O OG  . SER A 1 36  ? -4.177  -16.630 4.353   1.00 24.33 ? 42  SER A OG  1 
ATOM   249  N N   . ASP A 1 37  ? -2.594  -15.098 2.022   1.00 25.13 ? 43  ASP A N   1 
ATOM   250  C CA  . ASP A 1 37  ? -1.990  -15.777 0.881   1.00 26.05 ? 43  ASP A CA  1 
ATOM   251  C C   . ASP A 1 37  ? -1.282  -14.851 -0.108  1.00 27.49 ? 43  ASP A C   1 
ATOM   252  O O   . ASP A 1 37  ? -0.536  -15.323 -0.967  1.00 28.26 ? 43  ASP A O   1 
ATOM   253  C CB  . ASP A 1 37  ? -3.059  -16.571 0.133   1.00 27.71 ? 43  ASP A CB  1 
ATOM   254  C CG  . ASP A 1 37  ? -4.016  -15.678 -0.633  1.00 32.91 ? 43  ASP A CG  1 
ATOM   255  O OD1 . ASP A 1 37  ? -4.950  -15.127 -0.012  1.00 30.91 ? 43  ASP A OD1 1 
ATOM   256  O OD2 . ASP A 1 37  ? -3.827  -15.523 -1.859  1.00 33.76 ? 43  ASP A OD2 1 
ATOM   257  N N   . GLN A 1 38  ? -1.516  -13.547 0.004   1.00 26.79 ? 44  GLN A N   1 
ATOM   258  C CA  . GLN A 1 38  ? -1.028  -12.602 -1.001  1.00 26.05 ? 44  GLN A CA  1 
ATOM   259  C C   . GLN A 1 38  ? 0.497   -12.595 -1.115  1.00 21.49 ? 44  GLN A C   1 
ATOM   260  O O   . GLN A 1 38  ? 1.213   -12.728 -0.122  1.00 21.12 ? 44  GLN A O   1 
ATOM   261  C CB  . GLN A 1 38  ? -1.544  -11.190 -0.703  1.00 23.03 ? 44  GLN A CB  1 
ATOM   262  C CG  . GLN A 1 38  ? -0.983  -10.546 0.554   1.00 21.81 ? 44  GLN A CG  1 
ATOM   263  C CD  . GLN A 1 38  ? -1.664  -9.229  0.878   1.00 22.82 ? 44  GLN A CD  1 
ATOM   264  O OE1 . GLN A 1 38  ? -2.806  -9.205  1.340   1.00 23.00 ? 44  GLN A OE1 1 
ATOM   265  N NE2 . GLN A 1 38  ? -0.969  -8.124  0.630   1.00 21.70 ? 44  GLN A NE2 1 
ATOM   266  N N   . VAL A 1 39  ? 0.978   -12.457 -2.347  1.00 22.35 ? 45  VAL A N   1 
ATOM   267  C CA  . VAL A 1 39  ? 2.407   -12.474 -2.642  1.00 22.14 ? 45  VAL A CA  1 
ATOM   268  C C   . VAL A 1 39  ? 2.806   -11.204 -3.391  1.00 23.53 ? 45  VAL A C   1 
ATOM   269  O O   . VAL A 1 39  ? 2.073   -10.737 -4.264  1.00 23.11 ? 45  VAL A O   1 
ATOM   270  C CB  . VAL A 1 39  ? 2.795   -13.714 -3.486  1.00 23.42 ? 45  VAL A CB  1 
ATOM   271  C CG1 . VAL A 1 39  ? 4.303   -13.790 -3.673  1.00 22.53 ? 45  VAL A CG1 1 
ATOM   272  C CG2 . VAL A 1 39  ? 2.275   -14.987 -2.834  1.00 19.14 ? 45  VAL A CG2 1 
ATOM   273  N N   . MET A 1 40  ? 3.962   -10.644 -3.045  1.00 22.75 ? 46  MET A N   1 
ATOM   274  C CA  . MET A 1 40  ? 4.452   -9.438  -3.706  1.00 24.20 ? 46  MET A CA  1 
ATOM   275  C C   . MET A 1 40  ? 4.774   -9.690  -5.175  1.00 25.72 ? 46  MET A C   1 
ATOM   276  O O   . MET A 1 40  ? 5.417   -10.682 -5.519  1.00 25.92 ? 46  MET A O   1 
ATOM   277  C CB  . MET A 1 40  ? 5.690   -8.895  -2.989  1.00 24.66 ? 46  MET A CB  1 
ATOM   278  C CG  . MET A 1 40  ? 5.394   -8.212  -1.664  1.00 22.08 ? 46  MET A CG  1 
ATOM   279  S SD  . MET A 1 40  ? 6.844   -7.403  -0.963  1.00 24.15 ? 46  MET A SD  1 
ATOM   280  C CE  . MET A 1 40  ? 6.200   -6.851  0.615   1.00 23.97 ? 46  MET A CE  1 
ATOM   281  N N   . GLY A 1 41  ? 4.320   -8.785  -6.037  1.00 24.73 ? 47  GLY A N   1 
ATOM   282  C CA  . GLY A 1 41  ? 4.593   -8.877  -7.459  1.00 22.26 ? 47  GLY A CA  1 
ATOM   283  C C   . GLY A 1 41  ? 3.733   -9.895  -8.183  1.00 25.62 ? 47  GLY A C   1 
ATOM   284  O O   . GLY A 1 41  ? 3.922   -10.142 -9.374  1.00 28.44 ? 47  GLY A O   1 
ATOM   285  N N   . LYS A 1 42  ? 2.782   -10.485 -7.466  1.00 26.42 ? 48  LYS A N   1 
ATOM   286  C CA  . LYS A 1 42  ? 1.910   -11.499 -8.045  1.00 26.41 ? 48  LYS A CA  1 
ATOM   287  C C   . LYS A 1 42  ? 0.457   -11.289 -7.629  1.00 25.33 ? 48  LYS A C   1 
ATOM   288  O O   . LYS A 1 42  ? 0.168   -11.047 -6.457  1.00 26.00 ? 48  LYS A O   1 
ATOM   289  C CB  . LYS A 1 42  ? 2.374   -12.899 -7.637  1.00 22.09 ? 48  LYS A CB  1 
ATOM   290  N N   . GLY A 1 43  ? -0.447  -11.387 -8.599  1.00 24.41 ? 49  GLY A N   1 
ATOM   291  C CA  . GLY A 1 43  ? -1.867  -11.213 -8.351  1.00 24.67 ? 49  GLY A CA  1 
ATOM   292  C C   . GLY A 1 43  ? -2.181  -9.860  -7.750  1.00 26.32 ? 49  GLY A C   1 
ATOM   293  O O   . GLY A 1 43  ? -1.570  -8.853  -8.108  1.00 26.18 ? 49  GLY A O   1 
ATOM   294  N N   . ASN A 1 44  ? -3.136  -9.832  -6.828  1.00 26.22 ? 50  ASN A N   1 
ATOM   295  C CA  . ASN A 1 44  ? -3.451  -8.611  -6.104  1.00 24.76 ? 50  ASN A CA  1 
ATOM   296  C C   . ASN A 1 44  ? -2.761  -8.594  -4.746  1.00 22.51 ? 50  ASN A C   1 
ATOM   297  O O   . ASN A 1 44  ? -2.798  -9.579  -4.010  1.00 22.23 ? 50  ASN A O   1 
ATOM   298  C CB  . ASN A 1 44  ? -4.962  -8.456  -5.930  1.00 23.16 ? 50  ASN A CB  1 
ATOM   299  C CG  . ASN A 1 44  ? -5.340  -7.154  -5.250  1.00 22.31 ? 50  ASN A CG  1 
ATOM   300  O OD1 . ASN A 1 44  ? -4.572  -6.191  -5.256  1.00 22.82 ? 50  ASN A OD1 1 
ATOM   301  N ND2 . ASN A 1 44  ? -6.527  -7.117  -4.659  1.00 21.80 ? 50  ASN A ND2 1 
ATOM   302  N N   . TYR A 1 45  ? -2.126  -7.473  -4.425  1.00 20.69 ? 51  TYR A N   1 
ATOM   303  C CA  . TYR A 1 45  ? -1.470  -7.310  -3.135  1.00 21.58 ? 51  TYR A CA  1 
ATOM   304  C C   . TYR A 1 45  ? -2.130  -6.181  -2.352  1.00 20.15 ? 51  TYR A C   1 
ATOM   305  O O   . TYR A 1 45  ? -1.641  -5.051  -2.352  1.00 20.55 ? 51  TYR A O   1 
ATOM   306  C CB  . TYR A 1 45  ? 0.023   -7.031  -3.322  1.00 20.06 ? 51  TYR A CB  1 
ATOM   307  C CG  . TYR A 1 45  ? 0.848   -7.237  -2.071  1.00 21.87 ? 51  TYR A CG  1 
ATOM   308  C CD1 . TYR A 1 45  ? 1.306   -8.500  -1.720  1.00 21.42 ? 51  TYR A CD1 1 
ATOM   309  C CD2 . TYR A 1 45  ? 1.171   -6.170  -1.244  1.00 20.83 ? 51  TYR A CD2 1 
ATOM   310  C CE1 . TYR A 1 45  ? 2.062   -8.695  -0.578  1.00 20.86 ? 51  TYR A CE1 1 
ATOM   311  C CE2 . TYR A 1 45  ? 1.925   -6.355  -0.101  1.00 22.87 ? 51  TYR A CE2 1 
ATOM   312  C CZ  . TYR A 1 45  ? 2.368   -7.619  0.227   1.00 20.43 ? 51  TYR A CZ  1 
ATOM   313  O OH  . TYR A 1 45  ? 3.119   -7.803  1.365   1.00 18.55 ? 51  TYR A OH  1 
ATOM   314  N N   . PRO A 1 46  ? -3.254  -6.485  -1.684  1.00 20.02 ? 52  PRO A N   1 
ATOM   315  C CA  . PRO A 1 46  ? -4.004  -5.470  -0.937  1.00 19.26 ? 52  PRO A CA  1 
ATOM   316  C C   . PRO A 1 46  ? -3.302  -5.059  0.353   1.00 22.07 ? 52  PRO A C   1 
ATOM   317  O O   . PRO A 1 46  ? -2.817  -5.911  1.097   1.00 21.20 ? 52  PRO A O   1 
ATOM   318  C CB  . PRO A 1 46  ? -5.331  -6.168  -0.638  1.00 20.50 ? 52  PRO A CB  1 
ATOM   319  C CG  . PRO A 1 46  ? -4.984  -7.611  -0.583  1.00 21.31 ? 52  PRO A CG  1 
ATOM   320  C CD  . PRO A 1 46  ? -3.884  -7.814  -1.591  1.00 20.02 ? 52  PRO A CD  1 
ATOM   321  N N   . LEU A 1 47  ? -3.248  -3.755  0.602   1.00 19.51 ? 53  LEU A N   1 
ATOM   322  C CA  . LEU A 1 47  ? -2.639  -3.228  1.816   1.00 19.69 ? 53  LEU A CA  1 
ATOM   323  C C   . LEU A 1 47  ? -3.553  -2.209  2.480   1.00 19.60 ? 53  LEU A C   1 
ATOM   324  O O   . LEU A 1 47  ? -4.099  -1.327  1.817   1.00 22.42 ? 53  LEU A O   1 
ATOM   325  C CB  . LEU A 1 47  ? -1.279  -2.592  1.510   1.00 22.09 ? 53  LEU A CB  1 
ATOM   326  C CG  . LEU A 1 47  ? -0.140  -3.547  1.156   1.00 21.31 ? 53  LEU A CG  1 
ATOM   327  C CD1 . LEU A 1 47  ? 1.054   -2.781  0.604   1.00 19.23 ? 53  LEU A CD1 1 
ATOM   328  C CD2 . LEU A 1 47  ? 0.256   -4.365  2.374   1.00 17.05 ? 53  LEU A CD2 1 
ATOM   329  N N   . ALA A 1 48  ? -3.720  -2.338  3.791   1.00 18.35 ? 54  ALA A N   1 
ATOM   330  C CA  . ALA A 1 48  ? -4.534  -1.401  4.552   1.00 17.98 ? 54  ALA A CA  1 
ATOM   331  C C   . ALA A 1 48  ? -3.653  -0.502  5.411   1.00 19.27 ? 54  ALA A C   1 
ATOM   332  O O   . ALA A 1 48  ? -2.646  -0.945  5.962   1.00 22.04 ? 54  ALA A O   1 
ATOM   333  C CB  . ALA A 1 48  ? -5.538  -2.146  5.416   1.00 17.33 ? 54  ALA A CB  1 
ATOM   334  N N   . GLY A 1 49  ? -4.038  0.764   5.513   1.00 19.60 ? 55  GLY A N   1 
ATOM   335  C CA  . GLY A 1 49  ? -3.324  1.724   6.333   1.00 20.89 ? 55  GLY A CA  1 
ATOM   336  C C   . GLY A 1 49  ? -4.291  2.742   6.898   1.00 22.05 ? 55  GLY A C   1 
ATOM   337  O O   . GLY A 1 49  ? -5.120  3.287   6.172   1.00 23.01 ? 55  GLY A O   1 
ATOM   338  N N   . HIS A 1 50  ? -4.190  2.996   8.197   1.00 20.35 ? 56  HIS A N   1 
ATOM   339  C CA  . HIS A 1 50  ? -5.139  3.873   8.872   1.00 21.82 ? 56  HIS A CA  1 
ATOM   340  C C   . HIS A 1 50  ? -5.039  5.315   8.386   1.00 23.23 ? 56  HIS A C   1 
ATOM   341  O O   . HIS A 1 50  ? -3.970  5.779   7.986   1.00 21.41 ? 56  HIS A O   1 
ATOM   342  C CB  . HIS A 1 50  ? -4.925  3.824   10.385  1.00 20.01 ? 56  HIS A CB  1 
ATOM   343  C CG  . HIS A 1 50  ? -6.129  4.245   11.178  1.00 26.91 ? 56  HIS A CG  1 
ATOM   344  N ND1 . HIS A 1 50  ? -7.290  3.516   11.202  1.00 26.44 ? 56  HIS A ND1 1 
ATOM   345  C CD2 . HIS A 1 50  ? -6.336  5.329   11.964  1.00 24.29 ? 56  HIS A CD2 1 
ATOM   346  C CE1 . HIS A 1 50  ? -8.175  4.129   11.981  1.00 26.64 ? 56  HIS A CE1 1 
ATOM   347  N NE2 . HIS A 1 50  ? -7.619  5.226   12.449  1.00 29.85 ? 56  HIS A NE2 1 
ATOM   348  N N   . HIS A 1 51  ? -6.169  6.011   8.415   1.00 20.35 ? 57  HIS A N   1 
ATOM   349  C CA  . HIS A 1 51  ? -6.213  7.432   8.110   1.00 20.06 ? 57  HIS A CA  1 
ATOM   350  C C   . HIS A 1 51  ? -6.370  8.203   9.413   1.00 23.61 ? 57  HIS A C   1 
ATOM   351  O O   . HIS A 1 51  ? -7.463  8.273   9.975   1.00 25.85 ? 57  HIS A O   1 
ATOM   352  C CB  . HIS A 1 51  ? -7.361  7.745   7.145   1.00 22.48 ? 57  HIS A CB  1 
ATOM   353  C CG  . HIS A 1 51  ? -7.383  9.161   6.656   1.00 23.76 ? 57  HIS A CG  1 
ATOM   354  N ND1 . HIS A 1 51  ? -8.232  9.589   5.659   1.00 21.24 ? 57  HIS A ND1 1 
ATOM   355  C CD2 . HIS A 1 51  ? -6.660  10.246  7.025   1.00 21.63 ? 57  HIS A CD2 1 
ATOM   356  C CE1 . HIS A 1 51  ? -8.035  10.876  5.435   1.00 21.63 ? 57  HIS A CE1 1 
ATOM   357  N NE2 . HIS A 1 51  ? -7.087  11.299  6.252   1.00 23.52 ? 57  HIS A NE2 1 
ATOM   358  N N   . MET A 1 52  ? -5.270  8.769   9.898   1.00 19.90 ? 58  MET A N   1 
ATOM   359  C CA  . MET A 1 52  ? -5.275  9.478   11.172  1.00 21.94 ? 58  MET A CA  1 
ATOM   360  C C   . MET A 1 52  ? -5.630  10.947  10.986  1.00 20.86 ? 58  MET A C   1 
ATOM   361  O O   . MET A 1 52  ? -5.653  11.448  9.862   1.00 24.22 ? 58  MET A O   1 
ATOM   362  C CB  . MET A 1 52  ? -3.914  9.345   11.859  1.00 21.61 ? 58  MET A CB  1 
ATOM   363  C CG  . MET A 1 52  ? -3.527  7.913   12.184  1.00 24.47 ? 58  MET A CG  1 
ATOM   364  S SD  . MET A 1 52  ? -1.997  7.805   13.125  1.00 26.48 ? 58  MET A SD  1 
ATOM   365  C CE  . MET A 1 52  ? -2.498  8.556   14.673  1.00 23.84 ? 58  MET A CE  1 
ATOM   366  N N   . ARG A 1 53  ? -5.915  11.631  12.093  1.00 22.27 ? 59  ARG A N   1 
ATOM   367  C CA  . ARG A 1 53  ? -6.232  13.055  12.051  1.00 24.85 ? 59  ARG A CA  1 
ATOM   368  C C   . ARG A 1 53  ? -5.054  13.826  11.468  1.00 23.09 ? 59  ARG A C   1 
ATOM   369  O O   . ARG A 1 53  ? -5.233  14.754  10.680  1.00 24.52 ? 59  ARG A O   1 
ATOM   370  C CB  . ARG A 1 53  ? -6.582  13.581  13.443  1.00 23.39 ? 59  ARG A CB  1 
ATOM   371  C CG  . ARG A 1 53  ? -7.114  15.005  13.436  1.00 22.69 ? 59  ARG A CG  1 
ATOM   372  C CD  . ARG A 1 53  ? -8.384  15.101  12.606  1.00 27.19 ? 59  ARG A CD  1 
ATOM   373  N NE  . ARG A 1 53  ? -8.665  16.471  12.185  1.00 31.47 ? 59  ARG A NE  1 
ATOM   374  C CZ  . ARG A 1 53  ? -8.269  16.991  11.027  1.00 33.25 ? 59  ARG A CZ  1 
ATOM   375  N NH1 . ARG A 1 53  ? -7.574  16.255  10.168  1.00 28.41 ? 59  ARG A NH1 1 
ATOM   376  N NH2 . ARG A 1 53  ? -8.569  18.248  10.726  1.00 35.27 ? 59  ARG A NH2 1 
ATOM   377  N N   . ASP A 1 54  ? -3.849  13.430  11.864  1.00 22.03 ? 60  ASP A N   1 
ATOM   378  C CA  . ASP A 1 54  ? -2.640  13.926  11.227  1.00 22.45 ? 60  ASP A CA  1 
ATOM   379  C C   . ASP A 1 54  ? -2.577  13.329  9.826   1.00 23.17 ? 60  ASP A C   1 
ATOM   380  O O   . ASP A 1 54  ? -2.218  12.164  9.653   1.00 22.80 ? 60  ASP A O   1 
ATOM   381  C CB  . ASP A 1 54  ? -1.400  13.562  12.047  1.00 20.10 ? 60  ASP A CB  1 
ATOM   382  C CG  . ASP A 1 54  ? -0.118  14.136  11.465  1.00 24.07 ? 60  ASP A CG  1 
ATOM   383  O OD1 . ASP A 1 54  ? -0.191  14.908  10.487  1.00 26.54 ? 60  ASP A OD1 1 
ATOM   384  O OD2 . ASP A 1 54  ? 0.968   13.817  11.996  1.00 26.00 ? 60  ASP A OD2 1 
ATOM   385  N N   . GLU A 1 55  ? -2.931  14.137  8.832   1.00 22.41 ? 61  GLU A N   1 
ATOM   386  C CA  . GLU A 1 55  ? -3.086  13.667  7.457   1.00 26.19 ? 61  GLU A CA  1 
ATOM   387  C C   . GLU A 1 55  ? -1.784  13.167  6.834   1.00 23.25 ? 61  GLU A C   1 
ATOM   388  O O   . GLU A 1 55  ? -1.800  12.554  5.768   1.00 23.82 ? 61  GLU A O   1 
ATOM   389  C CB  . GLU A 1 55  ? -3.671  14.784  6.588   1.00 25.74 ? 61  GLU A CB  1 
ATOM   390  C CG  . GLU A 1 55  ? -4.969  15.370  7.119   1.00 32.36 ? 61  GLU A CG  1 
ATOM   391  C CD  . GLU A 1 55  ? -6.105  14.365  7.126   1.00 33.61 ? 61  GLU A CD  1 
ATOM   392  O OE1 . GLU A 1 55  ? -6.455  13.856  6.041   1.00 32.72 ? 61  GLU A OE1 1 
ATOM   393  O OE2 . GLU A 1 55  ? -6.647  14.083  8.216   1.00 35.09 ? 61  GLU A OE2 1 
ATOM   394  N N   . SER A 1 56  ? -0.664  13.428  7.498   1.00 22.43 ? 62  SER A N   1 
ATOM   395  C CA  . SER A 1 56  ? 0.642   13.030  6.981   1.00 23.18 ? 62  SER A CA  1 
ATOM   396  C C   . SER A 1 56  ? 1.026   11.617  7.413   1.00 20.95 ? 62  SER A C   1 
ATOM   397  O O   . SER A 1 56  ? 2.004   11.053  6.923   1.00 22.33 ? 62  SER A O   1 
ATOM   398  C CB  . SER A 1 56  ? 1.718   14.019  7.438   1.00 21.87 ? 62  SER A CB  1 
ATOM   399  O OG  . SER A 1 56  ? 1.798   14.067  8.853   1.00 27.04 ? 62  SER A OG  1 
ATOM   400  N N   . MET A 1 57  ? 0.247   11.048  8.327   1.00 20.84 ? 63  MET A N   1 
ATOM   401  C CA  . MET A 1 57  ? 0.565   9.742   8.898   1.00 24.04 ? 63  MET A CA  1 
ATOM   402  C C   . MET A 1 57  ? 0.014   8.579   8.080   1.00 22.37 ? 63  MET A C   1 
ATOM   403  O O   . MET A 1 57  ? -1.078  8.666   7.516   1.00 22.00 ? 63  MET A O   1 
ATOM   404  C CB  . MET A 1 57  ? 0.034   9.651   10.331  1.00 23.68 ? 63  MET A CB  1 
ATOM   405  C CG  . MET A 1 57  ? 0.566   10.725  11.258  1.00 26.48 ? 63  MET A CG  1 
ATOM   406  S SD  . MET A 1 57  ? 2.075   10.240  12.113  1.00 44.89 ? 63  MET A SD  1 
ATOM   407  C CE  . MET A 1 57  ? 1.453   8.949   13.186  1.00 33.86 ? 63  MET A CE  1 
ATOM   408  N N   . LEU A 1 58  ? 0.787   7.498   8.031   1.00 21.37 ? 64  LEU A N   1 
ATOM   409  C CA  . LEU A 1 58  ? 0.363   6.228   7.439   1.00 21.30 ? 64  LEU A CA  1 
ATOM   410  C C   . LEU A 1 58  ? -0.179  6.366   6.015   1.00 22.26 ? 64  LEU A C   1 
ATOM   411  O O   . LEU A 1 58  ? 0.539   6.794   5.113   1.00 22.54 ? 64  LEU A O   1 
ATOM   412  C CB  . LEU A 1 58  ? -0.678  5.559   8.341   1.00 19.57 ? 64  LEU A CB  1 
ATOM   413  C CG  . LEU A 1 58  ? -0.192  5.274   9.765   1.00 21.69 ? 64  LEU A CG  1 
ATOM   414  C CD1 . LEU A 1 58  ? -1.303  4.687   10.623  1.00 21.58 ? 64  LEU A CD1 1 
ATOM   415  C CD2 . LEU A 1 58  ? 1.020   4.353   9.747   1.00 23.09 ? 64  LEU A CD2 1 
ATOM   416  N N   . PHE A 1 59  ? -1.444  5.998   5.815   1.00 21.85 ? 65  PHE A N   1 
ATOM   417  C CA  . PHE A 1 59  ? -2.042  6.039   4.481   1.00 22.25 ? 65  PHE A CA  1 
ATOM   418  C C   . PHE A 1 59  ? -2.931  7.256   4.265   1.00 20.25 ? 65  PHE A C   1 
ATOM   419  O O   . PHE A 1 59  ? -3.668  7.326   3.285   1.00 21.76 ? 65  PHE A O   1 
ATOM   420  C CB  . PHE A 1 59  ? -2.848  4.769   4.214   1.00 19.88 ? 65  PHE A CB  1 
ATOM   421  C CG  . PHE A 1 59  ? -2.074  3.705   3.492   1.00 21.00 ? 65  PHE A CG  1 
ATOM   422  C CD1 . PHE A 1 59  ? -0.722  3.868   3.240   1.00 20.37 ? 65  PHE A CD1 1 
ATOM   423  C CD2 . PHE A 1 59  ? -2.699  2.551   3.051   1.00 18.96 ? 65  PHE A CD2 1 
ATOM   424  C CE1 . PHE A 1 59  ? -0.007  2.894   2.575   1.00 19.17 ? 65  PHE A CE1 1 
ATOM   425  C CE2 . PHE A 1 59  ? -1.990  1.574   2.385   1.00 16.14 ? 65  PHE A CE2 1 
ATOM   426  C CZ  . PHE A 1 59  ? -0.641  1.745   2.146   1.00 19.47 ? 65  PHE A CZ  1 
ATOM   427  N N   . GLY A 1 60  ? -2.868  8.204   5.191   1.00 21.21 ? 66  GLY A N   1 
ATOM   428  C CA  . GLY A 1 60  ? -3.526  9.486   5.017   1.00 21.57 ? 66  GLY A CA  1 
ATOM   429  C C   . GLY A 1 60  ? -3.236  10.180  3.693   1.00 22.53 ? 66  GLY A C   1 
ATOM   430  O O   . GLY A 1 60  ? -4.167  10.575  2.991   1.00 23.86 ? 66  GLY A O   1 
ATOM   431  N N   . PRO A 1 61  ? -1.946  10.338  3.340   1.00 23.49 ? 67  PRO A N   1 
ATOM   432  C CA  . PRO A 1 61  ? -1.599  11.075  2.117   1.00 21.97 ? 67  PRO A CA  1 
ATOM   433  C C   . PRO A 1 61  ? -2.001  10.412  0.794   1.00 23.90 ? 67  PRO A C   1 
ATOM   434  O O   . PRO A 1 61  ? -1.953  11.087  -0.234  1.00 22.31 ? 67  PRO A O   1 
ATOM   435  C CB  . PRO A 1 61  ? -0.071  11.180  2.198   1.00 20.53 ? 67  PRO A CB  1 
ATOM   436  C CG  . PRO A 1 61  ? 0.244   11.042  3.640   1.00 20.33 ? 67  PRO A CG  1 
ATOM   437  C CD  . PRO A 1 61  ? -0.749  10.054  4.152   1.00 19.76 ? 67  PRO A CD  1 
ATOM   438  N N   . ILE A 1 62  ? -2.386  9.138   0.800   1.00 20.92 ? 68  ILE A N   1 
ATOM   439  C CA  . ILE A 1 62  ? -2.720  8.473   -0.460  1.00 20.28 ? 68  ILE A CA  1 
ATOM   440  C C   . ILE A 1 62  ? -4.098  8.904   -0.958  1.00 22.14 ? 68  ILE A C   1 
ATOM   441  O O   . ILE A 1 62  ? -4.533  8.494   -2.035  1.00 20.93 ? 68  ILE A O   1 
ATOM   442  C CB  . ILE A 1 62  ? -2.675  6.932   -0.342  1.00 20.46 ? 68  ILE A CB  1 
ATOM   443  C CG1 . ILE A 1 62  ? -3.940  6.396   0.327   1.00 23.76 ? 68  ILE A CG1 1 
ATOM   444  C CG2 . ILE A 1 62  ? -1.417  6.486   0.390   1.00 19.88 ? 68  ILE A CG2 1 
ATOM   445  C CD1 . ILE A 1 62  ? -4.138  4.908   0.133   1.00 23.27 ? 68  ILE A CD1 1 
ATOM   446  N N   . MET A 1 63  ? -4.778  9.735   -0.173  1.00 23.14 ? 69  MET A N   1 
ATOM   447  C CA  . MET A 1 63  ? -6.006  10.380  -0.619  1.00 24.47 ? 69  MET A CA  1 
ATOM   448  C C   . MET A 1 63  ? -5.715  11.292  -1.804  1.00 23.81 ? 69  MET A C   1 
ATOM   449  O O   . MET A 1 63  ? -6.570  11.505  -2.666  1.00 25.89 ? 69  MET A O   1 
ATOM   450  C CB  . MET A 1 63  ? -6.640  11.187  0.518   1.00 22.90 ? 69  MET A CB  1 
ATOM   451  C CG  . MET A 1 63  ? -7.144  10.356  1.685   1.00 26.55 ? 69  MET A CG  1 
ATOM   452  S SD  . MET A 1 63  ? -8.781  9.655   1.394   1.00 36.33 ? 69  MET A SD  1 
ATOM   453  C CE  . MET A 1 63  ? -9.697  11.113  0.901   1.00 22.49 ? 69  MET A CE  1 
ATOM   454  N N   . LYS A 1 64  ? -4.498  11.827  -1.838  1.00 22.08 ? 70  LYS A N   1 
ATOM   455  C CA  . LYS A 1 64  ? -4.098  12.786  -2.859  1.00 22.50 ? 70  LYS A CA  1 
ATOM   456  C C   . LYS A 1 64  ? -3.250  12.148  -3.955  1.00 26.00 ? 70  LYS A C   1 
ATOM   457  O O   . LYS A 1 64  ? -2.597  12.848  -4.728  1.00 26.86 ? 70  LYS A O   1 
ATOM   458  C CB  . LYS A 1 64  ? -3.332  13.946  -2.219  1.00 22.70 ? 70  LYS A CB  1 
ATOM   459  N N   . VAL A 1 65  ? -3.255  10.820  -4.018  1.00 23.23 ? 71  VAL A N   1 
ATOM   460  C CA  . VAL A 1 65  ? -2.527  10.121  -5.070  1.00 26.51 ? 71  VAL A CA  1 
ATOM   461  C C   . VAL A 1 65  ? -3.335  10.161  -6.362  1.00 27.59 ? 71  VAL A C   1 
ATOM   462  O O   . VAL A 1 65  ? -4.565  10.068  -6.343  1.00 28.30 ? 71  VAL A O   1 
ATOM   463  C CB  . VAL A 1 65  ? -2.205  8.658   -4.668  1.00 24.58 ? 71  VAL A CB  1 
ATOM   464  C CG1 . VAL A 1 65  ? -2.693  7.660   -5.716  1.00 23.24 ? 71  VAL A CG1 1 
ATOM   465  C CG2 . VAL A 1 65  ? -0.716  8.497   -4.434  1.00 23.92 ? 71  VAL A CG2 1 
ATOM   466  N N   . LYS A 1 66  ? -2.639  10.327  -7.481  1.00 26.49 ? 72  LYS A N   1 
ATOM   467  C CA  . LYS A 1 66  ? -3.290  10.372  -8.781  1.00 29.36 ? 72  LYS A CA  1 
ATOM   468  C C   . LYS A 1 66  ? -2.688  9.345   -9.729  1.00 29.35 ? 72  LYS A C   1 
ATOM   469  O O   . LYS A 1 66  ? -1.634  8.771   -9.454  1.00 28.26 ? 72  LYS A O   1 
ATOM   470  C CB  . LYS A 1 66  ? -3.183  11.773  -9.386  1.00 29.95 ? 72  LYS A CB  1 
ATOM   471  N N   . LYS A 1 67  ? -3.371  9.110   -10.843 1.00 30.81 ? 73  LYS A N   1 
ATOM   472  C CA  . LYS A 1 67  ? -2.835  8.274   -11.907 1.00 29.18 ? 73  LYS A CA  1 
ATOM   473  C C   . LYS A 1 67  ? -2.035  9.146   -12.870 1.00 29.46 ? 73  LYS A C   1 
ATOM   474  O O   . LYS A 1 67  ? -2.496  10.215  -13.268 1.00 38.76 ? 73  LYS A O   1 
ATOM   475  C CB  . LYS A 1 67  ? -3.958  7.543   -12.645 1.00 29.85 ? 73  LYS A CB  1 
ATOM   476  N N   . GLY A 1 68  ? -0.837  8.698   -13.236 1.00 33.52 ? 74  GLY A N   1 
ATOM   477  C CA  . GLY A 1 68  ? -0.302  7.437   -12.760 1.00 27.83 ? 74  GLY A CA  1 
ATOM   478  C C   . GLY A 1 68  ? 0.954   7.597   -11.924 1.00 27.70 ? 74  GLY A C   1 
ATOM   479  O O   . GLY A 1 68  ? 2.068   7.526   -12.442 1.00 25.20 ? 74  GLY A O   1 
ATOM   480  N N   . ASP A 1 69  ? 0.772   7.817   -10.626 1.00 25.58 ? 75  ASP A N   1 
ATOM   481  C CA  . ASP A 1 69  ? 1.893   7.885   -9.699  1.00 22.25 ? 75  ASP A CA  1 
ATOM   482  C C   . ASP A 1 69  ? 2.481   6.498   -9.479  1.00 23.49 ? 75  ASP A C   1 
ATOM   483  O O   . ASP A 1 69  ? 1.783   5.490   -9.601  1.00 22.20 ? 75  ASP A O   1 
ATOM   484  C CB  . ASP A 1 69  ? 1.461   8.490   -8.362  1.00 22.42 ? 75  ASP A CB  1 
ATOM   485  C CG  . ASP A 1 69  ? 1.076   9.949   -8.478  1.00 26.87 ? 75  ASP A CG  1 
ATOM   486  O OD1 . ASP A 1 69  ? 1.480   10.597  -9.467  1.00 27.01 ? 75  ASP A OD1 1 
ATOM   487  O OD2 . ASP A 1 69  ? 0.369   10.450  -7.578  1.00 25.68 ? 75  ASP A OD2 1 
ATOM   488  N N   . LYS A 1 70  ? 3.766   6.448   -9.152  1.00 19.89 ? 76  LYS A N   1 
ATOM   489  C CA  . LYS A 1 70  ? 4.437   5.180   -8.910  1.00 22.37 ? 76  LYS A CA  1 
ATOM   490  C C   . LYS A 1 70  ? 4.260   4.728   -7.466  1.00 24.88 ? 76  LYS A C   1 
ATOM   491  O O   . LYS A 1 70  ? 4.305   5.541   -6.540  1.00 23.00 ? 76  LYS A O   1 
ATOM   492  C CB  . LYS A 1 70  ? 5.927   5.286   -9.241  1.00 22.02 ? 76  LYS A CB  1 
ATOM   493  C CG  . LYS A 1 70  ? 6.233   5.824   -10.630 1.00 23.54 ? 76  LYS A CG  1 
ATOM   494  C CD  . LYS A 1 70  ? 5.570   4.994   -11.717 1.00 26.93 ? 76  LYS A CD  1 
ATOM   495  C CE  . LYS A 1 70  ? 6.215   5.258   -13.069 1.00 30.32 ? 76  LYS A CE  1 
ATOM   496  N NZ  . LYS A 1 70  ? 5.210   5.304   -14.168 1.00 35.85 ? 76  LYS A NZ  1 
ATOM   497  N N   . ILE A 1 71  ? 4.048   3.429   -7.283  1.00 22.99 ? 77  ILE A N   1 
ATOM   498  C CA  . ILE A 1 71  ? 4.049   2.830   -5.956  1.00 20.26 ? 77  ILE A CA  1 
ATOM   499  C C   . ILE A 1 71  ? 5.174   1.808   -5.882  1.00 21.36 ? 77  ILE A C   1 
ATOM   500  O O   . ILE A 1 71  ? 5.262   0.910   -6.722  1.00 21.97 ? 77  ILE A O   1 
ATOM   501  C CB  . ILE A 1 71  ? 2.711   2.150   -5.621  1.00 21.27 ? 77  ILE A CB  1 
ATOM   502  C CG1 . ILE A 1 71  ? 1.554   3.139   -5.762  1.00 21.19 ? 77  ILE A CG1 1 
ATOM   503  C CG2 . ILE A 1 71  ? 2.746   1.573   -4.213  1.00 20.56 ? 77  ILE A CG2 1 
ATOM   504  C CD1 . ILE A 1 71  ? 0.191   2.502   -5.610  1.00 17.17 ? 77  ILE A CD1 1 
ATOM   505  N N   . TYR A 1 72  ? 6.040   1.951   -4.886  1.00 20.76 ? 78  TYR A N   1 
ATOM   506  C CA  . TYR A 1 72  ? 7.176   1.051   -4.749  1.00 20.85 ? 78  TYR A CA  1 
ATOM   507  C C   . TYR A 1 72  ? 6.994   0.102   -3.575  1.00 21.29 ? 78  TYR A C   1 
ATOM   508  O O   . TYR A 1 72  ? 6.658   0.517   -2.468  1.00 20.29 ? 78  TYR A O   1 
ATOM   509  C CB  . TYR A 1 72  ? 8.470   1.850   -4.602  1.00 20.50 ? 78  TYR A CB  1 
ATOM   510  C CG  . TYR A 1 72  ? 8.768   2.698   -5.814  1.00 24.22 ? 78  TYR A CG  1 
ATOM   511  C CD1 . TYR A 1 72  ? 9.429   2.164   -6.911  1.00 25.18 ? 78  TYR A CD1 1 
ATOM   512  C CD2 . TYR A 1 72  ? 8.379   4.029   -5.868  1.00 21.97 ? 78  TYR A CD2 1 
ATOM   513  C CE1 . TYR A 1 72  ? 9.699   2.933   -8.025  1.00 25.95 ? 78  TYR A CE1 1 
ATOM   514  C CE2 . TYR A 1 72  ? 8.646   4.806   -6.977  1.00 23.33 ? 78  TYR A CE2 1 
ATOM   515  C CZ  . TYR A 1 72  ? 9.304   4.251   -8.054  1.00 23.46 ? 78  TYR A CZ  1 
ATOM   516  O OH  . TYR A 1 72  ? 9.575   5.020   -9.162  1.00 26.42 ? 78  TYR A OH  1 
ATOM   517  N N   . LEU A 1 73  ? 7.217   -1.179  -3.840  1.00 21.97 ? 79  LEU A N   1 
ATOM   518  C CA  . LEU A 1 73  ? 7.035   -2.226  -2.848  1.00 21.93 ? 79  LEU A CA  1 
ATOM   519  C C   . LEU A 1 73  ? 8.248   -3.144  -2.852  1.00 24.26 ? 79  LEU A C   1 
ATOM   520  O O   . LEU A 1 73  ? 8.780   -3.467  -3.915  1.00 24.96 ? 79  LEU A O   1 
ATOM   521  C CB  . LEU A 1 73  ? 5.758   -3.015  -3.143  1.00 23.17 ? 79  LEU A CB  1 
ATOM   522  C CG  . LEU A 1 73  ? 5.340   -4.133  -2.189  1.00 25.80 ? 79  LEU A CG  1 
ATOM   523  C CD1 . LEU A 1 73  ? 4.964   -3.571  -0.827  1.00 21.89 ? 79  LEU A CD1 1 
ATOM   524  C CD2 . LEU A 1 73  ? 4.188   -4.926  -2.789  1.00 22.12 ? 79  LEU A CD2 1 
ATOM   525  N N   . THR A 1 74  ? 8.696   -3.561  -1.672  1.00 23.95 ? 80  THR A N   1 
ATOM   526  C CA  . THR A 1 74  ? 9.857   -4.440  -1.594  1.00 22.34 ? 80  THR A CA  1 
ATOM   527  C C   . THR A 1 74  ? 9.774   -5.433  -0.438  1.00 21.12 ? 80  THR A C   1 
ATOM   528  O O   . THR A 1 74  ? 9.185   -5.152  0.608   1.00 21.92 ? 80  THR A O   1 
ATOM   529  C CB  . THR A 1 74  ? 11.167  -3.631  -1.462  1.00 23.55 ? 80  THR A CB  1 
ATOM   530  O OG1 . THR A 1 74  ? 12.292  -4.511  -1.595  1.00 23.18 ? 80  THR A OG1 1 
ATOM   531  C CG2 . THR A 1 74  ? 11.237  -2.917  -0.118  1.00 21.83 ? 80  THR A CG2 1 
ATOM   532  N N   . ASP A 1 75  ? 10.357  -6.608  -0.653  1.00 19.85 ? 81  ASP A N   1 
ATOM   533  C CA  . ASP A 1 75  ? 10.499  -7.615  0.390   1.00 21.27 ? 81  ASP A CA  1 
ATOM   534  C C   . ASP A 1 75  ? 11.966  -7.699  0.789   1.00 22.88 ? 81  ASP A C   1 
ATOM   535  O O   . ASP A 1 75  ? 12.402  -8.676  1.402   1.00 23.88 ? 81  ASP A O   1 
ATOM   536  C CB  . ASP A 1 75  ? 9.984   -8.976  -0.088  1.00 20.69 ? 81  ASP A CB  1 
ATOM   537  C CG  . ASP A 1 75  ? 10.512  -9.354  -1.464  1.00 24.29 ? 81  ASP A CG  1 
ATOM   538  O OD1 . ASP A 1 75  ? 11.473  -8.712  -1.940  1.00 20.13 ? 81  ASP A OD1 1 
ATOM   539  O OD2 . ASP A 1 75  ? 9.966   -10.301 -2.068  1.00 22.27 ? 81  ASP A OD2 1 
ATOM   540  N N   . LEU A 1 76  ? 12.707  -6.653  0.418   1.00 24.10 ? 82  LEU A N   1 
ATOM   541  C CA  . LEU A 1 76  ? 14.155  -6.548  0.607   1.00 24.44 ? 82  LEU A CA  1 
ATOM   542  C C   . LEU A 1 76  ? 14.922  -7.598  -0.196  1.00 25.37 ? 82  LEU A C   1 
ATOM   543  O O   . LEU A 1 76  ? 16.089  -7.872  0.078   1.00 26.79 ? 82  LEU A O   1 
ATOM   544  C CB  . LEU A 1 76  ? 14.524  -6.638  2.090   1.00 25.56 ? 82  LEU A CB  1 
ATOM   545  C CG  . LEU A 1 76  ? 14.919  -5.303  2.728   1.00 32.07 ? 82  LEU A CG  1 
ATOM   546  C CD1 . LEU A 1 76  ? 13.744  -4.337  2.744   1.00 29.17 ? 82  LEU A CD1 1 
ATOM   547  C CD2 . LEU A 1 76  ? 15.468  -5.512  4.132   1.00 30.01 ? 82  LEU A CD2 1 
ATOM   548  N N   . GLU A 1 77  ? 14.261  -8.168  -1.198  1.00 22.59 ? 83  GLU A N   1 
ATOM   549  C CA  . GLU A 1 77  ? 14.927  -9.021  -2.175  1.00 25.73 ? 83  GLU A CA  1 
ATOM   550  C C   . GLU A 1 77  ? 14.689  -8.453  -3.569  1.00 26.05 ? 83  GLU A C   1 
ATOM   551  O O   . GLU A 1 77  ? 15.610  -8.350  -4.381  1.00 27.29 ? 83  GLU A O   1 
ATOM   552  C CB  . GLU A 1 77  ? 14.426  -10.464 -2.088  1.00 27.58 ? 83  GLU A CB  1 
ATOM   553  C CG  . GLU A 1 77  ? 14.772  -11.171 -0.785  1.00 37.13 ? 83  GLU A CG  1 
ATOM   554  C CD  . GLU A 1 77  ? 16.267  -11.235 -0.522  1.00 59.51 ? 83  GLU A CD  1 
ATOM   555  O OE1 . GLU A 1 77  ? 17.035  -11.412 -1.491  1.00 61.03 ? 83  GLU A OE1 1 
ATOM   556  O OE2 . GLU A 1 77  ? 16.673  -11.110 0.653   1.00 46.85 ? 83  GLU A OE2 1 
ATOM   557  N N   . ASN A 1 78  ? 13.443  -8.073  -3.833  1.00 24.77 ? 84  ASN A N   1 
ATOM   558  C CA  . ASN A 1 78  ? 13.070  -7.484  -5.113  1.00 24.68 ? 84  ASN A CA  1 
ATOM   559  C C   . ASN A 1 78  ? 12.367  -6.143  -4.950  1.00 25.71 ? 84  ASN A C   1 
ATOM   560  O O   . ASN A 1 78  ? 11.689  -5.902  -3.950  1.00 23.27 ? 84  ASN A O   1 
ATOM   561  C CB  . ASN A 1 78  ? 12.170  -8.440  -5.897  1.00 25.10 ? 84  ASN A CB  1 
ATOM   562  C CG  . ASN A 1 78  ? 12.924  -9.625  -6.454  1.00 27.63 ? 84  ASN A CG  1 
ATOM   563  O OD1 . ASN A 1 78  ? 14.016  -9.476  -7.003  1.00 28.81 ? 84  ASN A OD1 1 
ATOM   564  N ND2 . ASN A 1 78  ? 12.346  -10.812 -6.320  1.00 24.60 ? 84  ASN A ND2 1 
ATOM   565  N N   . LEU A 1 79  ? 12.536  -5.273  -5.941  1.00 25.43 ? 85  LEU A N   1 
ATOM   566  C CA  . LEU A 1 79  ? 11.815  -4.009  -5.984  1.00 22.09 ? 85  LEU A CA  1 
ATOM   567  C C   . LEU A 1 79  ? 10.655  -4.114  -6.964  1.00 23.84 ? 85  LEU A C   1 
ATOM   568  O O   . LEU A 1 79  ? 10.860  -4.306  -8.163  1.00 22.98 ? 85  LEU A O   1 
ATOM   569  C CB  . LEU A 1 79  ? 12.749  -2.864  -6.378  1.00 26.63 ? 85  LEU A CB  1 
ATOM   570  C CG  . LEU A 1 79  ? 12.093  -1.518  -6.684  1.00 24.86 ? 85  LEU A CG  1 
ATOM   571  C CD1 . LEU A 1 79  ? 11.335  -1.002  -5.472  1.00 23.82 ? 85  LEU A CD1 1 
ATOM   572  C CD2 . LEU A 1 79  ? 13.135  -0.506  -7.136  1.00 27.14 ? 85  LEU A CD2 1 
ATOM   573  N N   . TYR A 1 80  ? 9.435   -3.996  -6.449  1.00 23.32 ? 86  TYR A N   1 
ATOM   574  C CA  . TYR A 1 80  ? 8.243   -4.108  -7.280  1.00 21.45 ? 86  TYR A CA  1 
ATOM   575  C C   . TYR A 1 80  ? 7.643   -2.734  -7.555  1.00 24.74 ? 86  TYR A C   1 
ATOM   576  O O   . TYR A 1 80  ? 7.195   -2.049  -6.635  1.00 25.67 ? 86  TYR A O   1 
ATOM   577  C CB  . TYR A 1 80  ? 7.207   -5.015  -6.614  1.00 22.17 ? 86  TYR A CB  1 
ATOM   578  C CG  . TYR A 1 80  ? 7.755   -6.363  -6.203  1.00 22.68 ? 86  TYR A CG  1 
ATOM   579  C CD1 . TYR A 1 80  ? 8.276   -6.566  -4.931  1.00 23.01 ? 86  TYR A CD1 1 
ATOM   580  C CD2 . TYR A 1 80  ? 7.759   -7.431  -7.090  1.00 24.89 ? 86  TYR A CD2 1 
ATOM   581  C CE1 . TYR A 1 80  ? 8.780   -7.796  -4.554  1.00 25.37 ? 86  TYR A CE1 1 
ATOM   582  C CE2 . TYR A 1 80  ? 8.262   -8.666  -6.722  1.00 25.79 ? 86  TYR A CE2 1 
ATOM   583  C CZ  . TYR A 1 80  ? 8.769   -8.843  -5.452  1.00 24.42 ? 86  TYR A CZ  1 
ATOM   584  O OH  . TYR A 1 80  ? 9.271   -10.068 -5.078  1.00 30.47 ? 86  TYR A OH  1 
ATOM   585  N N   . GLU A 1 81  ? 7.637   -2.338  -8.824  1.00 25.39 ? 87  GLU A N   1 
ATOM   586  C CA  . GLU A 1 81  ? 7.135   -1.025  -9.206  1.00 25.97 ? 87  GLU A CA  1 
ATOM   587  C C   . GLU A 1 81  ? 5.740   -1.102  -9.812  1.00 24.42 ? 87  GLU A C   1 
ATOM   588  O O   . GLU A 1 81  ? 5.530   -1.742  -10.844 1.00 27.31 ? 87  GLU A O   1 
ATOM   589  C CB  . GLU A 1 81  ? 8.095   -0.352  -10.189 1.00 27.99 ? 87  GLU A CB  1 
ATOM   590  C CG  . GLU A 1 81  ? 7.583   0.964   -10.755 1.00 33.04 ? 87  GLU A CG  1 
ATOM   591  C CD  . GLU A 1 81  ? 8.650   1.726   -11.518 1.00 39.99 ? 87  GLU A CD  1 
ATOM   592  O OE1 . GLU A 1 81  ? 9.822   1.291   -11.501 1.00 43.94 ? 87  GLU A OE1 1 
ATOM   593  O OE2 . GLU A 1 81  ? 8.318   2.760   -12.135 1.00 39.05 ? 87  GLU A OE2 1 
ATOM   594  N N   . TYR A 1 82  ? 4.787   -0.443  -9.159  1.00 22.56 ? 88  TYR A N   1 
ATOM   595  C CA  . TYR A 1 82  ? 3.424   -0.357  -9.665  1.00 22.16 ? 88  TYR A CA  1 
ATOM   596  C C   . TYR A 1 82  ? 3.129   1.056   -10.159 1.00 24.98 ? 88  TYR A C   1 
ATOM   597  O O   . TYR A 1 82  ? 3.808   2.010   -9.777  1.00 23.63 ? 88  TYR A O   1 
ATOM   598  C CB  . TYR A 1 82  ? 2.414   -0.751  -8.584  1.00 22.36 ? 88  TYR A CB  1 
ATOM   599  C CG  . TYR A 1 82  ? 2.556   -2.167  -8.064  1.00 23.15 ? 88  TYR A CG  1 
ATOM   600  C CD1 . TYR A 1 82  ? 3.498   -2.481  -7.093  1.00 21.31 ? 88  TYR A CD1 1 
ATOM   601  C CD2 . TYR A 1 82  ? 1.733   -3.183  -8.531  1.00 22.98 ? 88  TYR A CD2 1 
ATOM   602  C CE1 . TYR A 1 82  ? 3.623   -3.771  -6.609  1.00 21.67 ? 88  TYR A CE1 1 
ATOM   603  C CE2 . TYR A 1 82  ? 1.851   -4.475  -8.054  1.00 22.02 ? 88  TYR A CE2 1 
ATOM   604  C CZ  . TYR A 1 82  ? 2.797   -4.763  -7.093  1.00 21.55 ? 88  TYR A CZ  1 
ATOM   605  O OH  . TYR A 1 82  ? 2.918   -6.047  -6.616  1.00 21.34 ? 88  TYR A OH  1 
ATOM   606  N N   . THR A 1 83  ? 2.115   1.183   -11.006 1.00 23.45 ? 89  THR A N   1 
ATOM   607  C CA  . THR A 1 83  ? 1.672   2.489   -11.479 1.00 21.22 ? 89  THR A CA  1 
ATOM   608  C C   . THR A 1 83  ? 0.174   2.644   -11.254 1.00 23.28 ? 89  THR A C   1 
ATOM   609  O O   . THR A 1 83  ? -0.620  1.854   -11.765 1.00 23.28 ? 89  THR A O   1 
ATOM   610  C CB  . THR A 1 83  ? 1.992   2.698   -12.970 1.00 21.94 ? 89  THR A CB  1 
ATOM   611  O OG1 . THR A 1 83  ? 3.413   2.734   -13.155 1.00 26.17 ? 89  THR A OG1 1 
ATOM   612  C CG2 . THR A 1 83  ? 1.391   4.004   -13.465 1.00 20.95 ? 89  THR A CG2 1 
ATOM   613  N N   . VAL A 1 84  ? -0.202  3.662   -10.484 1.00 25.68 ? 90  VAL A N   1 
ATOM   614  C CA  . VAL A 1 84  ? -1.603  3.927   -10.166 1.00 25.39 ? 90  VAL A CA  1 
ATOM   615  C C   . VAL A 1 84  ? -2.445  4.071   -11.429 1.00 25.67 ? 90  VAL A C   1 
ATOM   616  O O   . VAL A 1 84  ? -2.148  4.896   -12.290 1.00 26.03 ? 90  VAL A O   1 
ATOM   617  C CB  . VAL A 1 84  ? -1.752  5.203   -9.314  1.00 25.59 ? 90  VAL A CB  1 
ATOM   618  C CG1 . VAL A 1 84  ? -3.222  5.527   -9.091  1.00 26.24 ? 90  VAL A CG1 1 
ATOM   619  C CG2 . VAL A 1 84  ? -1.025  5.045   -7.986  1.00 23.77 ? 90  VAL A CG2 1 
ATOM   620  N N   . THR A 1 85  ? -3.492  3.258   -11.537 1.00 26.62 ? 91  THR A N   1 
ATOM   621  C CA  . THR A 1 85  ? -4.352  3.283   -12.714 1.00 21.84 ? 91  THR A CA  1 
ATOM   622  C C   . THR A 1 85  ? -5.791  3.647   -12.366 1.00 26.54 ? 91  THR A C   1 
ATOM   623  O O   . THR A 1 85  ? -6.552  4.081   -13.229 1.00 32.53 ? 91  THR A O   1 
ATOM   624  C CB  . THR A 1 85  ? -4.341  1.929   -13.446 1.00 23.06 ? 91  THR A CB  1 
ATOM   625  O OG1 . THR A 1 85  ? -4.739  0.889   -12.544 1.00 24.67 ? 91  THR A OG1 1 
ATOM   626  C CG2 . THR A 1 85  ? -2.953  1.625   -13.984 1.00 25.12 ? 91  THR A CG2 1 
ATOM   627  N N   . GLU A 1 86  ? -6.166  3.472   -11.102 1.00 25.28 ? 92  GLU A N   1 
ATOM   628  C CA  . GLU A 1 86  ? -7.510  3.836   -10.671 1.00 26.38 ? 92  GLU A CA  1 
ATOM   629  C C   . GLU A 1 86  ? -7.542  4.272   -9.206  1.00 24.87 ? 92  GLU A C   1 
ATOM   630  O O   . GLU A 1 86  ? -6.870  3.698   -8.349  1.00 26.41 ? 92  GLU A O   1 
ATOM   631  C CB  . GLU A 1 86  ? -8.482  2.671   -10.920 1.00 24.84 ? 92  GLU A CB  1 
ATOM   632  C CG  . GLU A 1 86  ? -8.832  1.823   -9.708  1.00 32.08 ? 92  GLU A CG  1 
ATOM   633  C CD  . GLU A 1 86  ? -9.765  0.673   -10.050 1.00 39.67 ? 92  GLU A CD  1 
ATOM   634  O OE1 . GLU A 1 86  ? -9.294  -0.322  -10.642 1.00 37.19 ? 92  GLU A OE1 1 
ATOM   635  O OE2 . GLU A 1 86  ? -10.970 0.767   -9.730  1.00 44.87 ? 92  GLU A OE2 1 
ATOM   636  N N   . THR A 1 87  ? -8.300  5.333   -8.946  1.00 24.32 ? 93  THR A N   1 
ATOM   637  C CA  . THR A 1 87  ? -8.536  5.820   -7.594  1.00 23.42 ? 93  THR A CA  1 
ATOM   638  C C   . THR A 1 87  ? -10.039 5.957   -7.391  1.00 27.96 ? 93  THR A C   1 
ATOM   639  O O   . THR A 1 87  ? -10.735 6.503   -8.246  1.00 30.17 ? 93  THR A O   1 
ATOM   640  C CB  . THR A 1 87  ? -7.854  7.177   -7.334  1.00 26.09 ? 93  THR A CB  1 
ATOM   641  O OG1 . THR A 1 87  ? -8.346  8.147   -8.266  1.00 26.98 ? 93  THR A OG1 1 
ATOM   642  C CG2 . THR A 1 87  ? -6.344  7.057   -7.483  1.00 22.91 ? 93  THR A CG2 1 
ATOM   643  N N   . LYS A 1 88  ? -10.543 5.462   -6.266  1.00 26.04 ? 94  LYS A N   1 
ATOM   644  C CA  . LYS A 1 88  ? -11.983 5.435   -6.052  1.00 24.95 ? 94  LYS A CA  1 
ATOM   645  C C   . LYS A 1 88  ? -12.365 5.433   -4.577  1.00 25.87 ? 94  LYS A C   1 
ATOM   646  O O   . LYS A 1 88  ? -11.556 5.102   -3.711  1.00 26.10 ? 94  LYS A O   1 
ATOM   647  C CB  . LYS A 1 88  ? -12.588 4.209   -6.739  1.00 27.05 ? 94  LYS A CB  1 
ATOM   648  C CG  . LYS A 1 88  ? -12.062 2.883   -6.210  1.00 29.74 ? 94  LYS A CG  1 
ATOM   649  C CD  . LYS A 1 88  ? -12.591 1.709   -7.019  1.00 33.31 ? 94  LYS A CD  1 
ATOM   650  C CE  . LYS A 1 88  ? -11.882 0.417   -6.642  1.00 34.89 ? 94  LYS A CE  1 
ATOM   651  N NZ  . LYS A 1 88  ? -12.182 -0.682  -7.599  1.00 38.38 ? 94  LYS A NZ  1 
ATOM   652  N N   . THR A 1 89  ? -13.608 5.815   -4.307  1.00 28.63 ? 95  THR A N   1 
ATOM   653  C CA  . THR A 1 89  ? -14.173 5.733   -2.968  1.00 27.90 ? 95  THR A CA  1 
ATOM   654  C C   . THR A 1 89  ? -15.290 4.698   -2.954  1.00 28.15 ? 95  THR A C   1 
ATOM   655  O O   . THR A 1 89  ? -16.221 4.768   -3.755  1.00 28.80 ? 95  THR A O   1 
ATOM   656  C CB  . THR A 1 89  ? -14.719 7.091   -2.492  1.00 25.69 ? 95  THR A CB  1 
ATOM   657  O OG1 . THR A 1 89  ? -13.679 8.075   -2.556  1.00 24.74 ? 95  THR A OG1 1 
ATOM   658  C CG2 . THR A 1 89  ? -15.229 6.988   -1.062  1.00 27.59 ? 95  THR A CG2 1 
ATOM   659  N N   . ILE A 1 90  ? -15.189 3.730   -2.048  1.00 27.61 ? 96  ILE A N   1 
ATOM   660  C CA  . ILE A 1 90  ? -16.176 2.660   -1.962  1.00 28.41 ? 96  ILE A CA  1 
ATOM   661  C C   . ILE A 1 90  ? -16.712 2.505   -0.543  1.00 31.66 ? 96  ILE A C   1 
ATOM   662  O O   . ILE A 1 90  ? -16.159 3.063   0.404   1.00 32.82 ? 96  ILE A O   1 
ATOM   663  C CB  . ILE A 1 90  ? -15.588 1.308   -2.412  1.00 29.49 ? 96  ILE A CB  1 
ATOM   664  C CG1 . ILE A 1 90  ? -14.472 0.870   -1.462  1.00 28.37 ? 96  ILE A CG1 1 
ATOM   665  C CG2 . ILE A 1 90  ? -15.068 1.397   -3.838  1.00 29.34 ? 96  ILE A CG2 1 
ATOM   666  C CD1 . ILE A 1 90  ? -13.982 -0.543  -1.703  1.00 32.44 ? 96  ILE A CD1 1 
ATOM   667  N N   . ASP A 1 91  ? -17.794 1.743   -0.405  1.00 30.01 ? 97  ASP A N   1 
ATOM   668  C CA  . ASP A 1 91  ? -18.314 1.392   0.909   1.00 34.72 ? 97  ASP A CA  1 
ATOM   669  C C   . ASP A 1 91  ? -17.479 0.250   1.481   1.00 34.72 ? 97  ASP A C   1 
ATOM   670  O O   . ASP A 1 91  ? -16.968 -0.582  0.730   1.00 35.11 ? 97  ASP A O   1 
ATOM   671  C CB  . ASP A 1 91  ? -19.791 1.000   0.826   1.00 35.34 ? 97  ASP A CB  1 
ATOM   672  C CG  . ASP A 1 91  ? -20.434 0.851   2.193   1.00 39.16 ? 97  ASP A CG  1 
ATOM   673  O OD1 . ASP A 1 91  ? -20.432 -0.275  2.735   1.00 40.95 ? 97  ASP A OD1 1 
ATOM   674  O OD2 . ASP A 1 91  ? -20.942 1.860   2.725   1.00 41.30 ? 97  ASP A OD2 1 
ATOM   675  N N   . GLU A 1 92  ? -17.341 0.211   2.803   1.00 32.52 ? 98  GLU A N   1 
ATOM   676  C CA  . GLU A 1 92  ? -16.475 -0.767  3.459   1.00 31.62 ? 98  GLU A CA  1 
ATOM   677  C C   . GLU A 1 92  ? -16.946 -2.200  3.238   1.00 32.94 ? 98  GLU A C   1 
ATOM   678  O O   . GLU A 1 92  ? -16.163 -3.144  3.351   1.00 34.19 ? 98  GLU A O   1 
ATOM   679  C CB  . GLU A 1 92  ? -16.386 -0.475  4.957   1.00 32.91 ? 98  GLU A CB  1 
ATOM   680  C CG  . GLU A 1 92  ? -17.731 -0.447  5.665   1.00 34.76 ? 98  GLU A CG  1 
ATOM   681  C CD  . GLU A 1 92  ? -17.597 -0.214  7.158   1.00 37.84 ? 98  GLU A CD  1 
ATOM   682  O OE1 . GLU A 1 92  ? -16.477 0.099   7.617   1.00 38.01 ? 98  GLU A OE1 1 
ATOM   683  O OE2 . GLU A 1 92  ? -18.612 -0.344  7.874   1.00 38.50 ? 98  GLU A OE2 1 
ATOM   684  N N   . THR A 1 93  ? -18.226 -2.358  2.922   1.00 31.98 ? 99  THR A N   1 
ATOM   685  C CA  . THR A 1 93  ? -18.794 -3.684  2.706   1.00 36.52 ? 99  THR A CA  1 
ATOM   686  C C   . THR A 1 93  ? -18.299 -4.321  1.407   1.00 37.51 ? 99  THR A C   1 
ATOM   687  O O   . THR A 1 93  ? -18.288 -5.544  1.279   1.00 38.57 ? 99  THR A O   1 
ATOM   688  C CB  . THR A 1 93  ? -20.335 -3.636  2.690   1.00 38.01 ? 99  THR A CB  1 
ATOM   689  O OG1 . THR A 1 93  ? -20.770 -2.520  1.906   1.00 42.00 ? 99  THR A OG1 1 
ATOM   690  C CG2 . THR A 1 93  ? -20.879 -3.498  4.105   1.00 34.74 ? 99  THR A CG2 1 
ATOM   691  N N   . GLU A 1 94  ? -17.892 -3.501  0.445   1.00 38.88 ? 100 GLU A N   1 
ATOM   692  C CA  . GLU A 1 94  ? -17.371 -4.028  -0.815  1.00 36.06 ? 100 GLU A CA  1 
ATOM   693  C C   . GLU A 1 94  ? -15.986 -4.627  -0.647  1.00 35.78 ? 100 GLU A C   1 
ATOM   694  O O   . GLU A 1 94  ? -14.980 -3.960  -0.920  1.00 40.14 ? 100 GLU A O   1 
ATOM   695  C CB  . GLU A 1 94  ? -17.301 -2.945  -1.874  1.00 36.47 ? 100 GLU A CB  1 
ATOM   696  C CG  . GLU A 1 94  ? -18.633 -2.632  -2.543  1.00 46.56 ? 100 GLU A CG  1 
ATOM   697  C CD  . GLU A 1 94  ? -19.032 -3.663  -3.610  1.00 49.51 ? 100 GLU A CD  1 
ATOM   698  O OE1 . GLU A 1 94  ? -18.113 -4.241  -4.228  1.00 51.68 ? 100 GLU A OE1 1 
ATOM   699  O OE2 . GLU A 1 94  ? -20.259 -3.882  -3.823  1.00 56.43 ? 100 GLU A OE2 1 
ATOM   700  N N   . VAL A 1 95  ? -15.949 -5.882  -0.208  1.00 33.12 ? 101 VAL A N   1 
ATOM   701  C CA  . VAL A 1 95  ? -14.708 -6.581  0.087   1.00 34.75 ? 101 VAL A CA  1 
ATOM   702  C C   . VAL A 1 95  ? -14.019 -7.073  -1.194  1.00 34.54 ? 101 VAL A C   1 
ATOM   703  O O   . VAL A 1 95  ? -12.846 -7.440  -1.174  1.00 34.85 ? 101 VAL A O   1 
ATOM   704  C CB  . VAL A 1 95  ? -14.977 -7.770  1.039   1.00 35.38 ? 101 VAL A CB  1 
ATOM   705  C CG1 . VAL A 1 95  ? -13.683 -8.437  1.487   1.00 37.13 ? 101 VAL A CG1 1 
ATOM   706  C CG2 . VAL A 1 95  ? -15.788 -7.303  2.248   1.00 36.66 ? 101 VAL A CG2 1 
ATOM   707  N N   . SER A 1 96  ? -14.743 -7.045  -2.311  1.00 30.71 ? 102 SER A N   1 
ATOM   708  C CA  . SER A 1 96  ? -14.239 -7.555  -3.590  1.00 30.41 ? 102 SER A CA  1 
ATOM   709  C C   . SER A 1 96  ? -12.881 -6.980  -3.992  1.00 30.44 ? 102 SER A C   1 
ATOM   710  O O   . SER A 1 96  ? -12.102 -7.636  -4.685  1.00 30.29 ? 102 SER A O   1 
ATOM   711  C CB  . SER A 1 96  ? -15.253 -7.276  -4.702  1.00 32.32 ? 102 SER A CB  1 
ATOM   712  O OG  . SER A 1 96  ? -15.007 -6.018  -5.307  1.00 32.80 ? 102 SER A OG  1 
ATOM   713  N N   . VAL A 1 97  ? -12.594 -5.761  -3.546  1.00 27.89 ? 103 VAL A N   1 
ATOM   714  C CA  . VAL A 1 97  ? -11.356 -5.082  -3.914  1.00 30.49 ? 103 VAL A CA  1 
ATOM   715  C C   . VAL A 1 97  ? -10.137 -5.695  -3.212  1.00 30.81 ? 103 VAL A C   1 
ATOM   716  O O   . VAL A 1 97  ? -8.995  -5.315  -3.476  1.00 26.34 ? 103 VAL A O   1 
ATOM   717  C CB  . VAL A 1 97  ? -11.445 -3.570  -3.601  1.00 30.90 ? 103 VAL A CB  1 
ATOM   718  C CG1 . VAL A 1 97  ? -11.143 -3.303  -2.133  1.00 27.87 ? 103 VAL A CG1 1 
ATOM   719  C CG2 . VAL A 1 97  ? -10.510 -2.776  -4.501  1.00 34.76 ? 103 VAL A CG2 1 
ATOM   720  N N   . ILE A 1 98  ? -10.388 -6.663  -2.338  1.00 30.06 ? 104 ILE A N   1 
ATOM   721  C CA  . ILE A 1 98  ? -9.327  -7.354  -1.611  1.00 28.07 ? 104 ILE A CA  1 
ATOM   722  C C   . ILE A 1 98  ? -8.939  -8.651  -2.327  1.00 30.05 ? 104 ILE A C   1 
ATOM   723  O O   . ILE A 1 98  ? -7.778  -9.074  -2.292  1.00 28.69 ? 104 ILE A O   1 
ATOM   724  C CB  . ILE A 1 98  ? -9.763  -7.639  -0.148  1.00 28.21 ? 104 ILE A CB  1 
ATOM   725  C CG1 . ILE A 1 98  ? -9.407  -6.452  0.749   1.00 32.18 ? 104 ILE A CG1 1 
ATOM   726  C CG2 . ILE A 1 98  ? -9.121  -8.901  0.398   1.00 27.56 ? 104 ILE A CG2 1 
ATOM   727  C CD1 . ILE A 1 98  ? -10.530 -6.024  1.667   1.00 32.64 ? 104 ILE A CD1 1 
ATOM   728  N N   . ASP A 1 99  ? -9.913  -9.253  -3.005  1.00 29.22 ? 105 ASP A N   1 
ATOM   729  C CA  . ASP A 1 99  ? -9.724  -10.517 -3.716  1.00 29.42 ? 105 ASP A CA  1 
ATOM   730  C C   . ASP A 1 99  ? -8.553  -10.495 -4.695  1.00 30.08 ? 105 ASP A C   1 
ATOM   731  O O   . ASP A 1 99  ? -8.248  -9.462  -5.295  1.00 31.49 ? 105 ASP A O   1 
ATOM   732  C CB  . ASP A 1 99  ? -11.001 -10.894 -4.469  1.00 32.13 ? 105 ASP A CB  1 
ATOM   733  C CG  . ASP A 1 99  ? -12.218 -10.929 -3.571  1.00 32.24 ? 105 ASP A CG  1 
ATOM   734  O OD1 . ASP A 1 99  ? -12.064 -11.249 -2.375  1.00 33.07 ? 105 ASP A OD1 1 
ATOM   735  O OD2 . ASP A 1 99  ? -13.331 -10.646 -4.064  1.00 30.12 ? 105 ASP A OD2 1 
ATOM   736  N N   . ASN A 1 100 ? -7.905  -11.646 -4.852  1.00 27.44 ? 106 ASN A N   1 
ATOM   737  C CA  . ASN A 1 100 ? -6.789  -11.784 -5.778  1.00 29.53 ? 106 ASN A CA  1 
ATOM   738  C C   . ASN A 1 100 ? -7.232  -11.604 -7.227  1.00 31.94 ? 106 ASN A C   1 
ATOM   739  O O   . ASN A 1 100 ? -8.397  -11.816 -7.560  1.00 29.21 ? 106 ASN A O   1 
ATOM   740  C CB  . ASN A 1 100 ? -6.123  -13.149 -5.598  1.00 29.34 ? 106 ASN A CB  1 
ATOM   741  C CG  . ASN A 1 100 ? -4.778  -13.241 -6.293  1.00 31.31 ? 106 ASN A CG  1 
ATOM   742  O OD1 . ASN A 1 100 ? -3.818  -12.575 -5.905  1.00 36.33 ? 106 ASN A OD1 1 
ATOM   743  N ND2 . ASN A 1 100 ? -4.704  -14.068 -7.328  1.00 33.81 ? 106 ASN A ND2 1 
ATOM   744  N N   . THR A 1 101 ? -6.298  -11.205 -8.084  1.00 29.58 ? 107 THR A N   1 
ATOM   745  C CA  . THR A 1 101 ? -6.600  -10.990 -9.492  1.00 29.70 ? 107 THR A CA  1 
ATOM   746  C C   . THR A 1 101 ? -5.609  -11.727 -10.383 1.00 34.07 ? 107 THR A C   1 
ATOM   747  O O   . THR A 1 101 ? -4.584  -12.224 -9.909  1.00 32.35 ? 107 THR A O   1 
ATOM   748  C CB  . THR A 1 101 ? -6.590  -9.492  -9.848  1.00 28.79 ? 107 THR A CB  1 
ATOM   749  O OG1 . THR A 1 101 ? -5.335  -8.915  -9.471  1.00 27.08 ? 107 THR A OG1 1 
ATOM   750  C CG2 . THR A 1 101 ? -7.719  -8.762  -9.130  1.00 28.09 ? 107 THR A CG2 1 
ATOM   751  N N   . LYS A 1 102 ? -5.917  -11.805 -11.674 1.00 30.99 ? 108 LYS A N   1 
ATOM   752  C CA  . LYS A 1 102 ? -5.026  -12.466 -12.621 1.00 35.53 ? 108 LYS A CA  1 
ATOM   753  C C   . LYS A 1 102 ? -3.877  -11.540 -12.991 1.00 30.60 ? 108 LYS A C   1 
ATOM   754  O O   . LYS A 1 102 ? -2.731  -11.967 -13.120 1.00 31.38 ? 108 LYS A O   1 
ATOM   755  C CB  . LYS A 1 102 ? -5.783  -12.906 -13.878 1.00 35.53 ? 108 LYS A CB  1 
ATOM   756  C CG  . LYS A 1 102 ? -6.737  -14.085 -13.683 1.00 35.29 ? 108 LYS A CG  1 
ATOM   757  C CD  . LYS A 1 102 ? -6.518  -14.790 -12.347 1.00 45.06 ? 108 LYS A CD  1 
ATOM   758  C CE  . LYS A 1 102 ? -6.539  -16.303 -12.483 1.00 50.12 ? 108 LYS A CE  1 
ATOM   759  N NZ  . LYS A 1 102 ? -6.066  -16.969 -11.236 1.00 52.35 ? 108 LYS A NZ  1 
ATOM   760  N N   . ASP A 1 103 ? -4.200  -10.263 -13.151 1.00 30.87 ? 109 ASP A N   1 
ATOM   761  C CA  . ASP A 1 103 ? -3.197  -9.235  -13.388 1.00 29.77 ? 109 ASP A CA  1 
ATOM   762  C C   . ASP A 1 103 ? -2.429  -8.947  -12.104 1.00 28.71 ? 109 ASP A C   1 
ATOM   763  O O   . ASP A 1 103 ? -2.990  -9.013  -11.008 1.00 28.53 ? 109 ASP A O   1 
ATOM   764  C CB  . ASP A 1 103 ? -3.853  -7.956  -13.907 1.00 30.16 ? 109 ASP A CB  1 
ATOM   765  C CG  . ASP A 1 103 ? -4.877  -7.393  -12.937 1.00 33.61 ? 109 ASP A CG  1 
ATOM   766  O OD1 . ASP A 1 103 ? -5.946  -8.018  -12.765 1.00 37.06 ? 109 ASP A OD1 1 
ATOM   767  O OD2 . ASP A 1 103 ? -4.611  -6.328  -12.342 1.00 30.05 ? 109 ASP A OD2 1 
ATOM   768  N N   . ALA A 1 104 ? -1.145  -8.635  -12.237 1.00 26.64 ? 110 ALA A N   1 
ATOM   769  C CA  . ALA A 1 104 ? -0.342  -8.246  -11.086 1.00 23.66 ? 110 ALA A CA  1 
ATOM   770  C C   . ALA A 1 104 ? -0.670  -6.809  -10.696 1.00 25.73 ? 110 ALA A C   1 
ATOM   771  O O   . ALA A 1 104 ? -0.481  -5.884  -11.487 1.00 27.82 ? 110 ALA A O   1 
ATOM   772  C CB  . ALA A 1 104 ? 1.137   -8.397  -11.387 1.00 23.71 ? 110 ALA A CB  1 
ATOM   773  N N   . ARG A 1 105 ? -1.170  -6.624  -9.479  1.00 24.16 ? 111 ARG A N   1 
ATOM   774  C CA  . ARG A 1 105 ? -1.602  -5.305  -9.034  1.00 22.36 ? 111 ARG A CA  1 
ATOM   775  C C   . ARG A 1 105 ? -1.409  -5.100  -7.537  1.00 22.98 ? 111 ARG A C   1 
ATOM   776  O O   . ARG A 1 105 ? -1.295  -6.062  -6.775  1.00 21.60 ? 111 ARG A O   1 
ATOM   777  C CB  . ARG A 1 105 ? -3.072  -5.082  -9.385  1.00 22.65 ? 111 ARG A CB  1 
ATOM   778  C CG  . ARG A 1 105 ? -4.007  -6.072  -8.711  1.00 25.54 ? 111 ARG A CG  1 
ATOM   779  C CD  . ARG A 1 105 ? -5.444  -5.582  -8.719  1.00 26.72 ? 111 ARG A CD  1 
ATOM   780  N NE  . ARG A 1 105 ? -5.967  -5.429  -10.072 1.00 27.87 ? 111 ARG A NE  1 
ATOM   781  C CZ  . ARG A 1 105 ? -7.095  -4.792  -10.365 1.00 31.14 ? 111 ARG A CZ  1 
ATOM   782  N NH1 . ARG A 1 105 ? -7.821  -4.248  -9.397  1.00 28.75 ? 111 ARG A NH1 1 
ATOM   783  N NH2 . ARG A 1 105 ? -7.498  -4.698  -11.624 1.00 30.88 ? 111 ARG A NH2 1 
ATOM   784  N N   . ILE A 1 106 ? -1.374  -3.836  -7.125  1.00 21.70 ? 112 ILE A N   1 
ATOM   785  C CA  . ILE A 1 106 ? -1.363  -3.488  -5.711  1.00 20.68 ? 112 ILE A CA  1 
ATOM   786  C C   . ILE A 1 106 ? -2.627  -2.693  -5.390  1.00 20.77 ? 112 ILE A C   1 
ATOM   787  O O   . ILE A 1 106 ? -3.102  -1.903  -6.207  1.00 20.83 ? 112 ILE A O   1 
ATOM   788  C CB  . ILE A 1 106 ? -0.097  -2.686  -5.322  1.00 20.40 ? 112 ILE A CB  1 
ATOM   789  C CG1 . ILE A 1 106 ? 0.032   -2.582  -3.800  1.00 20.33 ? 112 ILE A CG1 1 
ATOM   790  C CG2 . ILE A 1 106 ? -0.097  -1.307  -5.972  1.00 19.54 ? 112 ILE A CG2 1 
ATOM   791  C CD1 . ILE A 1 106 ? 1.284   -1.867  -3.339  1.00 18.34 ? 112 ILE A CD1 1 
ATOM   792  N N   . THR A 1 107 ? -3.187  -2.924  -4.208  1.00 21.38 ? 113 THR A N   1 
ATOM   793  C CA  . THR A 1 107 ? -4.426  -2.266  -3.814  1.00 20.93 ? 113 THR A CA  1 
ATOM   794  C C   . THR A 1 107 ? -4.285  -1.587  -2.457  1.00 20.16 ? 113 THR A C   1 
ATOM   795  O O   . THR A 1 107 ? -4.251  -2.248  -1.422  1.00 21.65 ? 113 THR A O   1 
ATOM   796  C CB  . THR A 1 107 ? -5.600  -3.263  -3.764  1.00 22.75 ? 113 THR A CB  1 
ATOM   797  O OG1 . THR A 1 107 ? -5.715  -3.931  -5.027  1.00 25.50 ? 113 THR A OG1 1 
ATOM   798  C CG2 . THR A 1 107 ? -6.901  -2.541  -3.455  1.00 22.67 ? 113 THR A CG2 1 
ATOM   799  N N   . LEU A 1 108 ? -4.206  -0.260  -2.472  1.00 21.33 ? 114 LEU A N   1 
ATOM   800  C CA  . LEU A 1 108 ? -4.051  0.509   -1.244  1.00 20.12 ? 114 LEU A CA  1 
ATOM   801  C C   . LEU A 1 108 ? -5.410  0.941   -0.703  1.00 21.25 ? 114 LEU A C   1 
ATOM   802  O O   . LEU A 1 108 ? -6.211  1.541   -1.420  1.00 19.80 ? 114 LEU A O   1 
ATOM   803  C CB  . LEU A 1 108 ? -3.162  1.730   -1.483  1.00 17.81 ? 114 LEU A CB  1 
ATOM   804  C CG  . LEU A 1 108 ? -1.803  1.443   -2.125  1.00 18.37 ? 114 LEU A CG  1 
ATOM   805  C CD1 . LEU A 1 108 ? -0.917  2.677   -2.088  1.00 17.40 ? 114 LEU A CD1 1 
ATOM   806  C CD2 . LEU A 1 108 ? -1.126  0.267   -1.438  1.00 19.24 ? 114 LEU A CD2 1 
ATOM   807  N N   . ILE A 1 109 ? -5.663  0.631   0.564   1.00 20.04 ? 115 ILE A N   1 
ATOM   808  C CA  . ILE A 1 109 ? -6.963  0.902   1.167   1.00 20.17 ? 115 ILE A CA  1 
ATOM   809  C C   . ILE A 1 109 ? -6.845  1.712   2.454   1.00 21.37 ? 115 ILE A C   1 
ATOM   810  O O   . ILE A 1 109 ? -6.087  1.359   3.358   1.00 20.30 ? 115 ILE A O   1 
ATOM   811  C CB  . ILE A 1 109 ? -7.720  -0.407  1.474   1.00 22.08 ? 115 ILE A CB  1 
ATOM   812  C CG1 . ILE A 1 109 ? -7.816  -1.276  0.219   1.00 22.80 ? 115 ILE A CG1 1 
ATOM   813  C CG2 . ILE A 1 109 ? -9.106  -0.108  2.031   1.00 21.29 ? 115 ILE A CG2 1 
ATOM   814  C CD1 . ILE A 1 109 ? -8.546  -2.580  0.433   1.00 27.66 ? 115 ILE A CD1 1 
ATOM   815  N N   . THR A 1 110 ? -7.603  2.803   2.525   1.00 19.06 ? 116 THR A N   1 
ATOM   816  C CA  . THR A 1 110 ? -7.661  3.623   3.727   1.00 22.44 ? 116 THR A CA  1 
ATOM   817  C C   . THR A 1 110 ? -9.041  4.251   3.877   1.00 23.43 ? 116 THR A C   1 
ATOM   818  O O   . THR A 1 110 ? -9.808  4.320   2.915   1.00 24.94 ? 116 THR A O   1 
ATOM   819  C CB  . THR A 1 110 ? -6.592  4.734   3.713   1.00 22.39 ? 116 THR A CB  1 
ATOM   820  O OG1 . THR A 1 110 ? -6.455  5.289   5.028   1.00 20.61 ? 116 THR A OG1 1 
ATOM   821  C CG2 . THR A 1 110 ? -6.966  5.836   2.731   1.00 24.06 ? 116 THR A CG2 1 
ATOM   822  N N   . CYS A 1 111 ? -9.358  4.698   5.087   1.00 22.44 ? 117 CYS A N   1 
ATOM   823  C CA  . CYS A 1 111 ? -10.615 5.394   5.330   1.00 24.37 ? 117 CYS A CA  1 
ATOM   824  C C   . CYS A 1 111 ? -10.587 6.748   4.633   1.00 25.21 ? 117 CYS A C   1 
ATOM   825  O O   . CYS A 1 111 ? -9.527  7.362   4.507   1.00 26.63 ? 117 CYS A O   1 
ATOM   826  C CB  . CYS A 1 111 ? -10.862 5.564   6.831   1.00 21.20 ? 117 CYS A CB  1 
ATOM   827  S SG  . CYS A 1 111 ? -10.702 4.040   7.792   1.00 29.01 ? 117 CYS A SG  1 
ATOM   828  N N   . ASP A 1 112 ? -11.745 7.212   4.173   1.00 24.73 ? 118 ASP A N   1 
ATOM   829  C CA  . ASP A 1 112 ? -11.807 8.483   3.463   1.00 27.12 ? 118 ASP A CA  1 
ATOM   830  C C   . ASP A 1 112 ? -11.793 9.657   4.440   1.00 25.78 ? 118 ASP A C   1 
ATOM   831  O O   . ASP A 1 112 ? -11.658 10.811  4.034   1.00 27.51 ? 118 ASP A O   1 
ATOM   832  C CB  . ASP A 1 112 ? -13.049 8.544   2.569   1.00 29.53 ? 118 ASP A CB  1 
ATOM   833  C CG  . ASP A 1 112 ? -14.330 8.739   3.355   1.00 30.86 ? 118 ASP A CG  1 
ATOM   834  O OD1 . ASP A 1 112 ? -14.505 8.066   4.392   1.00 32.06 ? 118 ASP A OD1 1 
ATOM   835  O OD2 . ASP A 1 112 ? -15.166 9.566   2.933   1.00 33.96 ? 118 ASP A OD2 1 
ATOM   836  N N   . LYS A 1 113 ? -11.940 9.350   5.728   1.00 26.30 ? 119 LYS A N   1 
ATOM   837  C CA  . LYS A 1 113 ? -11.884 10.358  6.784   1.00 27.01 ? 119 LYS A CA  1 
ATOM   838  C C   . LYS A 1 113 ? -11.087 9.837   7.979   1.00 26.47 ? 119 LYS A C   1 
ATOM   839  O O   . LYS A 1 113 ? -10.952 8.626   8.154   1.00 27.63 ? 119 LYS A O   1 
ATOM   840  C CB  . LYS A 1 113 ? -13.294 10.761  7.242   1.00 28.74 ? 119 LYS A CB  1 
ATOM   841  C CG  . LYS A 1 113 ? -14.344 10.809  6.145   1.00 31.15 ? 119 LYS A CG  1 
ATOM   842  C CD  . LYS A 1 113 ? -15.732 11.055  6.716   1.00 29.92 ? 119 LYS A CD  1 
ATOM   843  C CE  . LYS A 1 113 ? -16.121 12.520  6.599   1.00 37.18 ? 119 LYS A CE  1 
ATOM   844  N NZ  . LYS A 1 113 ? -15.988 13.013  5.200   1.00 39.70 ? 119 LYS A NZ  1 
ATOM   845  N N   . PRO A 1 114 ? -10.545 10.750  8.802   1.00 29.22 ? 120 PRO A N   1 
ATOM   846  C CA  . PRO A 1 114 ? -9.903  10.336  10.054  1.00 26.75 ? 120 PRO A CA  1 
ATOM   847  C C   . PRO A 1 114 ? -10.919 9.997   11.143  1.00 29.34 ? 120 PRO A C   1 
ATOM   848  O O   . PRO A 1 114 ? -10.570 9.362   12.138  1.00 26.29 ? 120 PRO A O   1 
ATOM   849  C CB  . PRO A 1 114 ? -9.074  11.560  10.445  1.00 26.02 ? 120 PRO A CB  1 
ATOM   850  C CG  . PRO A 1 114 ? -9.789  12.703  9.824   1.00 26.65 ? 120 PRO A CG  1 
ATOM   851  C CD  . PRO A 1 114 ? -10.344 12.185  8.529   1.00 27.48 ? 120 PRO A CD  1 
ATOM   852  N N   . THR A 1 115 ? -12.164 10.425  10.953  1.00 28.78 ? 121 THR A N   1 
ATOM   853  C CA  . THR A 1 115 ? -13.237 10.089  11.881  1.00 30.33 ? 121 THR A CA  1 
ATOM   854  C C   . THR A 1 115 ? -13.879 8.768   11.474  1.00 31.85 ? 121 THR A C   1 
ATOM   855  O O   . THR A 1 115 ? -13.460 8.147   10.497  1.00 33.34 ? 121 THR A O   1 
ATOM   856  C CB  . THR A 1 115 ? -14.312 11.189  11.935  1.00 33.07 ? 121 THR A CB  1 
ATOM   857  O OG1 . THR A 1 115 ? -14.605 11.640  10.606  1.00 33.00 ? 121 THR A OG1 1 
ATOM   858  C CG2 . THR A 1 115 ? -13.822 12.369  12.759  1.00 29.36 ? 121 THR A CG2 1 
ATOM   859  N N   . GLU A 1 116 ? -14.890 8.339   12.224  1.00 33.88 ? 122 GLU A N   1 
ATOM   860  C CA  . GLU A 1 116 ? -15.569 7.086   11.926  1.00 35.87 ? 122 GLU A CA  1 
ATOM   861  C C   . GLU A 1 116 ? -16.320 7.186   10.606  1.00 37.28 ? 122 GLU A C   1 
ATOM   862  O O   . GLU A 1 116 ? -17.042 8.155   10.358  1.00 39.16 ? 122 GLU A O   1 
ATOM   863  C CB  . GLU A 1 116 ? -16.530 6.697   13.054  1.00 35.81 ? 122 GLU A CB  1 
ATOM   864  C CG  . GLU A 1 116 ? -16.120 5.442   13.828  1.00 40.67 ? 122 GLU A CG  1 
ATOM   865  C CD  . GLU A 1 116 ? -15.640 4.308   12.932  1.00 48.20 ? 122 GLU A CD  1 
ATOM   866  O OE1 . GLU A 1 116 ? -16.239 4.088   11.855  1.00 51.09 ? 122 GLU A OE1 1 
ATOM   867  O OE2 . GLU A 1 116 ? -14.652 3.637   13.304  1.00 54.35 ? 122 GLU A OE2 1 
ATOM   868  N N   . THR A 1 117 ? -16.137 6.180   9.759   1.00 35.20 ? 123 THR A N   1 
ATOM   869  C CA  . THR A 1 117 ? -16.730 6.192   8.432   1.00 32.07 ? 123 THR A CA  1 
ATOM   870  C C   . THR A 1 117 ? -16.895 4.785   7.873   1.00 32.90 ? 123 THR A C   1 
ATOM   871  O O   . THR A 1 117 ? -16.113 3.885   8.179   1.00 34.32 ? 123 THR A O   1 
ATOM   872  C CB  . THR A 1 117 ? -15.883 7.027   7.453   1.00 31.15 ? 123 THR A CB  1 
ATOM   873  O OG1 . THR A 1 117 ? -16.465 6.968   6.144   1.00 29.68 ? 123 THR A OG1 1 
ATOM   874  C CG2 . THR A 1 117 ? -14.454 6.503   7.399   1.00 30.17 ? 123 THR A CG2 1 
ATOM   875  N N   . THR A 1 118 ? -17.924 4.605   7.053   1.00 32.57 ? 124 THR A N   1 
ATOM   876  C CA  . THR A 1 118 ? -18.170 3.331   6.394   1.00 33.65 ? 124 THR A CA  1 
ATOM   877  C C   . THR A 1 118 ? -17.620 3.362   4.974   1.00 35.55 ? 124 THR A C   1 
ATOM   878  O O   . THR A 1 118 ? -17.802 2.419   4.207   1.00 35.34 ? 124 THR A O   1 
ATOM   879  C CB  . THR A 1 118 ? -19.669 2.994   6.348   1.00 34.81 ? 124 THR A CB  1 
ATOM   880  O OG1 . THR A 1 118 ? -20.366 4.007   5.611   1.00 34.12 ? 124 THR A OG1 1 
ATOM   881  C CG2 . THR A 1 118 ? -20.237 2.916   7.756   1.00 33.29 ? 124 THR A CG2 1 
ATOM   882  N N   . LYS A 1 119 ? -16.949 4.456   4.631   1.00 30.44 ? 125 LYS A N   1 
ATOM   883  C CA  . LYS A 1 119 ? -16.426 4.637   3.284   1.00 30.28 ? 125 LYS A CA  1 
ATOM   884  C C   . LYS A 1 119 ? -14.908 4.497   3.242   1.00 30.03 ? 125 LYS A C   1 
ATOM   885  O O   . LYS A 1 119 ? -14.206 4.917   4.162   1.00 29.82 ? 125 LYS A O   1 
ATOM   886  C CB  . LYS A 1 119 ? -16.852 6.000   2.730   1.00 31.36 ? 125 LYS A CB  1 
ATOM   887  C CG  . LYS A 1 119 ? -18.348 6.122   2.454   1.00 37.61 ? 125 LYS A CG  1 
ATOM   888  C CD  . LYS A 1 119 ? -18.963 4.769   2.101   1.00 45.74 ? 125 LYS A CD  1 
ATOM   889  C CE  . LYS A 1 119 ? -20.441 4.891   1.757   1.00 43.52 ? 125 LYS A CE  1 
ATOM   890  N NZ  . LYS A 1 119 ? -20.677 5.717   0.538   1.00 47.11 ? 125 LYS A NZ  1 
ATOM   891  N N   . ARG A 1 120 ? -14.412 3.898   2.165   1.00 27.63 ? 126 ARG A N   1 
ATOM   892  C CA  . ARG A 1 120 ? -12.983 3.669   1.999   1.00 24.60 ? 126 ARG A CA  1 
ATOM   893  C C   . ARG A 1 120 ? -12.471 4.300   0.713   1.00 27.78 ? 126 ARG A C   1 
ATOM   894  O O   . ARG A 1 120 ? -13.156 4.279   -0.310  1.00 27.13 ? 126 ARG A O   1 
ATOM   895  C CB  . ARG A 1 120 ? -12.678 2.169   1.989   1.00 27.39 ? 126 ARG A CB  1 
ATOM   896  C CG  . ARG A 1 120 ? -13.103 1.424   3.240   1.00 28.00 ? 126 ARG A CG  1 
ATOM   897  C CD  . ARG A 1 120 ? -12.200 1.753   4.415   1.00 27.79 ? 126 ARG A CD  1 
ATOM   898  N NE  . ARG A 1 120 ? -12.686 1.150   5.652   1.00 26.79 ? 126 ARG A NE  1 
ATOM   899  C CZ  . ARG A 1 120 ? -13.597 1.704   6.445   1.00 29.66 ? 126 ARG A CZ  1 
ATOM   900  N NH1 . ARG A 1 120 ? -14.124 2.881   6.135   1.00 30.62 ? 126 ARG A NH1 1 
ATOM   901  N NH2 . ARG A 1 120 ? -13.979 1.084   7.553   1.00 33.54 ? 126 ARG A NH2 1 
ATOM   902  N N   . PHE A 1 121 ? -11.268 4.864   0.765   1.00 27.31 ? 127 PHE A N   1 
ATOM   903  C CA  . PHE A 1 121 ? -10.601 5.315   -0.449  1.00 23.68 ? 127 PHE A CA  1 
ATOM   904  C C   . PHE A 1 121 ? -9.685  4.206   -0.947  1.00 24.66 ? 127 PHE A C   1 
ATOM   905  O O   . PHE A 1 121 ? -8.925  3.624   -0.171  1.00 22.74 ? 127 PHE A O   1 
ATOM   906  C CB  . PHE A 1 121 ? -9.808  6.601   -0.208  1.00 22.39 ? 127 PHE A CB  1 
ATOM   907  C CG  . PHE A 1 121 ? -9.129  7.133   -1.442  1.00 22.98 ? 127 PHE A CG  1 
ATOM   908  C CD1 . PHE A 1 121 ? -7.832  6.758   -1.756  1.00 25.37 ? 127 PHE A CD1 1 
ATOM   909  C CD2 . PHE A 1 121 ? -9.790  8.009   -2.290  1.00 25.60 ? 127 PHE A CD2 1 
ATOM   910  C CE1 . PHE A 1 121 ? -7.209  7.243   -2.893  1.00 23.34 ? 127 PHE A CE1 1 
ATOM   911  C CE2 . PHE A 1 121 ? -9.169  8.498   -3.426  1.00 25.68 ? 127 PHE A CE2 1 
ATOM   912  C CZ  . PHE A 1 121 ? -7.878  8.115   -3.726  1.00 22.70 ? 127 PHE A CZ  1 
ATOM   913  N N   . VAL A 1 122 ? -9.762  3.914   -2.242  1.00 23.98 ? 128 VAL A N   1 
ATOM   914  C CA  . VAL A 1 122 ? -8.980  2.829   -2.820  1.00 23.10 ? 128 VAL A CA  1 
ATOM   915  C C   . VAL A 1 122 ? -8.109  3.314   -3.974  1.00 24.11 ? 128 VAL A C   1 
ATOM   916  O O   . VAL A 1 122 ? -8.572  4.044   -4.851  1.00 22.90 ? 128 VAL A O   1 
ATOM   917  C CB  . VAL A 1 122 ? -9.889  1.691   -3.322  1.00 22.60 ? 128 VAL A CB  1 
ATOM   918  C CG1 . VAL A 1 122 ? -9.053  0.523   -3.818  1.00 24.74 ? 128 VAL A CG1 1 
ATOM   919  C CG2 . VAL A 1 122 ? -10.827 1.237   -2.218  1.00 22.61 ? 128 VAL A CG2 1 
ATOM   920  N N   . ALA A 1 123 ? -6.845  2.905   -3.959  1.00 21.69 ? 129 ALA A N   1 
ATOM   921  C CA  . ALA A 1 123 ? -5.927  3.199   -5.051  1.00 21.37 ? 129 ALA A CA  1 
ATOM   922  C C   . ALA A 1 123 ? -5.346  1.902   -5.607  1.00 23.03 ? 129 ALA A C   1 
ATOM   923  O O   . ALA A 1 123 ? -4.696  1.142   -4.886  1.00 21.03 ? 129 ALA A O   1 
ATOM   924  C CB  . ALA A 1 123 ? -4.817  4.126   -4.583  1.00 19.04 ? 129 ALA A CB  1 
ATOM   925  N N   . VAL A 1 124 ? -5.586  1.654   -6.891  1.00 22.42 ? 130 VAL A N   1 
ATOM   926  C CA  . VAL A 1 124 ? -5.092  0.448   -7.546  1.00 20.28 ? 130 VAL A CA  1 
ATOM   927  C C   . VAL A 1 124 ? -3.959  0.780   -8.512  1.00 24.59 ? 130 VAL A C   1 
ATOM   928  O O   . VAL A 1 124 ? -4.054  1.727   -9.296  1.00 26.10 ? 130 VAL A O   1 
ATOM   929  C CB  . VAL A 1 124 ? -6.220  -0.281  -8.310  1.00 24.01 ? 130 VAL A CB  1 
ATOM   930  C CG1 . VAL A 1 124 ? -5.655  -1.384  -9.197  1.00 23.62 ? 130 VAL A CG1 1 
ATOM   931  C CG2 . VAL A 1 124 ? -7.245  -0.842  -7.336  1.00 24.58 ? 130 VAL A CG2 1 
ATOM   932  N N   . GLY A 1 125 ? -2.882  0.003   -8.442  1.00 22.10 ? 131 GLY A N   1 
ATOM   933  C CA  . GLY A 1 125 ? -1.755  0.188   -9.336  1.00 23.51 ? 131 GLY A CA  1 
ATOM   934  C C   . GLY A 1 125 ? -1.333  -1.107  -10.001 1.00 22.12 ? 131 GLY A C   1 
ATOM   935  O O   . GLY A 1 125 ? -1.167  -2.128  -9.334  1.00 23.34 ? 131 GLY A O   1 
ATOM   936  N N   . GLU A 1 126 ? -1.161  -1.067  -11.318 1.00 22.33 ? 132 GLU A N   1 
ATOM   937  C CA  . GLU A 1 126 ? -0.717  -2.236  -12.070 1.00 25.20 ? 132 GLU A CA  1 
ATOM   938  C C   . GLU A 1 126 ? 0.803   -2.362  -12.042 1.00 25.02 ? 132 GLU A C   1 
ATOM   939  O O   . GLU A 1 126 ? 1.517   -1.360  -12.122 1.00 23.72 ? 132 GLU A O   1 
ATOM   940  C CB  . GLU A 1 126 ? -1.210  -2.162  -13.517 1.00 26.15 ? 132 GLU A CB  1 
ATOM   941  C CG  . GLU A 1 126 ? -2.722  -2.089  -13.662 1.00 26.52 ? 132 GLU A CG  1 
ATOM   942  C CD  . GLU A 1 126 ? -3.409  -3.377  -13.259 1.00 25.61 ? 132 GLU A CD  1 
ATOM   943  O OE1 . GLU A 1 126 ? -2.796  -4.455  -13.417 1.00 25.28 ? 132 GLU A OE1 1 
ATOM   944  O OE2 . GLU A 1 126 ? -4.563  -3.313  -12.786 1.00 26.20 ? 132 GLU A OE2 1 
ATOM   945  N N   . LEU A 1 127 ? 1.293   -3.594  -11.930 1.00 23.70 ? 133 LEU A N   1 
ATOM   946  C CA  . LEU A 1 127 ? 2.730   -3.844  -11.921 1.00 25.54 ? 133 LEU A CA  1 
ATOM   947  C C   . LEU A 1 127 ? 3.339   -3.470  -13.265 1.00 24.75 ? 133 LEU A C   1 
ATOM   948  O O   . LEU A 1 127 ? 2.829   -3.860  -14.317 1.00 26.70 ? 133 LEU A O   1 
ATOM   949  C CB  . LEU A 1 127 ? 3.025   -5.307  -11.592 1.00 24.99 ? 133 LEU A CB  1 
ATOM   950  C CG  . LEU A 1 127 ? 4.497   -5.695  -11.430 1.00 28.60 ? 133 LEU A CG  1 
ATOM   951  C CD1 . LEU A 1 127 ? 5.102   -5.046  -10.191 1.00 24.27 ? 133 LEU A CD1 1 
ATOM   952  C CD2 . LEU A 1 127 ? 4.655   -7.209  -11.377 1.00 27.92 ? 133 LEU A CD2 1 
ATOM   953  N N   . GLU A 1 128 ? 4.425   -2.709  -13.226 1.00 25.89 ? 134 GLU A N   1 
ATOM   954  C CA  . GLU A 1 128 ? 5.036   -2.208  -14.450 1.00 28.19 ? 134 GLU A CA  1 
ATOM   955  C C   . GLU A 1 128 ? 6.408   -2.841  -14.674 1.00 27.50 ? 134 GLU A C   1 
ATOM   956  O O   . GLU A 1 128 ? 6.792   -3.120  -15.814 1.00 29.48 ? 134 GLU A O   1 
ATOM   957  C CB  . GLU A 1 128 ? 5.125   -0.678  -14.403 1.00 27.93 ? 134 GLU A CB  1 
ATOM   958  C CG  . GLU A 1 128 ? 6.388   -0.078  -15.001 1.00 35.63 ? 134 GLU A CG  1 
ATOM   959  C CD  . GLU A 1 128 ? 6.387   1.439   -14.950 1.00 34.89 ? 134 GLU A CD  1 
ATOM   960  O OE1 . GLU A 1 128 ? 5.453   2.016   -14.353 1.00 35.61 ? 134 GLU A OE1 1 
ATOM   961  O OE2 . GLU A 1 128 ? 7.318   2.058   -15.506 1.00 37.89 ? 134 GLU A OE2 1 
ATOM   962  N N   . LYS A 1 129 ? 7.133   -3.086  -13.585 1.00 25.90 ? 135 LYS A N   1 
ATOM   963  C CA  . LYS A 1 129 ? 8.419   -3.774  -13.668 1.00 27.28 ? 135 LYS A CA  1 
ATOM   964  C C   . LYS A 1 129 ? 8.847   -4.364  -12.325 1.00 28.79 ? 135 LYS A C   1 
ATOM   965  O O   . LYS A 1 129 ? 8.399   -3.922  -11.265 1.00 26.56 ? 135 LYS A O   1 
ATOM   966  C CB  . LYS A 1 129 ? 9.502   -2.825  -14.185 1.00 32.98 ? 135 LYS A CB  1 
ATOM   967  C CG  . LYS A 1 129 ? 10.100  -1.920  -13.122 1.00 36.65 ? 135 LYS A CG  1 
ATOM   968  C CD  . LYS A 1 129 ? 10.961  -0.836  -13.750 1.00 37.57 ? 135 LYS A CD  1 
ATOM   969  C CE  . LYS A 1 129 ? 10.112  0.129   -14.562 1.00 40.92 ? 135 LYS A CE  1 
ATOM   970  N NZ  . LYS A 1 129 ? 10.872  1.346   -14.956 1.00 46.80 ? 135 LYS A NZ  1 
ATOM   971  N N   . THR A 1 130 ? 9.714   -5.371  -12.385 1.00 29.22 ? 136 THR A N   1 
ATOM   972  C CA  . THR A 1 130 ? 10.264  -6.004  -11.192 1.00 25.67 ? 136 THR A CA  1 
ATOM   973  C C   . THR A 1 130 ? 11.776  -6.147  -11.334 1.00 25.55 ? 136 THR A C   1 
ATOM   974  O O   . THR A 1 130 ? 12.267  -6.578  -12.376 1.00 28.92 ? 136 THR A O   1 
ATOM   975  C CB  . THR A 1 130 ? 9.637   -7.391  -10.944 1.00 23.82 ? 136 THR A CB  1 
ATOM   976  O OG1 . THR A 1 130 ? 8.224   -7.255  -10.750 1.00 28.50 ? 136 THR A OG1 1 
ATOM   977  C CG2 . THR A 1 130 ? 10.249  -8.047  -9.712  1.00 28.24 ? 136 THR A CG2 1 
ATOM   978  N N   . GLU A 1 131 ? 12.515  -5.779  -10.291 1.00 26.13 ? 137 GLU A N   1 
ATOM   979  C CA  . GLU A 1 131 ? 13.970  -5.873  -10.330 1.00 29.41 ? 137 GLU A CA  1 
ATOM   980  C C   . GLU A 1 131 ? 14.576  -6.131  -8.953  1.00 28.34 ? 137 GLU A C   1 
ATOM   981  O O   . GLU A 1 131 ? 13.963  -5.839  -7.925  1.00 26.37 ? 137 GLU A O   1 
ATOM   982  C CB  . GLU A 1 131 ? 14.569  -4.601  -10.934 1.00 30.44 ? 137 GLU A CB  1 
ATOM   983  C CG  . GLU A 1 131 ? 13.896  -3.314  -10.489 1.00 33.06 ? 137 GLU A CG  1 
ATOM   984  C CD  . GLU A 1 131 ? 14.480  -2.091  -11.169 1.00 37.41 ? 137 GLU A CD  1 
ATOM   985  O OE1 . GLU A 1 131 ? 13.715  -1.146  -11.459 1.00 40.57 ? 137 GLU A OE1 1 
ATOM   986  O OE2 . GLU A 1 131 ? 15.704  -2.074  -11.413 1.00 42.10 ? 137 GLU A OE2 1 
ATOM   987  N N   . LYS A 1 132 ? 15.784  -6.689  -8.952  1.00 31.46 ? 138 LYS A N   1 
ATOM   988  C CA  . LYS A 1 132 ? 16.506  -6.997  -7.723  1.00 30.65 ? 138 LYS A CA  1 
ATOM   989  C C   . LYS A 1 132 ? 16.761  -5.732  -6.915  1.00 31.76 ? 138 LYS A C   1 
ATOM   990  O O   . LYS A 1 132 ? 17.221  -4.726  -7.458  1.00 33.48 ? 138 LYS A O   1 
ATOM   991  C CB  . LYS A 1 132 ? 17.831  -7.692  -8.047  1.00 29.77 ? 138 LYS A CB  1 
ATOM   992  C CG  . LYS A 1 132 ? 18.183  -8.848  -7.124  1.00 36.99 ? 138 LYS A CG  1 
ATOM   993  C CD  . LYS A 1 132 ? 19.512  -9.477  -7.510  1.00 41.37 ? 138 LYS A CD  1 
ATOM   994  C CE  . LYS A 1 132 ? 20.683  -8.678  -6.962  1.00 45.20 ? 138 LYS A CE  1 
ATOM   995  N NZ  . LYS A 1 132 ? 20.920  -8.976  -5.522  1.00 55.19 ? 138 LYS A NZ  1 
ATOM   996  N N   . LEU A 1 133 ? 16.460  -5.779  -5.621  1.00 28.85 ? 139 LEU A N   1 
ATOM   997  C CA  . LEU A 1 133 ? 16.703  -4.627  -4.765  1.00 30.03 ? 139 LEU A CA  1 
ATOM   998  C C   . LEU A 1 133 ? 18.187  -4.481  -4.459  1.00 35.06 ? 139 LEU A C   1 
ATOM   999  O O   . LEU A 1 133 ? 18.830  -5.408  -3.969  1.00 35.81 ? 139 LEU A O   1 
ATOM   1000 C CB  . LEU A 1 133 ? 15.915  -4.729  -3.460  1.00 29.79 ? 139 LEU A CB  1 
ATOM   1001 C CG  . LEU A 1 133 ? 15.946  -3.430  -2.650  1.00 30.28 ? 139 LEU A CG  1 
ATOM   1002 C CD1 . LEU A 1 133 ? 14.937  -2.430  -3.200  1.00 29.81 ? 139 LEU A CD1 1 
ATOM   1003 C CD2 . LEU A 1 133 ? 15.709  -3.685  -1.168  1.00 29.87 ? 139 LEU A CD2 1 
ATOM   1004 N N   . THR A 1 134 ? 18.724  -3.306  -4.760  1.00 36.63 ? 140 THR A N   1 
ATOM   1005 C CA  . THR A 1 134 ? 20.111  -2.993  -4.453  1.00 35.93 ? 140 THR A CA  1 
ATOM   1006 C C   . THR A 1 134 ? 20.165  -1.934  -3.365  1.00 39.11 ? 140 THR A C   1 
ATOM   1007 O O   . THR A 1 134 ? 19.130  -1.383  -2.982  1.00 36.05 ? 140 THR A O   1 
ATOM   1008 C CB  . THR A 1 134 ? 20.865  -2.498  -5.695  1.00 39.30 ? 140 THR A CB  1 
ATOM   1009 O OG1 . THR A 1 134 ? 20.140  -1.417  -6.293  1.00 39.00 ? 140 THR A OG1 1 
ATOM   1010 C CG2 . THR A 1 134 ? 21.012  -3.619  -6.713  1.00 37.71 ? 140 THR A CG2 1 
ATOM   1011 N N   . LYS A 1 135 ? 21.364  -1.652  -2.865  1.00 39.61 ? 141 LYS A N   1 
ATOM   1012 C CA  . LYS A 1 135 ? 21.536  -0.630  -1.845  1.00 39.55 ? 141 LYS A CA  1 
ATOM   1013 C C   . LYS A 1 135 ? 21.040  0.722   -2.344  1.00 39.99 ? 141 LYS A C   1 
ATOM   1014 O O   . LYS A 1 135 ? 20.331  1.438   -1.641  1.00 41.05 ? 141 LYS A O   1 
ATOM   1015 C CB  . LYS A 1 135 ? 23.003  -0.529  -1.430  1.00 42.50 ? 141 LYS A CB  1 
ATOM   1016 C CG  . LYS A 1 135 ? 23.365  -1.366  -0.210  1.00 47.08 ? 141 LYS A CG  1 
ATOM   1017 C CD  . LYS A 1 135 ? 24.836  -1.710  -0.206  1.00 44.57 ? 141 LYS A CD  1 
ATOM   1018 C CE  . LYS A 1 135 ? 25.053  -3.152  0.199   1.00 34.15 ? 141 LYS A CE  1 
ATOM   1019 N NZ  . LYS A 1 135 ? 24.285  -4.086  -0.673  1.00 43.53 ? 141 LYS A NZ  1 
ATOM   1020 N N   . GLU A 1 136 ? 21.403  1.053   -3.580  1.00 43.04 ? 142 GLU A N   1 
ATOM   1021 C CA  . GLU A 1 136 ? 21.031  2.329   -4.188  1.00 41.34 ? 142 GLU A CA  1 
ATOM   1022 C C   . GLU A 1 136 ? 19.515  2.481   -4.348  1.00 38.49 ? 142 GLU A C   1 
ATOM   1023 O O   . GLU A 1 136 ? 18.965  3.544   -4.063  1.00 39.42 ? 142 GLU A O   1 
ATOM   1024 C CB  . GLU A 1 136 ? 21.731  2.485   -5.546  1.00 44.57 ? 142 GLU A CB  1 
ATOM   1025 C CG  . GLU A 1 136 ? 21.378  1.410   -6.558  1.00 47.34 ? 142 GLU A CG  1 
ATOM   1026 C CD  . GLU A 1 136 ? 22.187  1.505   -7.834  1.00 58.59 ? 142 GLU A CD  1 
ATOM   1027 O OE1 . GLU A 1 136 ? 22.809  2.562   -8.069  1.00 66.25 ? 142 GLU A OE1 1 
ATOM   1028 O OE2 . GLU A 1 136 ? 22.197  0.521   -8.606  1.00 58.17 ? 142 GLU A OE2 1 
ATOM   1029 N N   . LEU A 1 137 ? 18.846  1.418   -4.789  1.00 38.61 ? 143 LEU A N   1 
ATOM   1030 C CA  . LEU A 1 137 ? 17.401  1.451   -4.997  1.00 33.43 ? 143 LEU A CA  1 
ATOM   1031 C C   . LEU A 1 137 ? 16.668  1.533   -3.666  1.00 34.68 ? 143 LEU A C   1 
ATOM   1032 O O   . LEU A 1 137 ? 15.689  2.268   -3.529  1.00 34.75 ? 143 LEU A O   1 
ATOM   1033 C CB  . LEU A 1 137 ? 16.937  0.220   -5.779  1.00 33.83 ? 143 LEU A CB  1 
ATOM   1034 C CG  . LEU A 1 137 ? 17.254  0.190   -7.275  1.00 33.77 ? 143 LEU A CG  1 
ATOM   1035 C CD1 . LEU A 1 137 ? 16.994  -1.193  -7.855  1.00 28.39 ? 143 LEU A CD1 1 
ATOM   1036 C CD2 . LEU A 1 137 ? 16.446  1.244   -8.015  1.00 34.40 ? 143 LEU A CD2 1 
ATOM   1037 N N   . GLU A 1 138 ? 17.148  0.768   -2.690  1.00 34.22 ? 144 GLU A N   1 
ATOM   1038 C CA  . GLU A 1 138 ? 16.567  0.778   -1.354  1.00 34.02 ? 144 GLU A CA  1 
ATOM   1039 C C   . GLU A 1 138 ? 16.659  2.165   -0.729  1.00 36.09 ? 144 GLU A C   1 
ATOM   1040 O O   . GLU A 1 138 ? 15.684  2.667   -0.178  1.00 32.43 ? 144 GLU A O   1 
ATOM   1041 C CB  . GLU A 1 138 ? 17.259  -0.250  -0.458  1.00 34.09 ? 144 GLU A CB  1 
ATOM   1042 C CG  . GLU A 1 138 ? 17.157  0.058   1.025   1.00 31.00 ? 144 GLU A CG  1 
ATOM   1043 C CD  . GLU A 1 138 ? 17.560  -1.112  1.895   1.00 30.29 ? 144 GLU A CD  1 
ATOM   1044 O OE1 . GLU A 1 138 ? 18.758  -1.460  1.907   1.00 37.33 ? 144 GLU A OE1 1 
ATOM   1045 O OE2 . GLU A 1 138 ? 16.679  -1.680  2.573   1.00 35.16 ? 144 GLU A OE2 1 
ATOM   1046 N N   . ASN A 1 139 ? 17.832  2.784   -0.825  1.00 36.68 ? 145 ASN A N   1 
ATOM   1047 C CA  . ASN A 1 139 ? 18.037  4.108   -0.252  1.00 38.00 ? 145 ASN A CA  1 
ATOM   1048 C C   . ASN A 1 139 ? 17.336  5.210   -1.042  1.00 36.30 ? 145 ASN A C   1 
ATOM   1049 O O   . ASN A 1 139 ? 17.059  6.282   -0.507  1.00 39.75 ? 145 ASN A O   1 
ATOM   1050 C CB  . ASN A 1 139 ? 19.533  4.417   -0.150  1.00 42.45 ? 145 ASN A CB  1 
ATOM   1051 C CG  . ASN A 1 139 ? 20.127  3.992   1.179   1.00 41.93 ? 145 ASN A CG  1 
ATOM   1052 O OD1 . ASN A 1 139 ? 20.671  2.895   1.308   1.00 41.07 ? 145 ASN A OD1 1 
ATOM   1053 N ND2 . ASN A 1 139 ? 20.025  4.862   2.179   1.00 43.83 ? 145 ASN A ND2 1 
ATOM   1054 N N   . LYS A 1 140 ? 17.047  4.948   -2.313  1.00 34.94 ? 146 LYS A N   1 
ATOM   1055 C CA  . LYS A 1 140 ? 16.390  5.946   -3.150  1.00 34.43 ? 146 LYS A CA  1 
ATOM   1056 C C   . LYS A 1 140 ? 14.885  5.971   -2.915  1.00 34.33 ? 146 LYS A C   1 
ATOM   1057 O O   . LYS A 1 140 ? 14.298  7.033   -2.710  1.00 35.35 ? 146 LYS A O   1 
ATOM   1058 C CB  . LYS A 1 140 ? 16.675  5.689   -4.630  1.00 34.14 ? 146 LYS A CB  1 
ATOM   1059 C CG  . LYS A 1 140 ? 16.447  6.909   -5.510  1.00 35.91 ? 146 LYS A CG  1 
ATOM   1060 C CD  . LYS A 1 140 ? 16.196  6.529   -6.960  1.00 35.53 ? 146 LYS A CD  1 
ATOM   1061 C CE  . LYS A 1 140 ? 16.073  7.771   -7.830  1.00 40.23 ? 146 LYS A CE  1 
ATOM   1062 N NZ  . LYS A 1 140 ? 15.259  8.830   -7.170  1.00 45.18 ? 146 LYS A NZ  1 
ATOM   1063 N N   . TYR A 1 141 ? 14.262  4.796   -2.943  1.00 34.36 ? 147 TYR A N   1 
ATOM   1064 C CA  . TYR A 1 141 ? 12.808  4.709   -2.856  1.00 33.23 ? 147 TYR A CA  1 
ATOM   1065 C C   . TYR A 1 141 ? 12.317  4.428   -1.442  1.00 31.66 ? 147 TYR A C   1 
ATOM   1066 O O   . TYR A 1 141 ? 11.205  4.806   -1.082  1.00 28.03 ? 147 TYR A O   1 
ATOM   1067 C CB  . TYR A 1 141 ? 12.287  3.641   -3.816  1.00 26.43 ? 147 TYR A CB  1 
ATOM   1068 C CG  . TYR A 1 141 ? 12.541  3.981   -5.265  1.00 28.59 ? 147 TYR A CG  1 
ATOM   1069 C CD1 . TYR A 1 141 ? 11.981  5.116   -5.835  1.00 30.15 ? 147 TYR A CD1 1 
ATOM   1070 C CD2 . TYR A 1 141 ? 13.342  3.174   -6.061  1.00 28.53 ? 147 TYR A CD2 1 
ATOM   1071 C CE1 . TYR A 1 141 ? 12.210  5.439   -7.157  1.00 29.58 ? 147 TYR A CE1 1 
ATOM   1072 C CE2 . TYR A 1 141 ? 13.575  3.488   -7.386  1.00 32.11 ? 147 TYR A CE2 1 
ATOM   1073 C CZ  . TYR A 1 141 ? 13.005  4.622   -7.929  1.00 30.71 ? 147 TYR A CZ  1 
ATOM   1074 O OH  . TYR A 1 141 ? 13.232  4.943   -9.247  1.00 37.44 ? 147 TYR A OH  1 
ATOM   1075 N N   . PHE A 1 142 ? 13.146  3.778   -0.634  1.00 31.03 ? 148 PHE A N   1 
ATOM   1076 C CA  . PHE A 1 142 ? 12.797  3.543   0.762   1.00 33.82 ? 148 PHE A CA  1 
ATOM   1077 C C   . PHE A 1 142 ? 13.844  4.139   1.702   1.00 34.34 ? 148 PHE A C   1 
ATOM   1078 O O   . PHE A 1 142 ? 14.540  3.400   2.397   1.00 37.10 ? 148 PHE A O   1 
ATOM   1079 C CB  . PHE A 1 142 ? 12.646  2.042   1.023   1.00 29.73 ? 148 PHE A CB  1 
ATOM   1080 C CG  . PHE A 1 142 ? 11.790  1.339   0.010   1.00 26.84 ? 148 PHE A CG  1 
ATOM   1081 C CD1 . PHE A 1 142 ? 10.409  1.366   0.116   1.00 23.06 ? 148 PHE A CD1 1 
ATOM   1082 C CD2 . PHE A 1 142 ? 12.364  0.659   -1.051  1.00 24.86 ? 148 PHE A CD2 1 
ATOM   1083 C CE1 . PHE A 1 142 ? 9.618   0.726   -0.816  1.00 21.59 ? 148 PHE A CE1 1 
ATOM   1084 C CE2 . PHE A 1 142 ? 11.578  0.017   -1.987  1.00 23.44 ? 148 PHE A CE2 1 
ATOM   1085 C CZ  . PHE A 1 142 ? 10.203  0.050   -1.868  1.00 22.64 ? 148 PHE A CZ  1 
ATOM   1086 N N   . PRO A 1 143 ? 13.963  5.480   1.727   1.00 36.73 ? 149 PRO A N   1 
ATOM   1087 C CA  . PRO A 1 143 ? 15.050  6.110   2.481   1.00 37.49 ? 149 PRO A CA  1 
ATOM   1088 C C   . PRO A 1 143 ? 14.738  6.238   3.968   1.00 37.81 ? 149 PRO A C   1 
ATOM   1089 O O   . PRO A 1 143 ? 13.578  6.121   4.376   1.00 32.94 ? 149 PRO A O   1 
ATOM   1090 C CB  . PRO A 1 143 ? 15.165  7.485   1.828   1.00 37.72 ? 149 PRO A CB  1 
ATOM   1091 C CG  . PRO A 1 143 ? 13.765  7.795   1.431   1.00 33.39 ? 149 PRO A CG  1 
ATOM   1092 C CD  . PRO A 1 143 ? 13.145  6.481   1.020   1.00 33.54 ? 149 PRO A CD  1 
ATOM   1093 N N   . SER A 1 144 ? 15.736  6.400   4.811   1.00 40.56 ? 150 SER A N   1 
ATOM   1094 C CA  . SER A 1 144 ? 15.568  6.251   6.242   1.00 39.78 ? 150 SER A CA  1 
ATOM   1095 C C   . SER A 1 144 ? 14.849  7.331   7.040   1.00 41.34 ? 150 SER A C   1 
ATOM   1096 O O   . SER A 1 144 ? 14.266  8.243   6.527   1.00 44.00 ? 150 SER A O   1 
ATOM   1097 C CB  . SER A 1 144 ? 16.930  5.980   6.900   1.00 47.84 ? 150 SER A CB  1 
ATOM   1098 O OG  . SER A 1 144 ? 17.128  4.634   7.217   1.00 45.31 ? 150 SER A OG  1 
ATOM   1099 N N   . LYS A 1 145 ? 14.907  7.144   8.345   1.00 30.00 ? 151 LYS A N   1 
ATOM   1100 C CA  . LYS A 1 145 ? 14.560  8.112   9.379   1.00 30.00 ? 151 LYS A CA  1 
ATOM   1101 C C   . LYS A 1 145 ? 14.168  9.486   8.919   1.00 30.00 ? 151 LYS A C   1 
ATOM   1102 O O   . LYS A 1 145 ? 13.496  10.194  9.644   1.00 30.00 ? 151 LYS A O   1 
ATOM   1103 C CB  . LYS A 1 145 ? 15.686  8.215   10.374  1.00 30.00 ? 151 LYS A CB  1 
HETATM 1104 O O   . HOH B 2 .   ? -13.503 1.824   12.483  1.00 50.22 ? 201 HOH A O   1 
HETATM 1105 O O   . HOH B 2 .   ? -6.475  -0.640  -13.287 1.00 27.50 ? 202 HOH A O   1 
HETATM 1106 O O   . HOH B 2 .   ? -12.137 2.148   -11.402 1.00 39.45 ? 203 HOH A O   1 
HETATM 1107 O O   . HOH B 2 .   ? -2.347  0.983   9.344   1.00 25.50 ? 204 HOH A O   1 
HETATM 1108 O O   . HOH B 2 .   ? 0.978   -7.716  -6.896  1.00 22.25 ? 205 HOH A O   1 
HETATM 1109 O O   . HOH B 2 .   ? 0.922   11.258  -11.959 1.00 28.84 ? 206 HOH A O   1 
HETATM 1110 O O   . HOH B 2 .   ? -0.454  0.137   16.234  1.00 28.35 ? 207 HOH A O   1 
HETATM 1111 O O   . HOH B 2 .   ? 11.258  -0.124  -9.778  1.00 38.79 ? 208 HOH A O   1 
HETATM 1112 O O   . HOH B 2 .   ? 10.333  -10.259 3.122   1.00 18.88 ? 209 HOH A O   1 
HETATM 1113 O O   . HOH B 2 .   ? 2.534   8.473   5.621   1.00 17.71 ? 210 HOH A O   1 
HETATM 1114 O O   . HOH B 2 .   ? -5.229  -9.516  7.860   1.00 25.90 ? 211 HOH A O   1 
HETATM 1115 O O   . HOH B 2 .   ? -10.161 -2.858  -10.933 1.00 30.32 ? 212 HOH A O   1 
HETATM 1116 O O   . HOH B 2 .   ? 8.593   -10.831 9.871   1.00 26.17 ? 213 HOH A O   1 
HETATM 1117 O O   . HOH B 2 .   ? 13.748  1.563   -11.499 1.00 38.36 ? 214 HOH A O   1 
HETATM 1118 O O   . HOH B 2 .   ? -3.458  9.947   8.241   1.00 20.81 ? 215 HOH A O   1 
HETATM 1119 O O   . HOH B 2 .   ? 5.237   -11.312 -0.694  1.00 20.48 ? 216 HOH A O   1 
HETATM 1120 O O   . HOH B 2 .   ? 4.686   8.280   -6.371  1.00 20.65 ? 217 HOH A O   1 
HETATM 1121 O O   . HOH B 2 .   ? -8.010  -4.586  -6.628  1.00 24.86 ? 218 HOH A O   1 
HETATM 1122 O O   . HOH B 2 .   ? 3.241   7.444   9.415   1.00 19.64 ? 219 HOH A O   1 
HETATM 1123 O O   . HOH B 2 .   ? -7.609  -16.039 -0.323  1.00 35.60 ? 220 HOH A O   1 
HETATM 1124 O O   . HOH B 2 .   ? 0.395   13.184  -6.809  1.00 26.59 ? 221 HOH A O   1 
HETATM 1125 O O   . HOH B 2 .   ? 6.763   -9.816  -10.047 1.00 25.28 ? 222 HOH A O   1 
HETATM 1126 O O   . HOH B 2 .   ? 5.370   7.902   5.652   1.00 17.87 ? 223 HOH A O   1 
HETATM 1127 O O   . HOH B 2 .   ? -4.077  -1.246  9.090   1.00 23.86 ? 224 HOH A O   1 
HETATM 1128 O O   . HOH B 2 .   ? 6.800   9.971   5.517   1.00 23.31 ? 225 HOH A O   1 
HETATM 1129 O O   . HOH B 2 .   ? 11.580  8.526   -3.095  1.00 29.31 ? 226 HOH A O   1 
HETATM 1130 O O   . HOH B 2 .   ? 7.238   -10.367 16.656  1.00 46.30 ? 227 HOH A O   1 
HETATM 1131 O O   . HOH B 2 .   ? 3.328   -10.275 -13.369 1.00 30.42 ? 228 HOH A O   1 
HETATM 1132 O O   . HOH B 2 .   ? 9.441   -11.696 18.408  1.00 40.93 ? 229 HOH A O   1 
HETATM 1133 O O   . HOH B 2 .   ? 24.759  -1.343  -12.091 1.00 42.98 ? 230 HOH A O   1 
# 
loop_
_pdbx_poly_seq_scheme.asym_id 
_pdbx_poly_seq_scheme.entity_id 
_pdbx_poly_seq_scheme.seq_id 
_pdbx_poly_seq_scheme.mon_id 
_pdbx_poly_seq_scheme.ndb_seq_num 
_pdbx_poly_seq_scheme.pdb_seq_num 
_pdbx_poly_seq_scheme.auth_seq_num 
_pdbx_poly_seq_scheme.pdb_mon_id 
_pdbx_poly_seq_scheme.auth_mon_id 
_pdbx_poly_seq_scheme.pdb_strand_id 
_pdbx_poly_seq_scheme.pdb_ins_code 
_pdbx_poly_seq_scheme.hetero 
A 1 1   ASP 1   7   7   ASP ASP A . n 
A 1 2   ALA 2   8   8   ALA ALA A . n 
A 1 3   VAL 3   9   9   VAL VAL A . n 
A 1 4   VAL 4   10  10  VAL VAL A . n 
A 1 5   GLY 5   11  11  GLY GLY A . n 
A 1 6   SER 6   12  12  SER SER A . n 
A 1 7   ILE 7   13  13  ILE ILE A . n 
A 1 8   ALA 8   14  14  ALA ALA A . n 
A 1 9   VAL 9   15  15  VAL VAL A . n 
A 1 10  PRO 10  16  16  PRO PRO A . n 
A 1 11  SER 11  17  17  SER SER A . n 
A 1 12  VAL 12  18  18  VAL VAL A . n 
A 1 13  ASP 13  19  19  ASP ASP A . n 
A 1 14  VAL 14  20  20  VAL VAL A . n 
A 1 15  ASN 15  21  21  ASN ASN A . n 
A 1 16  LEU 16  22  22  LEU LEU A . n 
A 1 17  LEU 17  23  23  LEU LEU A . n 
A 1 18  VAL 18  24  24  VAL VAL A . n 
A 1 19  PHE 19  25  25  PHE PHE A . n 
A 1 20  LYS 20  26  26  LYS LYS A . n 
A 1 21  GLY 21  27  27  GLY GLY A . n 
A 1 22  THR 22  28  28  THR THR A . n 
A 1 23  ASN 23  29  29  ASN ASN A . n 
A 1 24  THR 24  30  30  THR THR A . n 
A 1 25  ALA 25  31  31  ALA ALA A . n 
A 1 26  ASN 26  32  32  ASN ASN A . n 
A 1 27  LEU 27  33  33  LEU LEU A . n 
A 1 28  LEU 28  34  34  LEU LEU A . n 
A 1 29  ALA 29  35  35  ALA ALA A . n 
A 1 30  GLY 30  36  36  GLY GLY A . n 
A 1 31  ALA 31  37  37  ALA ALA A . n 
A 1 32  THR 32  38  38  THR THR A . n 
A 1 33  THR 33  39  39  THR THR A . n 
A 1 34  MET 34  40  40  MET MET A . n 
A 1 35  ARG 35  41  41  ARG ARG A . n 
A 1 36  SER 36  42  42  SER SER A . n 
A 1 37  ASP 37  43  43  ASP ASP A . n 
A 1 38  GLN 38  44  44  GLN GLN A . n 
A 1 39  VAL 39  45  45  VAL VAL A . n 
A 1 40  MET 40  46  46  MET MET A . n 
A 1 41  GLY 41  47  47  GLY GLY A . n 
A 1 42  LYS 42  48  48  LYS LYS A . n 
A 1 43  GLY 43  49  49  GLY GLY A . n 
A 1 44  ASN 44  50  50  ASN ASN A . n 
A 1 45  TYR 45  51  51  TYR TYR A . n 
A 1 46  PRO 46  52  52  PRO PRO A . n 
A 1 47  LEU 47  53  53  LEU LEU A . n 
A 1 48  ALA 48  54  54  ALA ALA A . n 
A 1 49  GLY 49  55  55  GLY GLY A . n 
A 1 50  HIS 50  56  56  HIS HIS A . n 
A 1 51  HIS 51  57  57  HIS HIS A . n 
A 1 52  MET 52  58  58  MET MET A . n 
A 1 53  ARG 53  59  59  ARG ARG A . n 
A 1 54  ASP 54  60  60  ASP ASP A . n 
A 1 55  GLU 55  61  61  GLU GLU A . n 
A 1 56  SER 56  62  62  SER SER A . n 
A 1 57  MET 57  63  63  MET MET A . n 
A 1 58  LEU 58  64  64  LEU LEU A . n 
A 1 59  PHE 59  65  65  PHE PHE A . n 
A 1 60  GLY 60  66  66  GLY GLY A . n 
A 1 61  PRO 61  67  67  PRO PRO A . n 
A 1 62  ILE 62  68  68  ILE ILE A . n 
A 1 63  MET 63  69  69  MET MET A . n 
A 1 64  LYS 64  70  70  LYS LYS A . n 
A 1 65  VAL 65  71  71  VAL VAL A . n 
A 1 66  LYS 66  72  72  LYS LYS A . n 
A 1 67  LYS 67  73  73  LYS LYS A . n 
A 1 68  GLY 68  74  74  GLY GLY A . n 
A 1 69  ASP 69  75  75  ASP ASP A . n 
A 1 70  LYS 70  76  76  LYS LYS A . n 
A 1 71  ILE 71  77  77  ILE ILE A . n 
A 1 72  TYR 72  78  78  TYR TYR A . n 
A 1 73  LEU 73  79  79  LEU LEU A . n 
A 1 74  THR 74  80  80  THR THR A . n 
A 1 75  ASP 75  81  81  ASP ASP A . n 
A 1 76  LEU 76  82  82  LEU LEU A . n 
A 1 77  GLU 77  83  83  GLU GLU A . n 
A 1 78  ASN 78  84  84  ASN ASN A . n 
A 1 79  LEU 79  85  85  LEU LEU A . n 
A 1 80  TYR 80  86  86  TYR TYR A . n 
A 1 81  GLU 81  87  87  GLU GLU A . n 
A 1 82  TYR 82  88  88  TYR TYR A . n 
A 1 83  THR 83  89  89  THR THR A . n 
A 1 84  VAL 84  90  90  VAL VAL A . n 
A 1 85  THR 85  91  91  THR THR A . n 
A 1 86  GLU 86  92  92  GLU GLU A . n 
A 1 87  THR 87  93  93  THR THR A . n 
A 1 88  LYS 88  94  94  LYS LYS A . n 
A 1 89  THR 89  95  95  THR THR A . n 
A 1 90  ILE 90  96  96  ILE ILE A . n 
A 1 91  ASP 91  97  97  ASP ASP A . n 
A 1 92  GLU 92  98  98  GLU GLU A . n 
A 1 93  THR 93  99  99  THR THR A . n 
A 1 94  GLU 94  100 100 GLU GLU A . n 
A 1 95  VAL 95  101 101 VAL VAL A . n 
A 1 96  SER 96  102 102 SER SER A . n 
A 1 97  VAL 97  103 103 VAL VAL A . n 
A 1 98  ILE 98  104 104 ILE ILE A . n 
A 1 99  ASP 99  105 105 ASP ASP A . n 
A 1 100 ASN 100 106 106 ASN ASN A . n 
A 1 101 THR 101 107 107 THR THR A . n 
A 1 102 LYS 102 108 108 LYS LYS A . n 
A 1 103 ASP 103 109 109 ASP ASP A . n 
A 1 104 ALA 104 110 110 ALA ALA A . n 
A 1 105 ARG 105 111 111 ARG ARG A . n 
A 1 106 ILE 106 112 112 ILE ILE A . n 
A 1 107 THR 107 113 113 THR THR A . n 
A 1 108 LEU 108 114 114 LEU LEU A . n 
A 1 109 ILE 109 115 115 ILE ILE A . n 
A 1 110 THR 110 116 116 THR THR A . n 
A 1 111 CYS 111 117 117 CYS CYS A . n 
A 1 112 ASP 112 118 118 ASP ASP A . n 
A 1 113 LYS 113 119 119 LYS LYS A . n 
A 1 114 PRO 114 120 120 PRO PRO A . n 
A 1 115 THR 115 121 121 THR THR A . n 
A 1 116 GLU 116 122 122 GLU GLU A . n 
A 1 117 THR 117 123 123 THR THR A . n 
A 1 118 THR 118 124 124 THR THR A . n 
A 1 119 LYS 119 125 125 LYS LYS A . n 
A 1 120 ARG 120 126 126 ARG ARG A . n 
A 1 121 PHE 121 127 127 PHE PHE A . n 
A 1 122 VAL 122 128 128 VAL VAL A . n 
A 1 123 ALA 123 129 129 ALA ALA A . n 
A 1 124 VAL 124 130 130 VAL VAL A . n 
A 1 125 GLY 125 131 131 GLY GLY A . n 
A 1 126 GLU 126 132 132 GLU GLU A . n 
A 1 127 LEU 127 133 133 LEU LEU A . n 
A 1 128 GLU 128 134 134 GLU GLU A . n 
A 1 129 LYS 129 135 135 LYS LYS A . n 
A 1 130 THR 130 136 136 THR THR A . n 
A 1 131 GLU 131 137 137 GLU GLU A . n 
A 1 132 LYS 132 138 138 LYS LYS A . n 
A 1 133 LEU 133 139 139 LEU LEU A . n 
A 1 134 THR 134 140 140 THR THR A . n 
A 1 135 LYS 135 141 141 LYS LYS A . n 
A 1 136 GLU 136 142 142 GLU GLU A . n 
A 1 137 LEU 137 143 143 LEU LEU A . n 
A 1 138 GLU 138 144 144 GLU GLU A . n 
A 1 139 ASN 139 145 145 ASN ASN A . n 
A 1 140 LYS 140 146 146 LYS LYS A . n 
A 1 141 TYR 141 147 147 TYR TYR A . n 
A 1 142 PHE 142 148 148 PHE PHE A . n 
A 1 143 PRO 143 149 149 PRO PRO A . n 
A 1 144 SER 144 150 150 SER SER A . n 
A 1 145 LYS 145 151 151 LYS ALA A . n 
# 
loop_
_pdbx_nonpoly_scheme.asym_id 
_pdbx_nonpoly_scheme.entity_id 
_pdbx_nonpoly_scheme.mon_id 
_pdbx_nonpoly_scheme.ndb_seq_num 
_pdbx_nonpoly_scheme.pdb_seq_num 
_pdbx_nonpoly_scheme.auth_seq_num 
_pdbx_nonpoly_scheme.pdb_mon_id 
_pdbx_nonpoly_scheme.auth_mon_id 
_pdbx_nonpoly_scheme.pdb_strand_id 
_pdbx_nonpoly_scheme.pdb_ins_code 
B 2 HOH 1  201 45 HOH HOH A . 
B 2 HOH 2  202 1  HOH HOH A . 
B 2 HOH 3  203 31 HOH HOH A . 
B 2 HOH 4  204 2  HOH HOH A . 
B 2 HOH 5  205 10 HOH HOH A . 
B 2 HOH 6  206 55 HOH HOH A . 
B 2 HOH 7  207 28 HOH HOH A . 
B 2 HOH 8  208 43 HOH HOH A . 
B 2 HOH 9  209 6  HOH HOH A . 
B 2 HOH 10 210 34 HOH HOH A . 
B 2 HOH 11 211 24 HOH HOH A . 
B 2 HOH 12 212 3  HOH HOH A . 
B 2 HOH 13 213 16 HOH HOH A . 
B 2 HOH 14 214 42 HOH HOH A . 
B 2 HOH 15 215 11 HOH HOH A . 
B 2 HOH 16 216 5  HOH HOH A . 
B 2 HOH 17 217 7  HOH HOH A . 
B 2 HOH 18 218 50 HOH HOH A . 
B 2 HOH 19 219 15 HOH HOH A . 
B 2 HOH 20 220 27 HOH HOH A . 
B 2 HOH 21 221 20 HOH HOH A . 
B 2 HOH 22 222 38 HOH HOH A . 
B 2 HOH 23 223 39 HOH HOH A . 
B 2 HOH 24 224 9  HOH HOH A . 
B 2 HOH 25 225 17 HOH HOH A . 
B 2 HOH 26 226 51 HOH HOH A . 
B 2 HOH 27 227 26 HOH HOH A . 
B 2 HOH 28 228 46 HOH HOH A . 
B 2 HOH 29 229 23 HOH HOH A . 
B 2 HOH 30 230 53 HOH HOH A . 
# 
_pdbx_struct_assembly.id                   1 
_pdbx_struct_assembly.details              author_defined_assembly 
_pdbx_struct_assembly.method_details       ? 
_pdbx_struct_assembly.oligomeric_details   monomeric 
_pdbx_struct_assembly.oligomeric_count     1 
# 
_pdbx_struct_assembly_gen.assembly_id       1 
_pdbx_struct_assembly_gen.oper_expression   1 
_pdbx_struct_assembly_gen.asym_id_list      A,B 
# 
loop_
_pdbx_struct_assembly_prop.biol_id 
_pdbx_struct_assembly_prop.type 
_pdbx_struct_assembly_prop.value 
_pdbx_struct_assembly_prop.details 
1 'ABSA (A^2)' 0    ? 
1 MORE         0    ? 
1 'SSA (A^2)'  7460 ? 
# 
_pdbx_struct_oper_list.id                   1 
_pdbx_struct_oper_list.type                 'identity operation' 
_pdbx_struct_oper_list.name                 1_555 
_pdbx_struct_oper_list.symmetry_operation   x,y,z 
_pdbx_struct_oper_list.matrix[1][1]         1.0000000000 
_pdbx_struct_oper_list.matrix[1][2]         0.0000000000 
_pdbx_struct_oper_list.matrix[1][3]         0.0000000000 
_pdbx_struct_oper_list.vector[1]            0.0000000000 
_pdbx_struct_oper_list.matrix[2][1]         0.0000000000 
_pdbx_struct_oper_list.matrix[2][2]         1.0000000000 
_pdbx_struct_oper_list.matrix[2][3]         0.0000000000 
_pdbx_struct_oper_list.vector[2]            0.0000000000 
_pdbx_struct_oper_list.matrix[3][1]         0.0000000000 
_pdbx_struct_oper_list.matrix[3][2]         0.0000000000 
_pdbx_struct_oper_list.matrix[3][3]         1.0000000000 
_pdbx_struct_oper_list.vector[3]            0.0000000000 
# 
loop_
_pdbx_audit_revision_history.ordinal 
_pdbx_audit_revision_history.data_content_type 
_pdbx_audit_revision_history.major_revision 
_pdbx_audit_revision_history.minor_revision 
_pdbx_audit_revision_history.revision_date 
1 'Structure model' 1 0 2017-02-01 
2 'Structure model' 1 1 2023-11-08 
# 
_pdbx_audit_revision_details.ordinal             1 
_pdbx_audit_revision_details.revision_ordinal    1 
_pdbx_audit_revision_details.data_content_type   'Structure model' 
_pdbx_audit_revision_details.provider            repository 
_pdbx_audit_revision_details.type                'Initial release' 
_pdbx_audit_revision_details.description         ? 
_pdbx_audit_revision_details.details             ? 
# 
loop_
_pdbx_audit_revision_group.ordinal 
_pdbx_audit_revision_group.revision_ordinal 
_pdbx_audit_revision_group.data_content_type 
_pdbx_audit_revision_group.group 
1 2 'Structure model' 'Data collection'        
2 2 'Structure model' 'Database references'    
3 2 'Structure model' 'Refinement description' 
# 
loop_
_pdbx_audit_revision_category.ordinal 
_pdbx_audit_revision_category.revision_ordinal 
_pdbx_audit_revision_category.data_content_type 
_pdbx_audit_revision_category.category 
1 2 'Structure model' chem_comp_atom                
2 2 'Structure model' chem_comp_bond                
3 2 'Structure model' database_2                    
4 2 'Structure model' pdbx_initial_refinement_model 
# 
loop_
_pdbx_audit_revision_item.ordinal 
_pdbx_audit_revision_item.revision_ordinal 
_pdbx_audit_revision_item.data_content_type 
_pdbx_audit_revision_item.item 
1 2 'Structure model' '_database_2.pdbx_DOI'                
2 2 'Structure model' '_database_2.pdbx_database_accession' 
# 
loop_
_software.citation_id 
_software.classification 
_software.compiler_name 
_software.compiler_version 
_software.contact_author 
_software.contact_author_email 
_software.date 
_software.description 
_software.dependencies 
_software.hardware 
_software.language 
_software.location 
_software.mods 
_software.name 
_software.os 
_software.os_version 
_software.type 
_software.version 
_software.pdbx_ordinal 
? 'data scaling'    ? ? ? ? ? ? ? ? ? ? ? HKL-2000    ? ? ? .        1 
? refinement        ? ? ? ? ? ? ? ? ? ? ? PHENIX      ? ? ? 1.9_1692 2 
? 'data extraction' ? ? ? ? ? ? ? ? ? ? ? PDB_EXTRACT ? ? ? 3.20     3 
# 
loop_
_pdbx_validate_symm_contact.id 
_pdbx_validate_symm_contact.PDB_model_num 
_pdbx_validate_symm_contact.auth_atom_id_1 
_pdbx_validate_symm_contact.auth_asym_id_1 
_pdbx_validate_symm_contact.auth_comp_id_1 
_pdbx_validate_symm_contact.auth_seq_id_1 
_pdbx_validate_symm_contact.PDB_ins_code_1 
_pdbx_validate_symm_contact.label_alt_id_1 
_pdbx_validate_symm_contact.site_symmetry_1 
_pdbx_validate_symm_contact.auth_atom_id_2 
_pdbx_validate_symm_contact.auth_asym_id_2 
_pdbx_validate_symm_contact.auth_comp_id_2 
_pdbx_validate_symm_contact.auth_seq_id_2 
_pdbx_validate_symm_contact.PDB_ins_code_2 
_pdbx_validate_symm_contact.label_alt_id_2 
_pdbx_validate_symm_contact.site_symmetry_2 
_pdbx_validate_symm_contact.dist 
1 1 N   A ASP 97  ? ? 1_555 CB A LYS 151 ? ? 1_455 2.06 
2 1 OE1 A GLU 100 ? ? 1_555 OG A SER 150 ? ? 1_455 2.14 
# 
_pdbx_validate_torsion.id              1 
_pdbx_validate_torsion.PDB_model_num   1 
_pdbx_validate_torsion.auth_comp_id    LEU 
_pdbx_validate_torsion.auth_asym_id    A 
_pdbx_validate_torsion.auth_seq_id     64 
_pdbx_validate_torsion.PDB_ins_code    ? 
_pdbx_validate_torsion.label_alt_id    ? 
_pdbx_validate_torsion.phi             52.39 
_pdbx_validate_torsion.psi             -118.84 
# 
loop_
_pdbx_unobs_or_zero_occ_atoms.id 
_pdbx_unobs_or_zero_occ_atoms.PDB_model_num 
_pdbx_unobs_or_zero_occ_atoms.polymer_flag 
_pdbx_unobs_or_zero_occ_atoms.occupancy_flag 
_pdbx_unobs_or_zero_occ_atoms.auth_asym_id 
_pdbx_unobs_or_zero_occ_atoms.auth_comp_id 
_pdbx_unobs_or_zero_occ_atoms.auth_seq_id 
_pdbx_unobs_or_zero_occ_atoms.PDB_ins_code 
_pdbx_unobs_or_zero_occ_atoms.auth_atom_id 
_pdbx_unobs_or_zero_occ_atoms.label_alt_id 
_pdbx_unobs_or_zero_occ_atoms.label_asym_id 
_pdbx_unobs_or_zero_occ_atoms.label_comp_id 
_pdbx_unobs_or_zero_occ_atoms.label_seq_id 
_pdbx_unobs_or_zero_occ_atoms.label_atom_id 
1  1 Y 1 A LEU 33  ? CG  ? A LEU 27  CG  
2  1 Y 1 A LEU 33  ? CD1 ? A LEU 27  CD1 
3  1 Y 1 A LEU 33  ? CD2 ? A LEU 27  CD2 
4  1 Y 1 A LYS 48  ? CG  ? A LYS 42  CG  
5  1 Y 1 A LYS 48  ? CD  ? A LYS 42  CD  
6  1 Y 1 A LYS 48  ? CE  ? A LYS 42  CE  
7  1 Y 1 A LYS 48  ? NZ  ? A LYS 42  NZ  
8  1 Y 1 A LYS 70  ? CG  ? A LYS 64  CG  
9  1 Y 1 A LYS 70  ? CD  ? A LYS 64  CD  
10 1 Y 1 A LYS 70  ? CE  ? A LYS 64  CE  
11 1 Y 1 A LYS 70  ? NZ  ? A LYS 64  NZ  
12 1 Y 1 A LYS 72  ? CG  ? A LYS 66  CG  
13 1 Y 1 A LYS 72  ? CD  ? A LYS 66  CD  
14 1 Y 1 A LYS 72  ? CE  ? A LYS 66  CE  
15 1 Y 1 A LYS 72  ? NZ  ? A LYS 66  NZ  
16 1 Y 1 A LYS 73  ? CG  ? A LYS 67  CG  
17 1 Y 1 A LYS 73  ? CD  ? A LYS 67  CD  
18 1 Y 1 A LYS 73  ? CE  ? A LYS 67  CE  
19 1 Y 1 A LYS 73  ? NZ  ? A LYS 67  NZ  
20 1 Y 1 A LYS 151 ? CG  ? A LYS 145 CG  
21 1 Y 1 A LYS 151 ? CD  ? A LYS 145 CD  
22 1 Y 1 A LYS 151 ? CE  ? A LYS 145 CE  
23 1 Y 1 A LYS 151 ? NZ  ? A LYS 145 NZ  
# 
loop_
_chem_comp_atom.comp_id 
_chem_comp_atom.atom_id 
_chem_comp_atom.type_symbol 
_chem_comp_atom.pdbx_aromatic_flag 
_chem_comp_atom.pdbx_stereo_config 
_chem_comp_atom.pdbx_ordinal 
ALA N    N N N 1   
ALA CA   C N S 2   
ALA C    C N N 3   
ALA O    O N N 4   
ALA CB   C N N 5   
ALA OXT  O N N 6   
ALA H    H N N 7   
ALA H2   H N N 8   
ALA HA   H N N 9   
ALA HB1  H N N 10  
ALA HB2  H N N 11  
ALA HB3  H N N 12  
ALA HXT  H N N 13  
ARG N    N N N 14  
ARG CA   C N S 15  
ARG C    C N N 16  
ARG O    O N N 17  
ARG CB   C N N 18  
ARG CG   C N N 19  
ARG CD   C N N 20  
ARG NE   N N N 21  
ARG CZ   C N N 22  
ARG NH1  N N N 23  
ARG NH2  N N N 24  
ARG OXT  O N N 25  
ARG H    H N N 26  
ARG H2   H N N 27  
ARG HA   H N N 28  
ARG HB2  H N N 29  
ARG HB3  H N N 30  
ARG HG2  H N N 31  
ARG HG3  H N N 32  
ARG HD2  H N N 33  
ARG HD3  H N N 34  
ARG HE   H N N 35  
ARG HH11 H N N 36  
ARG HH12 H N N 37  
ARG HH21 H N N 38  
ARG HH22 H N N 39  
ARG HXT  H N N 40  
ASN N    N N N 41  
ASN CA   C N S 42  
ASN C    C N N 43  
ASN O    O N N 44  
ASN CB   C N N 45  
ASN CG   C N N 46  
ASN OD1  O N N 47  
ASN ND2  N N N 48  
ASN OXT  O N N 49  
ASN H    H N N 50  
ASN H2   H N N 51  
ASN HA   H N N 52  
ASN HB2  H N N 53  
ASN HB3  H N N 54  
ASN HD21 H N N 55  
ASN HD22 H N N 56  
ASN HXT  H N N 57  
ASP N    N N N 58  
ASP CA   C N S 59  
ASP C    C N N 60  
ASP O    O N N 61  
ASP CB   C N N 62  
ASP CG   C N N 63  
ASP OD1  O N N 64  
ASP OD2  O N N 65  
ASP OXT  O N N 66  
ASP H    H N N 67  
ASP H2   H N N 68  
ASP HA   H N N 69  
ASP HB2  H N N 70  
ASP HB3  H N N 71  
ASP HD2  H N N 72  
ASP HXT  H N N 73  
CYS N    N N N 74  
CYS CA   C N R 75  
CYS C    C N N 76  
CYS O    O N N 77  
CYS CB   C N N 78  
CYS SG   S N N 79  
CYS OXT  O N N 80  
CYS H    H N N 81  
CYS H2   H N N 82  
CYS HA   H N N 83  
CYS HB2  H N N 84  
CYS HB3  H N N 85  
CYS HG   H N N 86  
CYS HXT  H N N 87  
GLN N    N N N 88  
GLN CA   C N S 89  
GLN C    C N N 90  
GLN O    O N N 91  
GLN CB   C N N 92  
GLN CG   C N N 93  
GLN CD   C N N 94  
GLN OE1  O N N 95  
GLN NE2  N N N 96  
GLN OXT  O N N 97  
GLN H    H N N 98  
GLN H2   H N N 99  
GLN HA   H N N 100 
GLN HB2  H N N 101 
GLN HB3  H N N 102 
GLN HG2  H N N 103 
GLN HG3  H N N 104 
GLN HE21 H N N 105 
GLN HE22 H N N 106 
GLN HXT  H N N 107 
GLU N    N N N 108 
GLU CA   C N S 109 
GLU C    C N N 110 
GLU O    O N N 111 
GLU CB   C N N 112 
GLU CG   C N N 113 
GLU CD   C N N 114 
GLU OE1  O N N 115 
GLU OE2  O N N 116 
GLU OXT  O N N 117 
GLU H    H N N 118 
GLU H2   H N N 119 
GLU HA   H N N 120 
GLU HB2  H N N 121 
GLU HB3  H N N 122 
GLU HG2  H N N 123 
GLU HG3  H N N 124 
GLU HE2  H N N 125 
GLU HXT  H N N 126 
GLY N    N N N 127 
GLY CA   C N N 128 
GLY C    C N N 129 
GLY O    O N N 130 
GLY OXT  O N N 131 
GLY H    H N N 132 
GLY H2   H N N 133 
GLY HA2  H N N 134 
GLY HA3  H N N 135 
GLY HXT  H N N 136 
HIS N    N N N 137 
HIS CA   C N S 138 
HIS C    C N N 139 
HIS O    O N N 140 
HIS CB   C N N 141 
HIS CG   C Y N 142 
HIS ND1  N Y N 143 
HIS CD2  C Y N 144 
HIS CE1  C Y N 145 
HIS NE2  N Y N 146 
HIS OXT  O N N 147 
HIS H    H N N 148 
HIS H2   H N N 149 
HIS HA   H N N 150 
HIS HB2  H N N 151 
HIS HB3  H N N 152 
HIS HD1  H N N 153 
HIS HD2  H N N 154 
HIS HE1  H N N 155 
HIS HE2  H N N 156 
HIS HXT  H N N 157 
HOH O    O N N 158 
HOH H1   H N N 159 
HOH H2   H N N 160 
ILE N    N N N 161 
ILE CA   C N S 162 
ILE C    C N N 163 
ILE O    O N N 164 
ILE CB   C N S 165 
ILE CG1  C N N 166 
ILE CG2  C N N 167 
ILE CD1  C N N 168 
ILE OXT  O N N 169 
ILE H    H N N 170 
ILE H2   H N N 171 
ILE HA   H N N 172 
ILE HB   H N N 173 
ILE HG12 H N N 174 
ILE HG13 H N N 175 
ILE HG21 H N N 176 
ILE HG22 H N N 177 
ILE HG23 H N N 178 
ILE HD11 H N N 179 
ILE HD12 H N N 180 
ILE HD13 H N N 181 
ILE HXT  H N N 182 
LEU N    N N N 183 
LEU CA   C N S 184 
LEU C    C N N 185 
LEU O    O N N 186 
LEU CB   C N N 187 
LEU CG   C N N 188 
LEU CD1  C N N 189 
LEU CD2  C N N 190 
LEU OXT  O N N 191 
LEU H    H N N 192 
LEU H2   H N N 193 
LEU HA   H N N 194 
LEU HB2  H N N 195 
LEU HB3  H N N 196 
LEU HG   H N N 197 
LEU HD11 H N N 198 
LEU HD12 H N N 199 
LEU HD13 H N N 200 
LEU HD21 H N N 201 
LEU HD22 H N N 202 
LEU HD23 H N N 203 
LEU HXT  H N N 204 
LYS N    N N N 205 
LYS CA   C N S 206 
LYS C    C N N 207 
LYS O    O N N 208 
LYS CB   C N N 209 
LYS CG   C N N 210 
LYS CD   C N N 211 
LYS CE   C N N 212 
LYS NZ   N N N 213 
LYS OXT  O N N 214 
LYS H    H N N 215 
LYS H2   H N N 216 
LYS HA   H N N 217 
LYS HB2  H N N 218 
LYS HB3  H N N 219 
LYS HG2  H N N 220 
LYS HG3  H N N 221 
LYS HD2  H N N 222 
LYS HD3  H N N 223 
LYS HE2  H N N 224 
LYS HE3  H N N 225 
LYS HZ1  H N N 226 
LYS HZ2  H N N 227 
LYS HZ3  H N N 228 
LYS HXT  H N N 229 
MET N    N N N 230 
MET CA   C N S 231 
MET C    C N N 232 
MET O    O N N 233 
MET CB   C N N 234 
MET CG   C N N 235 
MET SD   S N N 236 
MET CE   C N N 237 
MET OXT  O N N 238 
MET H    H N N 239 
MET H2   H N N 240 
MET HA   H N N 241 
MET HB2  H N N 242 
MET HB3  H N N 243 
MET HG2  H N N 244 
MET HG3  H N N 245 
MET HE1  H N N 246 
MET HE2  H N N 247 
MET HE3  H N N 248 
MET HXT  H N N 249 
PHE N    N N N 250 
PHE CA   C N S 251 
PHE C    C N N 252 
PHE O    O N N 253 
PHE CB   C N N 254 
PHE CG   C Y N 255 
PHE CD1  C Y N 256 
PHE CD2  C Y N 257 
PHE CE1  C Y N 258 
PHE CE2  C Y N 259 
PHE CZ   C Y N 260 
PHE OXT  O N N 261 
PHE H    H N N 262 
PHE H2   H N N 263 
PHE HA   H N N 264 
PHE HB2  H N N 265 
PHE HB3  H N N 266 
PHE HD1  H N N 267 
PHE HD2  H N N 268 
PHE HE1  H N N 269 
PHE HE2  H N N 270 
PHE HZ   H N N 271 
PHE HXT  H N N 272 
PRO N    N N N 273 
PRO CA   C N S 274 
PRO C    C N N 275 
PRO O    O N N 276 
PRO CB   C N N 277 
PRO CG   C N N 278 
PRO CD   C N N 279 
PRO OXT  O N N 280 
PRO H    H N N 281 
PRO HA   H N N 282 
PRO HB2  H N N 283 
PRO HB3  H N N 284 
PRO HG2  H N N 285 
PRO HG3  H N N 286 
PRO HD2  H N N 287 
PRO HD3  H N N 288 
PRO HXT  H N N 289 
SER N    N N N 290 
SER CA   C N S 291 
SER C    C N N 292 
SER O    O N N 293 
SER CB   C N N 294 
SER OG   O N N 295 
SER OXT  O N N 296 
SER H    H N N 297 
SER H2   H N N 298 
SER HA   H N N 299 
SER HB2  H N N 300 
SER HB3  H N N 301 
SER HG   H N N 302 
SER HXT  H N N 303 
THR N    N N N 304 
THR CA   C N S 305 
THR C    C N N 306 
THR O    O N N 307 
THR CB   C N R 308 
THR OG1  O N N 309 
THR CG2  C N N 310 
THR OXT  O N N 311 
THR H    H N N 312 
THR H2   H N N 313 
THR HA   H N N 314 
THR HB   H N N 315 
THR HG1  H N N 316 
THR HG21 H N N 317 
THR HG22 H N N 318 
THR HG23 H N N 319 
THR HXT  H N N 320 
TYR N    N N N 321 
TYR CA   C N S 322 
TYR C    C N N 323 
TYR O    O N N 324 
TYR CB   C N N 325 
TYR CG   C Y N 326 
TYR CD1  C Y N 327 
TYR CD2  C Y N 328 
TYR CE1  C Y N 329 
TYR CE2  C Y N 330 
TYR CZ   C Y N 331 
TYR OH   O N N 332 
TYR OXT  O N N 333 
TYR H    H N N 334 
TYR H2   H N N 335 
TYR HA   H N N 336 
TYR HB2  H N N 337 
TYR HB3  H N N 338 
TYR HD1  H N N 339 
TYR HD2  H N N 340 
TYR HE1  H N N 341 
TYR HE2  H N N 342 
TYR HH   H N N 343 
TYR HXT  H N N 344 
VAL N    N N N 345 
VAL CA   C N S 346 
VAL C    C N N 347 
VAL O    O N N 348 
VAL CB   C N N 349 
VAL CG1  C N N 350 
VAL CG2  C N N 351 
VAL OXT  O N N 352 
VAL H    H N N 353 
VAL H2   H N N 354 
VAL HA   H N N 355 
VAL HB   H N N 356 
VAL HG11 H N N 357 
VAL HG12 H N N 358 
VAL HG13 H N N 359 
VAL HG21 H N N 360 
VAL HG22 H N N 361 
VAL HG23 H N N 362 
VAL HXT  H N N 363 
# 
loop_
_chem_comp_bond.comp_id 
_chem_comp_bond.atom_id_1 
_chem_comp_bond.atom_id_2 
_chem_comp_bond.value_order 
_chem_comp_bond.pdbx_aromatic_flag 
_chem_comp_bond.pdbx_stereo_config 
_chem_comp_bond.pdbx_ordinal 
ALA N   CA   sing N N 1   
ALA N   H    sing N N 2   
ALA N   H2   sing N N 3   
ALA CA  C    sing N N 4   
ALA CA  CB   sing N N 5   
ALA CA  HA   sing N N 6   
ALA C   O    doub N N 7   
ALA C   OXT  sing N N 8   
ALA CB  HB1  sing N N 9   
ALA CB  HB2  sing N N 10  
ALA CB  HB3  sing N N 11  
ALA OXT HXT  sing N N 12  
ARG N   CA   sing N N 13  
ARG N   H    sing N N 14  
ARG N   H2   sing N N 15  
ARG CA  C    sing N N 16  
ARG CA  CB   sing N N 17  
ARG CA  HA   sing N N 18  
ARG C   O    doub N N 19  
ARG C   OXT  sing N N 20  
ARG CB  CG   sing N N 21  
ARG CB  HB2  sing N N 22  
ARG CB  HB3  sing N N 23  
ARG CG  CD   sing N N 24  
ARG CG  HG2  sing N N 25  
ARG CG  HG3  sing N N 26  
ARG CD  NE   sing N N 27  
ARG CD  HD2  sing N N 28  
ARG CD  HD3  sing N N 29  
ARG NE  CZ   sing N N 30  
ARG NE  HE   sing N N 31  
ARG CZ  NH1  sing N N 32  
ARG CZ  NH2  doub N N 33  
ARG NH1 HH11 sing N N 34  
ARG NH1 HH12 sing N N 35  
ARG NH2 HH21 sing N N 36  
ARG NH2 HH22 sing N N 37  
ARG OXT HXT  sing N N 38  
ASN N   CA   sing N N 39  
ASN N   H    sing N N 40  
ASN N   H2   sing N N 41  
ASN CA  C    sing N N 42  
ASN CA  CB   sing N N 43  
ASN CA  HA   sing N N 44  
ASN C   O    doub N N 45  
ASN C   OXT  sing N N 46  
ASN CB  CG   sing N N 47  
ASN CB  HB2  sing N N 48  
ASN CB  HB3  sing N N 49  
ASN CG  OD1  doub N N 50  
ASN CG  ND2  sing N N 51  
ASN ND2 HD21 sing N N 52  
ASN ND2 HD22 sing N N 53  
ASN OXT HXT  sing N N 54  
ASP N   CA   sing N N 55  
ASP N   H    sing N N 56  
ASP N   H2   sing N N 57  
ASP CA  C    sing N N 58  
ASP CA  CB   sing N N 59  
ASP CA  HA   sing N N 60  
ASP C   O    doub N N 61  
ASP C   OXT  sing N N 62  
ASP CB  CG   sing N N 63  
ASP CB  HB2  sing N N 64  
ASP CB  HB3  sing N N 65  
ASP CG  OD1  doub N N 66  
ASP CG  OD2  sing N N 67  
ASP OD2 HD2  sing N N 68  
ASP OXT HXT  sing N N 69  
CYS N   CA   sing N N 70  
CYS N   H    sing N N 71  
CYS N   H2   sing N N 72  
CYS CA  C    sing N N 73  
CYS CA  CB   sing N N 74  
CYS CA  HA   sing N N 75  
CYS C   O    doub N N 76  
CYS C   OXT  sing N N 77  
CYS CB  SG   sing N N 78  
CYS CB  HB2  sing N N 79  
CYS CB  HB3  sing N N 80  
CYS SG  HG   sing N N 81  
CYS OXT HXT  sing N N 82  
GLN N   CA   sing N N 83  
GLN N   H    sing N N 84  
GLN N   H2   sing N N 85  
GLN CA  C    sing N N 86  
GLN CA  CB   sing N N 87  
GLN CA  HA   sing N N 88  
GLN C   O    doub N N 89  
GLN C   OXT  sing N N 90  
GLN CB  CG   sing N N 91  
GLN CB  HB2  sing N N 92  
GLN CB  HB3  sing N N 93  
GLN CG  CD   sing N N 94  
GLN CG  HG2  sing N N 95  
GLN CG  HG3  sing N N 96  
GLN CD  OE1  doub N N 97  
GLN CD  NE2  sing N N 98  
GLN NE2 HE21 sing N N 99  
GLN NE2 HE22 sing N N 100 
GLN OXT HXT  sing N N 101 
GLU N   CA   sing N N 102 
GLU N   H    sing N N 103 
GLU N   H2   sing N N 104 
GLU CA  C    sing N N 105 
GLU CA  CB   sing N N 106 
GLU CA  HA   sing N N 107 
GLU C   O    doub N N 108 
GLU C   OXT  sing N N 109 
GLU CB  CG   sing N N 110 
GLU CB  HB2  sing N N 111 
GLU CB  HB3  sing N N 112 
GLU CG  CD   sing N N 113 
GLU CG  HG2  sing N N 114 
GLU CG  HG3  sing N N 115 
GLU CD  OE1  doub N N 116 
GLU CD  OE2  sing N N 117 
GLU OE2 HE2  sing N N 118 
GLU OXT HXT  sing N N 119 
GLY N   CA   sing N N 120 
GLY N   H    sing N N 121 
GLY N   H2   sing N N 122 
GLY CA  C    sing N N 123 
GLY CA  HA2  sing N N 124 
GLY CA  HA3  sing N N 125 
GLY C   O    doub N N 126 
GLY C   OXT  sing N N 127 
GLY OXT HXT  sing N N 128 
HIS N   CA   sing N N 129 
HIS N   H    sing N N 130 
HIS N   H2   sing N N 131 
HIS CA  C    sing N N 132 
HIS CA  CB   sing N N 133 
HIS CA  HA   sing N N 134 
HIS C   O    doub N N 135 
HIS C   OXT  sing N N 136 
HIS CB  CG   sing N N 137 
HIS CB  HB2  sing N N 138 
HIS CB  HB3  sing N N 139 
HIS CG  ND1  sing Y N 140 
HIS CG  CD2  doub Y N 141 
HIS ND1 CE1  doub Y N 142 
HIS ND1 HD1  sing N N 143 
HIS CD2 NE2  sing Y N 144 
HIS CD2 HD2  sing N N 145 
HIS CE1 NE2  sing Y N 146 
HIS CE1 HE1  sing N N 147 
HIS NE2 HE2  sing N N 148 
HIS OXT HXT  sing N N 149 
HOH O   H1   sing N N 150 
HOH O   H2   sing N N 151 
ILE N   CA   sing N N 152 
ILE N   H    sing N N 153 
ILE N   H2   sing N N 154 
ILE CA  C    sing N N 155 
ILE CA  CB   sing N N 156 
ILE CA  HA   sing N N 157 
ILE C   O    doub N N 158 
ILE C   OXT  sing N N 159 
ILE CB  CG1  sing N N 160 
ILE CB  CG2  sing N N 161 
ILE CB  HB   sing N N 162 
ILE CG1 CD1  sing N N 163 
ILE CG1 HG12 sing N N 164 
ILE CG1 HG13 sing N N 165 
ILE CG2 HG21 sing N N 166 
ILE CG2 HG22 sing N N 167 
ILE CG2 HG23 sing N N 168 
ILE CD1 HD11 sing N N 169 
ILE CD1 HD12 sing N N 170 
ILE CD1 HD13 sing N N 171 
ILE OXT HXT  sing N N 172 
LEU N   CA   sing N N 173 
LEU N   H    sing N N 174 
LEU N   H2   sing N N 175 
LEU CA  C    sing N N 176 
LEU CA  CB   sing N N 177 
LEU CA  HA   sing N N 178 
LEU C   O    doub N N 179 
LEU C   OXT  sing N N 180 
LEU CB  CG   sing N N 181 
LEU CB  HB2  sing N N 182 
LEU CB  HB3  sing N N 183 
LEU CG  CD1  sing N N 184 
LEU CG  CD2  sing N N 185 
LEU CG  HG   sing N N 186 
LEU CD1 HD11 sing N N 187 
LEU CD1 HD12 sing N N 188 
LEU CD1 HD13 sing N N 189 
LEU CD2 HD21 sing N N 190 
LEU CD2 HD22 sing N N 191 
LEU CD2 HD23 sing N N 192 
LEU OXT HXT  sing N N 193 
LYS N   CA   sing N N 194 
LYS N   H    sing N N 195 
LYS N   H2   sing N N 196 
LYS CA  C    sing N N 197 
LYS CA  CB   sing N N 198 
LYS CA  HA   sing N N 199 
LYS C   O    doub N N 200 
LYS C   OXT  sing N N 201 
LYS CB  CG   sing N N 202 
LYS CB  HB2  sing N N 203 
LYS CB  HB3  sing N N 204 
LYS CG  CD   sing N N 205 
LYS CG  HG2  sing N N 206 
LYS CG  HG3  sing N N 207 
LYS CD  CE   sing N N 208 
LYS CD  HD2  sing N N 209 
LYS CD  HD3  sing N N 210 
LYS CE  NZ   sing N N 211 
LYS CE  HE2  sing N N 212 
LYS CE  HE3  sing N N 213 
LYS NZ  HZ1  sing N N 214 
LYS NZ  HZ2  sing N N 215 
LYS NZ  HZ3  sing N N 216 
LYS OXT HXT  sing N N 217 
MET N   CA   sing N N 218 
MET N   H    sing N N 219 
MET N   H2   sing N N 220 
MET CA  C    sing N N 221 
MET CA  CB   sing N N 222 
MET CA  HA   sing N N 223 
MET C   O    doub N N 224 
MET C   OXT  sing N N 225 
MET CB  CG   sing N N 226 
MET CB  HB2  sing N N 227 
MET CB  HB3  sing N N 228 
MET CG  SD   sing N N 229 
MET CG  HG2  sing N N 230 
MET CG  HG3  sing N N 231 
MET SD  CE   sing N N 232 
MET CE  HE1  sing N N 233 
MET CE  HE2  sing N N 234 
MET CE  HE3  sing N N 235 
MET OXT HXT  sing N N 236 
PHE N   CA   sing N N 237 
PHE N   H    sing N N 238 
PHE N   H2   sing N N 239 
PHE CA  C    sing N N 240 
PHE CA  CB   sing N N 241 
PHE CA  HA   sing N N 242 
PHE C   O    doub N N 243 
PHE C   OXT  sing N N 244 
PHE CB  CG   sing N N 245 
PHE CB  HB2  sing N N 246 
PHE CB  HB3  sing N N 247 
PHE CG  CD1  doub Y N 248 
PHE CG  CD2  sing Y N 249 
PHE CD1 CE1  sing Y N 250 
PHE CD1 HD1  sing N N 251 
PHE CD2 CE2  doub Y N 252 
PHE CD2 HD2  sing N N 253 
PHE CE1 CZ   doub Y N 254 
PHE CE1 HE1  sing N N 255 
PHE CE2 CZ   sing Y N 256 
PHE CE2 HE2  sing N N 257 
PHE CZ  HZ   sing N N 258 
PHE OXT HXT  sing N N 259 
PRO N   CA   sing N N 260 
PRO N   CD   sing N N 261 
PRO N   H    sing N N 262 
PRO CA  C    sing N N 263 
PRO CA  CB   sing N N 264 
PRO CA  HA   sing N N 265 
PRO C   O    doub N N 266 
PRO C   OXT  sing N N 267 
PRO CB  CG   sing N N 268 
PRO CB  HB2  sing N N 269 
PRO CB  HB3  sing N N 270 
PRO CG  CD   sing N N 271 
PRO CG  HG2  sing N N 272 
PRO CG  HG3  sing N N 273 
PRO CD  HD2  sing N N 274 
PRO CD  HD3  sing N N 275 
PRO OXT HXT  sing N N 276 
SER N   CA   sing N N 277 
SER N   H    sing N N 278 
SER N   H2   sing N N 279 
SER CA  C    sing N N 280 
SER CA  CB   sing N N 281 
SER CA  HA   sing N N 282 
SER C   O    doub N N 283 
SER C   OXT  sing N N 284 
SER CB  OG   sing N N 285 
SER CB  HB2  sing N N 286 
SER CB  HB3  sing N N 287 
SER OG  HG   sing N N 288 
SER OXT HXT  sing N N 289 
THR N   CA   sing N N 290 
THR N   H    sing N N 291 
THR N   H2   sing N N 292 
THR CA  C    sing N N 293 
THR CA  CB   sing N N 294 
THR CA  HA   sing N N 295 
THR C   O    doub N N 296 
THR C   OXT  sing N N 297 
THR CB  OG1  sing N N 298 
THR CB  CG2  sing N N 299 
THR CB  HB   sing N N 300 
THR OG1 HG1  sing N N 301 
THR CG2 HG21 sing N N 302 
THR CG2 HG22 sing N N 303 
THR CG2 HG23 sing N N 304 
THR OXT HXT  sing N N 305 
TYR N   CA   sing N N 306 
TYR N   H    sing N N 307 
TYR N   H2   sing N N 308 
TYR CA  C    sing N N 309 
TYR CA  CB   sing N N 310 
TYR CA  HA   sing N N 311 
TYR C   O    doub N N 312 
TYR C   OXT  sing N N 313 
TYR CB  CG   sing N N 314 
TYR CB  HB2  sing N N 315 
TYR CB  HB3  sing N N 316 
TYR CG  CD1  doub Y N 317 
TYR CG  CD2  sing Y N 318 
TYR CD1 CE1  sing Y N 319 
TYR CD1 HD1  sing N N 320 
TYR CD2 CE2  doub Y N 321 
TYR CD2 HD2  sing N N 322 
TYR CE1 CZ   doub Y N 323 
TYR CE1 HE1  sing N N 324 
TYR CE2 CZ   sing Y N 325 
TYR CE2 HE2  sing N N 326 
TYR CZ  OH   sing N N 327 
TYR OH  HH   sing N N 328 
TYR OXT HXT  sing N N 329 
VAL N   CA   sing N N 330 
VAL N   H    sing N N 331 
VAL N   H2   sing N N 332 
VAL CA  C    sing N N 333 
VAL CA  CB   sing N N 334 
VAL CA  HA   sing N N 335 
VAL C   O    doub N N 336 
VAL C   OXT  sing N N 337 
VAL CB  CG1  sing N N 338 
VAL CB  CG2  sing N N 339 
VAL CB  HB   sing N N 340 
VAL CG1 HG11 sing N N 341 
VAL CG1 HG12 sing N N 342 
VAL CG1 HG13 sing N N 343 
VAL CG2 HG21 sing N N 344 
VAL CG2 HG22 sing N N 345 
VAL CG2 HG23 sing N N 346 
VAL OXT HXT  sing N N 347 
# 
_pdbx_entity_nonpoly.entity_id   2 
_pdbx_entity_nonpoly.name        water 
_pdbx_entity_nonpoly.comp_id     HOH 
# 
_pdbx_initial_refinement_model.id               1 
_pdbx_initial_refinement_model.entity_id_list   ? 
_pdbx_initial_refinement_model.type             'experimental model' 
_pdbx_initial_refinement_model.source_name      PDB 
_pdbx_initial_refinement_model.accession_code   3FN5 
_pdbx_initial_refinement_model.details          ? 
# 
